data_2GDM
# 
_entry.id   2GDM 
# 
_audit_conform.dict_name       mmcif_pdbx.dic 
_audit_conform.dict_version    5.387 
_audit_conform.dict_location   http://mmcif.pdb.org/dictionaries/ascii/mmcif_pdbx.dic 
# 
loop_
_database_2.database_id 
_database_2.database_code 
_database_2.pdbx_database_accession 
_database_2.pdbx_DOI 
PDB   2GDM         pdb_00002gdm 10.2210/pdb2gdm/pdb 
WWPDB D_1000178132 ?            ?                   
# 
loop_
_pdbx_audit_revision_history.ordinal 
_pdbx_audit_revision_history.data_content_type 
_pdbx_audit_revision_history.major_revision 
_pdbx_audit_revision_history.minor_revision 
_pdbx_audit_revision_history.revision_date 
1 'Structure model' 1 0 1995-10-15 
2 'Structure model' 1 1 2008-03-24 
3 'Structure model' 1 2 2011-07-13 
4 'Structure model' 1 3 2014-10-29 
5 'Structure model' 1 4 2017-11-29 
6 'Structure model' 1 5 2024-02-14 
# 
_pdbx_audit_revision_details.ordinal             1 
_pdbx_audit_revision_details.revision_ordinal    1 
_pdbx_audit_revision_details.data_content_type   'Structure model' 
_pdbx_audit_revision_details.provider            repository 
_pdbx_audit_revision_details.type                'Initial release' 
_pdbx_audit_revision_details.description         ? 
_pdbx_audit_revision_details.details             ? 
# 
loop_
_pdbx_audit_revision_group.ordinal 
_pdbx_audit_revision_group.revision_ordinal 
_pdbx_audit_revision_group.data_content_type 
_pdbx_audit_revision_group.group 
1 2 'Structure model' 'Version format compliance' 
2 3 'Structure model' 'Version format compliance' 
3 4 'Structure model' 'Derived calculations'      
4 5 'Structure model' 'Derived calculations'      
5 5 'Structure model' Other                       
6 6 'Structure model' 'Data collection'           
7 6 'Structure model' 'Database references'       
8 6 'Structure model' 'Derived calculations'      
# 
loop_
_pdbx_audit_revision_category.ordinal 
_pdbx_audit_revision_category.revision_ordinal 
_pdbx_audit_revision_category.data_content_type 
_pdbx_audit_revision_category.category 
1 5 'Structure model' pdbx_database_status 
2 5 'Structure model' struct_conf          
3 5 'Structure model' struct_conf_type     
4 6 'Structure model' chem_comp_atom       
5 6 'Structure model' chem_comp_bond       
6 6 'Structure model' database_2           
7 6 'Structure model' struct_conn          
8 6 'Structure model' struct_ref_seq_dif   
9 6 'Structure model' struct_site          
# 
loop_
_pdbx_audit_revision_item.ordinal 
_pdbx_audit_revision_item.revision_ordinal 
_pdbx_audit_revision_item.data_content_type 
_pdbx_audit_revision_item.item 
1  5 'Structure model' '_pdbx_database_status.process_site'  
2  6 'Structure model' '_database_2.pdbx_DOI'                
3  6 'Structure model' '_database_2.pdbx_database_accession' 
4  6 'Structure model' '_struct_conn.ptnr1_auth_comp_id'     
5  6 'Structure model' '_struct_conn.ptnr1_auth_seq_id'      
6  6 'Structure model' '_struct_conn.ptnr1_label_asym_id'    
7  6 'Structure model' '_struct_conn.ptnr1_label_atom_id'    
8  6 'Structure model' '_struct_conn.ptnr1_label_comp_id'    
9  6 'Structure model' '_struct_conn.ptnr1_label_seq_id'     
10 6 'Structure model' '_struct_conn.ptnr2_auth_comp_id'     
11 6 'Structure model' '_struct_conn.ptnr2_auth_seq_id'      
12 6 'Structure model' '_struct_conn.ptnr2_label_asym_id'    
13 6 'Structure model' '_struct_conn.ptnr2_label_atom_id'    
14 6 'Structure model' '_struct_conn.ptnr2_label_comp_id'    
15 6 'Structure model' '_struct_conn.ptnr2_label_seq_id'     
16 6 'Structure model' '_struct_ref_seq_dif.details'         
17 6 'Structure model' '_struct_site.pdbx_auth_asym_id'      
18 6 'Structure model' '_struct_site.pdbx_auth_comp_id'      
19 6 'Structure model' '_struct_site.pdbx_auth_seq_id'       
# 
_pdbx_database_PDB_obs_spr.id               SPRSDE 
_pdbx_database_PDB_obs_spr.date             1995-10-15 
_pdbx_database_PDB_obs_spr.pdb_id           2GDM 
_pdbx_database_PDB_obs_spr.replace_pdb_id   1GDM 
_pdbx_database_PDB_obs_spr.details          ? 
# 
_pdbx_database_status.status_code                     REL 
_pdbx_database_status.entry_id                        2GDM 
_pdbx_database_status.recvd_initial_deposition_date   1994-09-14 
_pdbx_database_status.deposit_site                    ? 
_pdbx_database_status.process_site                    BNL 
_pdbx_database_status.SG_entry                        . 
_pdbx_database_status.status_code_sf                  ? 
_pdbx_database_status.status_code_mr                  ? 
_pdbx_database_status.status_code_cs                  ? 
_pdbx_database_status.pdb_format_compatible           Y 
_pdbx_database_status.methods_development_category    ? 
_pdbx_database_status.status_code_nmr_data            ? 
# 
loop_
_audit_author.name 
_audit_author.pdbx_ordinal 
'Harutyunyan, E.H.' 1  
'Safonova, T.N.'    2  
'Kuranova, I.P.'    3  
'Popov, A.N.'       4  
'Teplyakov, A.V.'   5  
'Obmolova, G.V.'    6  
'Rusakov, A.A.'     7  
'Dodson, G.G.'      8  
'Wilson, J.C.'      9  
'Perutz, M.F.'      10 
# 
loop_
_citation.id 
_citation.title 
_citation.journal_abbrev 
_citation.journal_volume 
_citation.page_first 
_citation.page_last 
_citation.year 
_citation.journal_id_ASTM 
_citation.country 
_citation.journal_id_ISSN 
_citation.journal_id_CSD 
_citation.book_publisher 
_citation.pdbx_database_id_PubMed 
_citation.pdbx_database_id_DOI 
primary 'The Structure of Deoxy-and Oxy-Leghaemoglobin from Lupin' J.Mol.Biol.                           251 104  115 1995 JMOBAK 
UK 0022-2836 0070 ? 7643380 10.1006/jmbi.1995.0419 
1       
'Crystal Structure of Ferric Complexes of the Yellow Lupin Leghemoglobin with Isoquinoline at 1.8 Angstroms Resolution (Russian)' 
Bioorg.Khim.                          17  1605 ?   1991 BIKHD7 UR 0132-3423 0364 ? ?       ?                      
2       
'X-Ray Structure of Ferrous Complexes of the Yellow Lupin Leghemoglobin with Co and No at 1.8 Angstroms Resolution (Russian)' 
Bioorg.Khim.                          14  1509 ?   1988 BIKHD7 UR 0132-3423 0364 ? ?       ?                      
3       
;X-Ray Structural Investigation of Leghemoglobin. Vi. Structure of Acetate-Ferrileghemoglobin at a Resolution of 2.0 Angstroms (Russian)
;
Kristallografiya                      25  80   ?   1980 KRISAJ UR 0023-4761 0041 ? ?       ?                      
4       
'X-Ray Structural Investigation of Leghemoglobin. Vi. Structure of Acetate-Ferrileghemoglobin at a Resolution of 2.0 Angstroms' 
'Sov.Phys.Crystallogr.(Engl.Transl.)' 25  43   ?   1980 SPHCA6 US 0038-5638 0902 ? ?       ?                      
5       'X-Ray Diffraction Study of Leghemoglobin. Iv. Determination of the Structure with 2.8 Angstroms Resolution (Russian)' 
Kristallografiya                      23  517  ?   1978 KRISAJ UR 0023-4761 0041 ? ?       ?                      
6       'X-Ray Structural Investigation of Leghemoglobin. Iv. Structure Determination at a Resolution of 2.8 Angstroms' 
'Sov.Phys.Crystallogr.(Engl.Transl.)' 23  287  ?   1978 SPHCA6 US 0038-5638 0902 ? ?       ?                      
7       'Three-Dimensional Structure of Lupine Leghemoglobin with a Resolution of 2.8 Angstroms' 'Dokl.Biochem.(Engl.Transl.)' 233 
67   ?   1977 DBIOAM US 0012-4958 0903 ? ?       ?                      
8       'X-Ray Structural Study of Leghemoglobin. III. Crystallographic Data on the Structure of the First Component (Russian)' 
Kristallografiya                      22  634  ?   1977 KRISAJ UR 0023-4761 0041 ? ?       ?                      
9       'X-Ray Structural Study of Leghemoglobin. III. Crystallographic Data Regarding the Structure of the First Component' 
'Sov.Phys.Crystallogr.(Engl.Transl.)' 22  362  ?   1977 SPHCA6 US 0038-5638 0902 ? ?       ?                      
10      'The Haem-Accessibility in Leghaemoglobin of Lupinus Luteus as Observed by Proton Magnetic Relaxation' 
'Int.J.Pept.Protein Res.'             8   427  ?   1976 IJPPC3 DK 0367-8377 0215 ? ?       ?                      
11      'X-Ray Study of Leghemoglobin. II. Determination of the Structure with Resolution of 5 Angstroms' 
'Sov.Phys.Crystallogr.(Engl.Transl.)' 19  602  ?   1975 SPHCA6 US 0038-5638 0902 ? ?       ?                      
12      'X-Ray Study of Leghemoglobin. I. Purification, Crystallization, and Preparation of Derivatives Containing Heavy Atoms' 
'Sov.Phys.Crystallogr.(Engl.Transl.)' 19  598  ?   1975 SPHCA6 US 0038-5638 0902 ? ?       ?                      
13      'Structure of Leghaemoglobin from Lupin Root Nodules at 5 Angstroms Resolution' Nature                                254 
163  ?   1975 NATUAS UK 0028-0836 0006 ? ?       ?                      
14      'The X-Ray Structural Study of Leghemoglobin. II. Determination of the Structure at 5 Angstroms Resolution (Russian)' 
Kristallografiya                      19  971  ?   1974 KRISAJ UR 0023-4761 0041 ? ?       ?                      
15      
;The X-Ray Structural Study of Leghemoglobin. I. Purification, Crystallization, and Production of Derivatives Containing Heavy Atoms (Russian)
;
Kristallografiya                      19  964  ?   1974 KRISAJ UR 0023-4761 0041 ? ?       ?                      
16      
'X-Ray Determination of Three-Dimensional Structure of Leghemoglobin from Lupinus Luteus L. At 5 Angstroms Resolution (Russian)' 
'Dokl.Akad.Nauk Sssr'                 216 690  ?   1974 DANKAS UR 0002-3264 0093 ? ?       ?                      
17      
;X-Ray Diffraction Determination of the Three-Dimensional Structure of Leghemoglobin of Lupinus Luteus L. With 5 Angstroms Resolution
;
'Dokl.Biochem.(Engl.Transl.)'         216 226  ?   1974 DBIOAM US 0012-4958 0903 ? ?       ?                      
18      'Cell Parameters of Crystalline Plant (Lupinus Luteus (Lupine)) Hemoglobin (Russian)' Kristallografiya 16  237  ?   1971 
KRISAJ UR 0023-4761 0041 ? ?       ?                      
19      'Unit-Cell Parameters of Crystalline Plant Hemoglobin' 'Sov.Phys.Crystallogr.(Engl.Transl.)' 16  193  ?   1971 SPHCA6 US 
0038-5638 0902 ? ?       ?                      
# 
loop_
_citation_author.citation_id 
_citation_author.name 
_citation_author.ordinal 
_citation_author.identifier_ORCID 
primary 'Harutyunyan, H.E.'   1   ? 
primary 'Safonova, T.N.'      2   ? 
primary 'Kuranova, I.P.'      3   ? 
primary 'Popov, A.N.'         4   ? 
primary 'Teplyakov, A.V.'     5   ? 
primary 'Obmolova, G.V.'      6   ? 
primary 'Rusakov, A.A.'       7   ? 
primary 'Vainshtein, B.K.'    8   ? 
primary 'Dodson, G.G.'        9   ? 
primary 'Wilson, J.C.'        10  ? 
primary 'Perutz, M.F.'        11  ? 
1       'Safonova, T.N.'      12  ? 
1       'Teplyakov, A.V.'     13  ? 
1       'Obmolova, G.V.'      14  ? 
1       'Popov, A.N.'         15  ? 
1       'Kuranova, I.P.'      16  ? 
1       'Harutyunyan, E.G.'   17  ? 
2       'Obmolova, G.V.'      18  ? 
2       'Safonova, T.N.'      19  ? 
2       'Teplyakov, A.V.'     20  ? 
2       'Popov, A.N.'         21  ? 
2       'Kuranova, I.P.'      22  ? 
2       'Harutyunyan, E.G.'   23  ? 
2       'Vainshtein, B.K.'    24  ? 
3       'Arutyunyan, E.G.'    25  ? 
3       'Kuranova, I.P.'      26  ? 
3       'Vainshtein, B.K.'    27  ? 
3       'Steigemann, W.'      28  ? 
4       'Arutyunyan, E.G.'    29  ? 
4       'Kuranova, I.P.'      30  ? 
4       'Vainshtein, B.K.'    31  ? 
4       'Steigemann, W.'      32  ? 
5       'Vainshtein, B.K.'    33  ? 
5       'Arutyunyan, E.G.'    34  ? 
5       'Kuranova, I.P.'      35  ? 
5       'Borisov, V.V.'       36  ? 
5       'Sosfenov, N.I.'      37  ? 
5       'Pavlovskii, A.G.'    38  ? 
5       'Grebenko, A.I.'      39  ? 
5       'Nekrasov, Yu.V.'     40  ? 
6       'Vainshtein, B.K.'    41  ? 
6       'Arutyunyan, E.G.'    42  ? 
6       'Kuranova, I.P.'      43  ? 
6       'Borisov, V.V.'       44  ? 
6       'Sosfenov, N.I.'      45  ? 
6       'Pavlovskii, A.G.'    46  ? 
6       'Grebenko, A.I.'      47  ? 
6       'Nekrasov, Yu.V.'     48  ? 
7       'Vainshtein, B.K.'    49  ? 
7       'Arutyunyan, E.G.'    50  ? 
7       'Kuranova, I.P.'      51  ? 
7       'Borisov, V.V.'       52  ? 
7       'Sosfenov, N.I.'      53  ? 
7       'Pavlovskii, A.G.'    54  ? 
7       'Grebenko, A.I.'      55  ? 
7       'Konareva, N.V.'      56  ? 
7       'Nekrasov, Yu.V.'     57  ? 
8       'Arutyunyan, E.G.'    58  ? 
8       'Kuranova, I.P.'      59  ? 
8       'Grebenko, A.I.'      60  ? 
8       'Voronova, A.A.'      61  ? 
9       'Arutyunyan, E.G.'    62  ? 
9       'Kuranova, I.P.'      63  ? 
9       'Grebenko, A.I.'      64  ? 
9       'Voronova, A.A.'      65  ? 
10      'Vuk-Pavlovic, S.'    66  ? 
10      'Benko, B.'           67  ? 
10      'Maricic, S.'         68  ? 
10      'Lahajnar, G.'        69  ? 
10      'Kuranova, I.P.'      70  ? 
10      'Vainshtein, B.K.'    71  ? 
11      'Vainshtein, B.K.'    72  ? 
11      'Arutyunyan, E.G.'    73  ? 
11      'Kuranova, I.P.'      74  ? 
11      'Borisov, V.V.'       75  ? 
11      'Sosfenov, N.I.'      76  ? 
11      'Pavlovskii, A.G.'    77  ? 
11      'Grebenko, A.I.'      78  ? 
11      'Konareva, N.V.'      79  ? 
12      'Vainshtein, B.K.'    80  ? 
12      'Arutyunyan, E.G.'    81  ? 
12      'Kuranova, I.P.'      82  ? 
12      'Borisov, V.V.'       83  ? 
12      'Sosfenov, N.I.'      84  ? 
12      'Pavlovskii, A.G.'    85  ? 
12      'Grebenko, A.I.'      86  ? 
12      'Konareva, N.V.'      87  ? 
13      'Vainshtein, B.K.'    88  ? 
13      'Harutyunyan, E.H.'   89  ? 
13      'Kuranova, I.P.'      90  ? 
13      'Borisov, V.V.'       91  ? 
13      'Sosfenov, N.I.'      92  ? 
13      'Pavlovsky, A.G.'     93  ? 
13      'Grebenko, A.I.'      94  ? 
13      'Konareva, N.V.'      95  ? 
14      'Vainshtein, B.K.'    96  ? 
14      'Arutyunyan, E.G.'    97  ? 
14      'Kuranova, I.P.'      98  ? 
14      'Borisov, V.V.'       99  ? 
14      'Sosfenov, N.I.'      100 ? 
14      'Pavlovskii, A.G.'    101 ? 
14      'Grebenko, A.I.'      102 ? 
14      'Konareva, N.V.'      103 ? 
15      'Vainshtein, B.K.'    104 ? 
15      'Arutyunyan, E.G.'    105 ? 
15      'Kuranova, I.P.'      106 ? 
15      'Borisov, V.V.'       107 ? 
15      'Sosfenov, N.I.'      108 ? 
15      'Pavlovskii, A.G.'    109 ? 
15      'Grebenko, A.I.'      110 ? 
15      'Konareva, N.V.'      111 ? 
16      'Vainshtein, B.K.'    112 ? 
16      'Arutyunyan, E.G.'    113 ? 
16      'Kuranova, I.P.'      114 ? 
16      'Borisov, V.V.'       115 ? 
16      'Sosfenov, N.I.'      116 ? 
16      'Pavlovskii, A.G.'    117 ? 
16      'Grebenko, A.I.'      118 ? 
16      'Konareva, N.V.'      119 ? 
17      'Vainshtein, B.K.'    120 ? 
17      'Arutyunyan, E.G.'    121 ? 
17      'Kuranova, I.P.'      122 ? 
17      'Borisov, V.V.'       123 ? 
17      'Sosfenov, N.I.'      124 ? 
17      'Pavlovskii, A.G.'    125 ? 
17      'Grebenko, A.I.'      126 ? 
17      'Konareva, N.V.'      127 ? 
18      'Arutyunyan, E.G.'    128 ? 
18      'Zaitsev, V.N.'       129 ? 
18      'Zhiznevskaya, G.Ya.' 130 ? 
18      'Borodenko, L.I.'     131 ? 
19      'Arutyunyan, E.G.'    132 ? 
19      'Zaitsev, V.N.'       133 ? 
19      'Zhiznevskaya, G.Ya.' 134 ? 
19      'Borodenko, L.I.'     135 ? 
# 
loop_
_entity.id 
_entity.type 
_entity.src_method 
_entity.pdbx_description 
_entity.formula_weight 
_entity.pdbx_number_of_molecules 
_entity.pdbx_ec 
_entity.pdbx_mutation 
_entity.pdbx_fragment 
_entity.details 
1 polymer     nat 'LEGHEMOGLOBIN (OXY)'             16674.070 1   ? ? ? ? 
2 non-polymer syn 'PROTOPORPHYRIN IX CONTAINING FE' 616.487   1   ? ? ? ? 
3 non-polymer syn 'OXYGEN MOLECULE'                 31.999    1   ? ? ? ? 
4 water       nat water                             18.015    156 ? ? ? ? 
# 
_entity_poly.entity_id                      1 
_entity_poly.type                           'polypeptide(L)' 
_entity_poly.nstd_linkage                   no 
_entity_poly.nstd_monomer                   no 
_entity_poly.pdbx_seq_one_letter_code       
;GALTESQAALVKSSWEEFNANIPKHTHRFFILVLEIAPAAKDLFSFLKGTSEVPQNNPELQAHAGKVFKLVYEAAIQLEV
TGVVVTDATLKNLGSVHVSKGVADAHFPVVKEAILKTIKEVVGAKWSEELNSAWTIAYDELAIVIKKEMDDAA
;
_entity_poly.pdbx_seq_one_letter_code_can   
;GALTESQAALVKSSWEEFNANIPKHTHRFFILVLEIAPAAKDLFSFLKGTSEVPQNNPELQAHAGKVFKLVYEAAIQLEV
TGVVVTDATLKNLGSVHVSKGVADAHFPVVKEAILKTIKEVVGAKWSEELNSAWTIAYDELAIVIKKEMDDAA
;
_entity_poly.pdbx_strand_id                 A 
_entity_poly.pdbx_target_identifier         ? 
# 
loop_
_pdbx_entity_nonpoly.entity_id 
_pdbx_entity_nonpoly.name 
_pdbx_entity_nonpoly.comp_id 
2 'PROTOPORPHYRIN IX CONTAINING FE' HEM 
3 'OXYGEN MOLECULE'                 OXY 
4 water                             HOH 
# 
loop_
_entity_poly_seq.entity_id 
_entity_poly_seq.num 
_entity_poly_seq.mon_id 
_entity_poly_seq.hetero 
1 1   GLY n 
1 2   ALA n 
1 3   LEU n 
1 4   THR n 
1 5   GLU n 
1 6   SER n 
1 7   GLN n 
1 8   ALA n 
1 9   ALA n 
1 10  LEU n 
1 11  VAL n 
1 12  LYS n 
1 13  SER n 
1 14  SER n 
1 15  TRP n 
1 16  GLU n 
1 17  GLU n 
1 18  PHE n 
1 19  ASN n 
1 20  ALA n 
1 21  ASN n 
1 22  ILE n 
1 23  PRO n 
1 24  LYS n 
1 25  HIS n 
1 26  THR n 
1 27  HIS n 
1 28  ARG n 
1 29  PHE n 
1 30  PHE n 
1 31  ILE n 
1 32  LEU n 
1 33  VAL n 
1 34  LEU n 
1 35  GLU n 
1 36  ILE n 
1 37  ALA n 
1 38  PRO n 
1 39  ALA n 
1 40  ALA n 
1 41  LYS n 
1 42  ASP n 
1 43  LEU n 
1 44  PHE n 
1 45  SER n 
1 46  PHE n 
1 47  LEU n 
1 48  LYS n 
1 49  GLY n 
1 50  THR n 
1 51  SER n 
1 52  GLU n 
1 53  VAL n 
1 54  PRO n 
1 55  GLN n 
1 56  ASN n 
1 57  ASN n 
1 58  PRO n 
1 59  GLU n 
1 60  LEU n 
1 61  GLN n 
1 62  ALA n 
1 63  HIS n 
1 64  ALA n 
1 65  GLY n 
1 66  LYS n 
1 67  VAL n 
1 68  PHE n 
1 69  LYS n 
1 70  LEU n 
1 71  VAL n 
1 72  TYR n 
1 73  GLU n 
1 74  ALA n 
1 75  ALA n 
1 76  ILE n 
1 77  GLN n 
1 78  LEU n 
1 79  GLU n 
1 80  VAL n 
1 81  THR n 
1 82  GLY n 
1 83  VAL n 
1 84  VAL n 
1 85  VAL n 
1 86  THR n 
1 87  ASP n 
1 88  ALA n 
1 89  THR n 
1 90  LEU n 
1 91  LYS n 
1 92  ASN n 
1 93  LEU n 
1 94  GLY n 
1 95  SER n 
1 96  VAL n 
1 97  HIS n 
1 98  VAL n 
1 99  SER n 
1 100 LYS n 
1 101 GLY n 
1 102 VAL n 
1 103 ALA n 
1 104 ASP n 
1 105 ALA n 
1 106 HIS n 
1 107 PHE n 
1 108 PRO n 
1 109 VAL n 
1 110 VAL n 
1 111 LYS n 
1 112 GLU n 
1 113 ALA n 
1 114 ILE n 
1 115 LEU n 
1 116 LYS n 
1 117 THR n 
1 118 ILE n 
1 119 LYS n 
1 120 GLU n 
1 121 VAL n 
1 122 VAL n 
1 123 GLY n 
1 124 ALA n 
1 125 LYS n 
1 126 TRP n 
1 127 SER n 
1 128 GLU n 
1 129 GLU n 
1 130 LEU n 
1 131 ASN n 
1 132 SER n 
1 133 ALA n 
1 134 TRP n 
1 135 THR n 
1 136 ILE n 
1 137 ALA n 
1 138 TYR n 
1 139 ASP n 
1 140 GLU n 
1 141 LEU n 
1 142 ALA n 
1 143 ILE n 
1 144 VAL n 
1 145 ILE n 
1 146 LYS n 
1 147 LYS n 
1 148 GLU n 
1 149 MET n 
1 150 ASP n 
1 151 ASP n 
1 152 ALA n 
1 153 ALA n 
# 
_entity_src_nat.entity_id                  1 
_entity_src_nat.pdbx_src_id                1 
_entity_src_nat.pdbx_alt_source_flag       sample 
_entity_src_nat.pdbx_beg_seq_num           ? 
_entity_src_nat.pdbx_end_seq_num           ? 
_entity_src_nat.common_name                'yellow lupine' 
_entity_src_nat.pdbx_organism_scientific   'Lupinus luteus' 
_entity_src_nat.pdbx_ncbi_taxonomy_id      3873 
_entity_src_nat.genus                      Lupinus 
_entity_src_nat.species                    ? 
_entity_src_nat.strain                     ? 
_entity_src_nat.tissue                     'ROOT NODULES' 
_entity_src_nat.tissue_fraction            ? 
_entity_src_nat.pdbx_secretion             ? 
_entity_src_nat.pdbx_fragment              ? 
_entity_src_nat.pdbx_variant               ? 
_entity_src_nat.pdbx_cell_line             ? 
_entity_src_nat.pdbx_atcc                  ? 
_entity_src_nat.pdbx_cellular_location     ? 
_entity_src_nat.pdbx_organ                 ? 
_entity_src_nat.pdbx_organelle             ? 
_entity_src_nat.pdbx_cell                  ? 
_entity_src_nat.pdbx_plasmid_name          ? 
_entity_src_nat.pdbx_plasmid_details       ? 
_entity_src_nat.details                    ? 
# 
loop_
_chem_comp.id 
_chem_comp.type 
_chem_comp.mon_nstd_flag 
_chem_comp.name 
_chem_comp.pdbx_synonyms 
_chem_comp.formula 
_chem_comp.formula_weight 
ALA 'L-peptide linking' y ALANINE                           ?    'C3 H7 N O2'       89.093  
ARG 'L-peptide linking' y ARGININE                          ?    'C6 H15 N4 O2 1'   175.209 
ASN 'L-peptide linking' y ASPARAGINE                        ?    'C4 H8 N2 O3'      132.118 
ASP 'L-peptide linking' y 'ASPARTIC ACID'                   ?    'C4 H7 N O4'       133.103 
GLN 'L-peptide linking' y GLUTAMINE                         ?    'C5 H10 N2 O3'     146.144 
GLU 'L-peptide linking' y 'GLUTAMIC ACID'                   ?    'C5 H9 N O4'       147.129 
GLY 'peptide linking'   y GLYCINE                           ?    'C2 H5 N O2'       75.067  
HEM non-polymer         . 'PROTOPORPHYRIN IX CONTAINING FE' HEME 'C34 H32 Fe N4 O4' 616.487 
HIS 'L-peptide linking' y HISTIDINE                         ?    'C6 H10 N3 O2 1'   156.162 
HOH non-polymer         . WATER                             ?    'H2 O'             18.015  
ILE 'L-peptide linking' y ISOLEUCINE                        ?    'C6 H13 N O2'      131.173 
LEU 'L-peptide linking' y LEUCINE                           ?    'C6 H13 N O2'      131.173 
LYS 'L-peptide linking' y LYSINE                            ?    'C6 H15 N2 O2 1'   147.195 
MET 'L-peptide linking' y METHIONINE                        ?    'C5 H11 N O2 S'    149.211 
OXY non-polymer         . 'OXYGEN MOLECULE'                 ?    O2                 31.999  
PHE 'L-peptide linking' y PHENYLALANINE                     ?    'C9 H11 N O2'      165.189 
PRO 'L-peptide linking' y PROLINE                           ?    'C5 H9 N O2'       115.130 
SER 'L-peptide linking' y SERINE                            ?    'C3 H7 N O3'       105.093 
THR 'L-peptide linking' y THREONINE                         ?    'C4 H9 N O3'       119.119 
TRP 'L-peptide linking' y TRYPTOPHAN                        ?    'C11 H12 N2 O2'    204.225 
TYR 'L-peptide linking' y TYROSINE                          ?    'C9 H11 N O3'      181.189 
VAL 'L-peptide linking' y VALINE                            ?    'C5 H11 N O2'      117.146 
# 
loop_
_pdbx_poly_seq_scheme.asym_id 
_pdbx_poly_seq_scheme.entity_id 
_pdbx_poly_seq_scheme.seq_id 
_pdbx_poly_seq_scheme.mon_id 
_pdbx_poly_seq_scheme.ndb_seq_num 
_pdbx_poly_seq_scheme.pdb_seq_num 
_pdbx_poly_seq_scheme.auth_seq_num 
_pdbx_poly_seq_scheme.pdb_mon_id 
_pdbx_poly_seq_scheme.auth_mon_id 
_pdbx_poly_seq_scheme.pdb_strand_id 
_pdbx_poly_seq_scheme.pdb_ins_code 
_pdbx_poly_seq_scheme.hetero 
A 1 1   GLY 1   1   1   GLY GLY A . n 
A 1 2   ALA 2   2   2   ALA ALA A . n 
A 1 3   LEU 3   3   3   LEU LEU A . n 
A 1 4   THR 4   4   4   THR THR A . n 
A 1 5   GLU 5   5   5   GLU GLU A . n 
A 1 6   SER 6   6   6   SER SER A . n 
A 1 7   GLN 7   7   7   GLN GLN A . n 
A 1 8   ALA 8   8   8   ALA ALA A . n 
A 1 9   ALA 9   9   9   ALA ALA A . n 
A 1 10  LEU 10  10  10  LEU LEU A . n 
A 1 11  VAL 11  11  11  VAL VAL A . n 
A 1 12  LYS 12  12  12  LYS LYS A . n 
A 1 13  SER 13  13  13  SER SER A . n 
A 1 14  SER 14  14  14  SER SER A . n 
A 1 15  TRP 15  15  15  TRP TRP A . n 
A 1 16  GLU 16  16  16  GLU GLU A . n 
A 1 17  GLU 17  17  17  GLU GLU A . n 
A 1 18  PHE 18  18  18  PHE PHE A . n 
A 1 19  ASN 19  19  19  ASN ASN A . n 
A 1 20  ALA 20  20  20  ALA ALA A . n 
A 1 21  ASN 21  21  21  ASN ASN A . n 
A 1 22  ILE 22  22  22  ILE ILE A . n 
A 1 23  PRO 23  23  23  PRO PRO A . n 
A 1 24  LYS 24  24  24  LYS LYS A . n 
A 1 25  HIS 25  25  25  HIS HIS A . n 
A 1 26  THR 26  26  26  THR THR A . n 
A 1 27  HIS 27  27  27  HIS HIS A . n 
A 1 28  ARG 28  28  28  ARG ARG A . n 
A 1 29  PHE 29  29  29  PHE PHE A . n 
A 1 30  PHE 30  30  30  PHE PHE A . n 
A 1 31  ILE 31  31  31  ILE ILE A . n 
A 1 32  LEU 32  32  32  LEU LEU A . n 
A 1 33  VAL 33  33  33  VAL VAL A . n 
A 1 34  LEU 34  34  34  LEU LEU A . n 
A 1 35  GLU 35  35  35  GLU GLU A . n 
A 1 36  ILE 36  36  36  ILE ILE A . n 
A 1 37  ALA 37  37  37  ALA ALA A . n 
A 1 38  PRO 38  38  38  PRO PRO A . n 
A 1 39  ALA 39  39  39  ALA ALA A . n 
A 1 40  ALA 40  40  40  ALA ALA A . n 
A 1 41  LYS 41  41  41  LYS LYS A . n 
A 1 42  ASP 42  42  42  ASP ASP A . n 
A 1 43  LEU 43  43  43  LEU LEU A . n 
A 1 44  PHE 44  44  44  PHE PHE A . n 
A 1 45  SER 45  45  45  SER SER A . n 
A 1 46  PHE 46  46  46  PHE PHE A . n 
A 1 47  LEU 47  47  47  LEU LEU A . n 
A 1 48  LYS 48  48  48  LYS LYS A . n 
A 1 49  GLY 49  49  49  GLY GLY A . n 
A 1 50  THR 50  50  50  THR THR A . n 
A 1 51  SER 51  51  51  SER SER A . n 
A 1 52  GLU 52  52  52  GLU GLU A . n 
A 1 53  VAL 53  53  53  VAL VAL A . n 
A 1 54  PRO 54  54  54  PRO PRO A . n 
A 1 55  GLN 55  55  55  GLN GLN A . n 
A 1 56  ASN 56  56  56  ASN ASN A . n 
A 1 57  ASN 57  57  57  ASN ASN A . n 
A 1 58  PRO 58  58  58  PRO PRO A . n 
A 1 59  GLU 59  59  59  GLU GLU A . n 
A 1 60  LEU 60  60  60  LEU LEU A . n 
A 1 61  GLN 61  61  61  GLN GLN A . n 
A 1 62  ALA 62  62  62  ALA ALA A . n 
A 1 63  HIS 63  63  63  HIS HIS A . n 
A 1 64  ALA 64  64  64  ALA ALA A . n 
A 1 65  GLY 65  65  65  GLY GLY A . n 
A 1 66  LYS 66  66  66  LYS LYS A . n 
A 1 67  VAL 67  67  67  VAL VAL A . n 
A 1 68  PHE 68  68  68  PHE PHE A . n 
A 1 69  LYS 69  69  69  LYS LYS A . n 
A 1 70  LEU 70  70  70  LEU LEU A . n 
A 1 71  VAL 71  71  71  VAL VAL A . n 
A 1 72  TYR 72  72  72  TYR TYR A . n 
A 1 73  GLU 73  73  73  GLU GLU A . n 
A 1 74  ALA 74  74  74  ALA ALA A . n 
A 1 75  ALA 75  75  75  ALA ALA A . n 
A 1 76  ILE 76  76  76  ILE ILE A . n 
A 1 77  GLN 77  77  77  GLN GLN A . n 
A 1 78  LEU 78  78  78  LEU LEU A . n 
A 1 79  GLU 79  79  79  GLU GLU A . n 
A 1 80  VAL 80  80  80  VAL VAL A . n 
A 1 81  THR 81  81  81  THR THR A . n 
A 1 82  GLY 82  82  82  GLY GLY A . n 
A 1 83  VAL 83  83  83  VAL VAL A . n 
A 1 84  VAL 84  84  84  VAL VAL A . n 
A 1 85  VAL 85  85  85  VAL VAL A . n 
A 1 86  THR 86  86  86  THR THR A . n 
A 1 87  ASP 87  87  87  ASP ASP A . n 
A 1 88  ALA 88  88  88  ALA ALA A . n 
A 1 89  THR 89  89  89  THR THR A . n 
A 1 90  LEU 90  90  90  LEU LEU A . n 
A 1 91  LYS 91  91  91  LYS LYS A . n 
A 1 92  ASN 92  92  92  ASN ASN A . n 
A 1 93  LEU 93  93  93  LEU LEU A . n 
A 1 94  GLY 94  94  94  GLY GLY A . n 
A 1 95  SER 95  95  95  SER SER A . n 
A 1 96  VAL 96  96  96  VAL VAL A . n 
A 1 97  HIS 97  97  97  HIS HIS A . n 
A 1 98  VAL 98  98  98  VAL VAL A . n 
A 1 99  SER 99  99  99  SER SER A . n 
A 1 100 LYS 100 100 100 LYS LYS A . n 
A 1 101 GLY 101 101 101 GLY GLY A . n 
A 1 102 VAL 102 102 102 VAL VAL A . n 
A 1 103 ALA 103 103 103 ALA ALA A . n 
A 1 104 ASP 104 104 104 ASP ASP A . n 
A 1 105 ALA 105 105 105 ALA ALA A . n 
A 1 106 HIS 106 106 106 HIS HIS A . n 
A 1 107 PHE 107 107 107 PHE PHE A . n 
A 1 108 PRO 108 108 108 PRO PRO A . n 
A 1 109 VAL 109 109 109 VAL VAL A . n 
A 1 110 VAL 110 110 110 VAL VAL A . n 
A 1 111 LYS 111 111 111 LYS LYS A . n 
A 1 112 GLU 112 112 112 GLU GLU A . n 
A 1 113 ALA 113 113 113 ALA ALA A . n 
A 1 114 ILE 114 114 114 ILE ILE A . n 
A 1 115 LEU 115 115 115 LEU LEU A . n 
A 1 116 LYS 116 116 116 LYS LYS A . n 
A 1 117 THR 117 117 117 THR THR A . n 
A 1 118 ILE 118 118 118 ILE ILE A . n 
A 1 119 LYS 119 119 119 LYS LYS A . n 
A 1 120 GLU 120 120 120 GLU GLU A . n 
A 1 121 VAL 121 121 121 VAL VAL A . n 
A 1 122 VAL 122 122 122 VAL VAL A . n 
A 1 123 GLY 123 123 123 GLY GLY A . n 
A 1 124 ALA 124 124 124 ALA ALA A . n 
A 1 125 LYS 125 125 125 LYS LYS A . n 
A 1 126 TRP 126 126 126 TRP TRP A . n 
A 1 127 SER 127 127 127 SER SER A . n 
A 1 128 GLU 128 128 128 GLU GLU A . n 
A 1 129 GLU 129 129 129 GLU GLU A . n 
A 1 130 LEU 130 130 130 LEU LEU A . n 
A 1 131 ASN 131 131 131 ASN ASN A . n 
A 1 132 SER 132 132 132 SER SER A . n 
A 1 133 ALA 133 133 133 ALA ALA A . n 
A 1 134 TRP 134 134 134 TRP TRP A . n 
A 1 135 THR 135 135 135 THR THR A . n 
A 1 136 ILE 136 136 136 ILE ILE A . n 
A 1 137 ALA 137 137 137 ALA ALA A . n 
A 1 138 TYR 138 138 138 TYR TYR A . n 
A 1 139 ASP 139 139 139 ASP ASP A . n 
A 1 140 GLU 140 140 140 GLU GLU A . n 
A 1 141 LEU 141 141 141 LEU LEU A . n 
A 1 142 ALA 142 142 142 ALA ALA A . n 
A 1 143 ILE 143 143 143 ILE ILE A . n 
A 1 144 VAL 144 144 144 VAL VAL A . n 
A 1 145 ILE 145 145 145 ILE ILE A . n 
A 1 146 LYS 146 146 146 LYS LYS A . n 
A 1 147 LYS 147 147 147 LYS LYS A . n 
A 1 148 GLU 148 148 148 GLU GLU A . n 
A 1 149 MET 149 149 149 MET MET A . n 
A 1 150 ASP 150 150 150 ASP ASP A . n 
A 1 151 ASP 151 151 151 ASP ASP A . n 
A 1 152 ALA 152 152 152 ALA ALA A . n 
A 1 153 ALA 153 153 153 ALA ALA A . n 
# 
loop_
_pdbx_nonpoly_scheme.asym_id 
_pdbx_nonpoly_scheme.entity_id 
_pdbx_nonpoly_scheme.mon_id 
_pdbx_nonpoly_scheme.ndb_seq_num 
_pdbx_nonpoly_scheme.pdb_seq_num 
_pdbx_nonpoly_scheme.auth_seq_num 
_pdbx_nonpoly_scheme.pdb_mon_id 
_pdbx_nonpoly_scheme.auth_mon_id 
_pdbx_nonpoly_scheme.pdb_strand_id 
_pdbx_nonpoly_scheme.pdb_ins_code 
B 2 HEM 1   154 154 HEM HEM A . 
C 3 OXY 1   155 155 OXY OXY A . 
D 4 HOH 1   156 156 HOH HOH A . 
D 4 HOH 2   157 157 HOH HOH A . 
D 4 HOH 3   158 158 HOH HOH A . 
D 4 HOH 4   159 159 HOH HOH A . 
D 4 HOH 5   160 160 HOH HOH A . 
D 4 HOH 6   161 161 HOH HOH A . 
D 4 HOH 7   162 162 HOH HOH A . 
D 4 HOH 8   163 163 HOH HOH A . 
D 4 HOH 9   164 164 HOH HOH A . 
D 4 HOH 10  165 165 HOH HOH A . 
D 4 HOH 11  166 166 HOH HOH A . 
D 4 HOH 12  167 167 HOH HOH A . 
D 4 HOH 13  168 168 HOH HOH A . 
D 4 HOH 14  169 169 HOH HOH A . 
D 4 HOH 15  170 170 HOH HOH A . 
D 4 HOH 16  171 171 HOH HOH A . 
D 4 HOH 17  172 172 HOH HOH A . 
D 4 HOH 18  173 173 HOH HOH A . 
D 4 HOH 19  174 174 HOH HOH A . 
D 4 HOH 20  175 175 HOH HOH A . 
D 4 HOH 21  176 176 HOH HOH A . 
D 4 HOH 22  177 177 HOH HOH A . 
D 4 HOH 23  178 178 HOH HOH A . 
D 4 HOH 24  179 179 HOH HOH A . 
D 4 HOH 25  180 180 HOH HOH A . 
D 4 HOH 26  181 181 HOH HOH A . 
D 4 HOH 27  182 182 HOH HOH A . 
D 4 HOH 28  183 183 HOH HOH A . 
D 4 HOH 29  184 184 HOH HOH A . 
D 4 HOH 30  185 185 HOH HOH A . 
D 4 HOH 31  186 186 HOH HOH A . 
D 4 HOH 32  187 187 HOH HOH A . 
D 4 HOH 33  188 188 HOH HOH A . 
D 4 HOH 34  189 189 HOH HOH A . 
D 4 HOH 35  190 190 HOH HOH A . 
D 4 HOH 36  191 191 HOH HOH A . 
D 4 HOH 37  192 192 HOH HOH A . 
D 4 HOH 38  193 193 HOH HOH A . 
D 4 HOH 39  194 194 HOH HOH A . 
D 4 HOH 40  195 195 HOH HOH A . 
D 4 HOH 41  196 196 HOH HOH A . 
D 4 HOH 42  197 197 HOH HOH A . 
D 4 HOH 43  198 198 HOH HOH A . 
D 4 HOH 44  200 200 HOH HOH A . 
D 4 HOH 45  202 202 HOH HOH A . 
D 4 HOH 46  203 203 HOH HOH A . 
D 4 HOH 47  206 206 HOH HOH A . 
D 4 HOH 48  208 208 HOH HOH A . 
D 4 HOH 49  209 209 HOH HOH A . 
D 4 HOH 50  210 210 HOH HOH A . 
D 4 HOH 51  211 211 HOH HOH A . 
D 4 HOH 52  213 213 HOH HOH A . 
D 4 HOH 53  215 215 HOH HOH A . 
D 4 HOH 54  216 216 HOH HOH A . 
D 4 HOH 55  217 217 HOH HOH A . 
D 4 HOH 56  218 218 HOH HOH A . 
D 4 HOH 57  221 221 HOH HOH A . 
D 4 HOH 58  222 222 HOH HOH A . 
D 4 HOH 59  225 225 HOH HOH A . 
D 4 HOH 60  226 226 HOH HOH A . 
D 4 HOH 61  228 228 HOH HOH A . 
D 4 HOH 62  230 230 HOH HOH A . 
D 4 HOH 63  232 232 HOH HOH A . 
D 4 HOH 64  234 234 HOH HOH A . 
D 4 HOH 65  238 238 HOH HOH A . 
D 4 HOH 66  239 239 HOH HOH A . 
D 4 HOH 67  242 242 HOH HOH A . 
D 4 HOH 68  244 244 HOH HOH A . 
D 4 HOH 69  245 245 HOH HOH A . 
D 4 HOH 70  246 246 HOH HOH A . 
D 4 HOH 71  249 249 HOH HOH A . 
D 4 HOH 72  251 251 HOH HOH A . 
D 4 HOH 73  253 253 HOH HOH A . 
D 4 HOH 74  254 254 HOH HOH A . 
D 4 HOH 75  255 255 HOH HOH A . 
D 4 HOH 76  256 256 HOH HOH A . 
D 4 HOH 77  257 257 HOH HOH A . 
D 4 HOH 78  258 258 HOH HOH A . 
D 4 HOH 79  260 260 HOH HOH A . 
D 4 HOH 80  262 262 HOH HOH A . 
D 4 HOH 81  265 265 HOH HOH A . 
D 4 HOH 82  266 266 HOH HOH A . 
D 4 HOH 83  267 267 HOH HOH A . 
D 4 HOH 84  268 268 HOH HOH A . 
D 4 HOH 85  269 269 HOH HOH A . 
D 4 HOH 86  271 271 HOH HOH A . 
D 4 HOH 87  272 272 HOH HOH A . 
D 4 HOH 88  273 273 HOH HOH A . 
D 4 HOH 89  276 276 HOH HOH A . 
D 4 HOH 90  277 277 HOH HOH A . 
D 4 HOH 91  280 280 HOH HOH A . 
D 4 HOH 92  281 281 HOH HOH A . 
D 4 HOH 93  282 282 HOH HOH A . 
D 4 HOH 94  287 287 HOH HOH A . 
D 4 HOH 95  288 288 HOH HOH A . 
D 4 HOH 96  290 290 HOH HOH A . 
D 4 HOH 97  292 292 HOH HOH A . 
D 4 HOH 98  293 293 HOH HOH A . 
D 4 HOH 99  295 295 HOH HOH A . 
D 4 HOH 100 296 296 HOH HOH A . 
D 4 HOH 101 297 297 HOH HOH A . 
D 4 HOH 102 300 300 HOH HOH A . 
D 4 HOH 103 305 305 HOH HOH A . 
D 4 HOH 104 307 307 HOH HOH A . 
D 4 HOH 105 308 308 HOH HOH A . 
D 4 HOH 106 310 310 HOH HOH A . 
D 4 HOH 107 311 311 HOH HOH A . 
D 4 HOH 108 312 312 HOH HOH A . 
D 4 HOH 109 313 313 HOH HOH A . 
D 4 HOH 110 315 315 HOH HOH A . 
D 4 HOH 111 316 316 HOH HOH A . 
D 4 HOH 112 317 317 HOH HOH A . 
D 4 HOH 113 318 318 HOH HOH A . 
D 4 HOH 114 319 319 HOH HOH A . 
D 4 HOH 115 321 321 HOH HOH A . 
D 4 HOH 116 323 323 HOH HOH A . 
D 4 HOH 117 324 324 HOH HOH A . 
D 4 HOH 118 327 327 HOH HOH A . 
D 4 HOH 119 328 328 HOH HOH A . 
D 4 HOH 120 329 329 HOH HOH A . 
D 4 HOH 121 330 330 HOH HOH A . 
D 4 HOH 122 332 332 HOH HOH A . 
D 4 HOH 123 334 334 HOH HOH A . 
D 4 HOH 124 336 336 HOH HOH A . 
D 4 HOH 125 337 337 HOH HOH A . 
D 4 HOH 126 339 339 HOH HOH A . 
D 4 HOH 127 342 342 HOH HOH A . 
D 4 HOH 128 345 345 HOH HOH A . 
D 4 HOH 129 346 346 HOH HOH A . 
D 4 HOH 130 347 347 HOH HOH A . 
D 4 HOH 131 348 348 HOH HOH A . 
D 4 HOH 132 350 350 HOH HOH A . 
D 4 HOH 133 354 354 HOH HOH A . 
D 4 HOH 134 360 360 HOH HOH A . 
D 4 HOH 135 362 362 HOH HOH A . 
D 4 HOH 136 363 363 HOH HOH A . 
D 4 HOH 137 365 365 HOH HOH A . 
D 4 HOH 138 366 366 HOH HOH A . 
D 4 HOH 139 367 367 HOH HOH A . 
D 4 HOH 140 376 376 HOH HOH A . 
D 4 HOH 141 378 378 HOH HOH A . 
D 4 HOH 142 379 379 HOH HOH A . 
D 4 HOH 143 380 380 HOH HOH A . 
D 4 HOH 144 382 382 HOH HOH A . 
D 4 HOH 145 384 384 HOH HOH A . 
D 4 HOH 146 390 390 HOH HOH A . 
D 4 HOH 147 391 391 HOH HOH A . 
D 4 HOH 148 393 393 HOH HOH A . 
D 4 HOH 149 395 395 HOH HOH A . 
D 4 HOH 150 397 397 HOH HOH A . 
D 4 HOH 151 398 398 HOH HOH A . 
D 4 HOH 152 399 399 HOH HOH A . 
D 4 HOH 153 403 403 HOH HOH A . 
D 4 HOH 154 410 410 HOH HOH A . 
D 4 HOH 155 411 411 HOH HOH A . 
D 4 HOH 156 412 412 HOH HOH A . 
# 
_software.name             PROLSQ 
_software.classification   refinement 
_software.version          . 
_software.citation_id      ? 
_software.pdbx_ordinal     1 
# 
_cell.entry_id           2GDM 
_cell.length_a           93.190 
_cell.length_b           51.950 
_cell.length_c           38.300 
_cell.angle_alpha        90.00 
_cell.angle_beta         98.80 
_cell.angle_gamma        90.00 
_cell.Z_PDB              4 
_cell.pdbx_unique_axis   ? 
# 
_symmetry.entry_id                         2GDM 
_symmetry.space_group_name_H-M             'C 1 2 1' 
_symmetry.pdbx_full_space_group_name_H-M   ? 
_symmetry.cell_setting                     ? 
_symmetry.Int_Tables_number                5 
# 
_exptl.entry_id          2GDM 
_exptl.method            'X-RAY DIFFRACTION' 
_exptl.crystals_number   ? 
# 
_exptl_crystal.id                    1 
_exptl_crystal.density_meas          ? 
_exptl_crystal.density_Matthews      2.75 
_exptl_crystal.density_percent_sol   55.22 
_exptl_crystal.description           ? 
# 
_diffrn.id                     1 
_diffrn.crystal_id             1 
_diffrn.ambient_temp           ? 
_diffrn.ambient_temp_details   ? 
# 
_reflns.entry_id                     2GDM 
_reflns.observed_criterion_sigma_I   1.0 
_reflns.observed_criterion_sigma_F   ? 
_reflns.d_resolution_low             7.7 
_reflns.d_resolution_high            1.7 
_reflns.number_obs                   13765 
_reflns.number_all                   ? 
_reflns.percent_possible_obs         68.7 
_reflns.pdbx_Rmerge_I_obs            ? 
_reflns.pdbx_Rsym_value              ? 
_reflns.pdbx_netI_over_sigmaI        ? 
_reflns.B_iso_Wilson_estimate        ? 
_reflns.pdbx_redundancy              ? 
_reflns.pdbx_ordinal                 1 
_reflns.pdbx_diffrn_id               1 
# 
_refine.entry_id                                 2GDM 
_refine.ls_number_reflns_obs                     13765 
_refine.ls_number_reflns_all                     ? 
_refine.pdbx_ls_sigma_I                          ? 
_refine.pdbx_ls_sigma_F                          1.0 
_refine.pdbx_data_cutoff_high_absF               ? 
_refine.pdbx_data_cutoff_low_absF                ? 
_refine.pdbx_data_cutoff_high_rms_absF           ? 
_refine.ls_d_res_low                             7.7 
_refine.ls_d_res_high                            1.7 
_refine.ls_percent_reflns_obs                    68.7 
_refine.ls_R_factor_obs                          0.1580000 
_refine.ls_R_factor_all                          ? 
_refine.ls_R_factor_R_work                       ? 
_refine.ls_R_factor_R_free                       ? 
_refine.ls_R_factor_R_free_error                 ? 
_refine.ls_R_factor_R_free_error_details         ? 
_refine.ls_percent_reflns_R_free                 ? 
_refine.ls_number_reflns_R_free                  ? 
_refine.ls_number_parameters                     ? 
_refine.ls_number_restraints                     ? 
_refine.occupancy_min                            ? 
_refine.occupancy_max                            ? 
_refine.B_iso_mean                               ? 
_refine.aniso_B[1][1]                            ? 
_refine.aniso_B[2][2]                            ? 
_refine.aniso_B[3][3]                            ? 
_refine.aniso_B[1][2]                            ? 
_refine.aniso_B[1][3]                            ? 
_refine.aniso_B[2][3]                            ? 
_refine.solvent_model_details                    ? 
_refine.solvent_model_param_ksol                 ? 
_refine.solvent_model_param_bsol                 ? 
_refine.pdbx_ls_cross_valid_method               ? 
_refine.details                                  
;THE FIRST AND LAST RESIDUES OF THE PROTEIN CHAIN ARE
POORLY REVEALED IN THE ELECTRON DENSITY SYNTHESIS.
;
_refine.pdbx_starting_model                      ? 
_refine.pdbx_method_to_determine_struct          ? 
_refine.pdbx_isotropic_thermal_model             ? 
_refine.pdbx_stereochemistry_target_values       ? 
_refine.pdbx_stereochem_target_val_spec_case     ? 
_refine.pdbx_R_Free_selection_details            ? 
_refine.pdbx_overall_ESU_R                       ? 
_refine.pdbx_overall_ESU_R_Free                  ? 
_refine.overall_SU_ML                            ? 
_refine.overall_SU_B                             ? 
_refine.pdbx_refine_id                           'X-RAY DIFFRACTION' 
_refine.pdbx_diffrn_id                           1 
_refine.pdbx_TLS_residual_ADP_flag               ? 
_refine.correlation_coeff_Fo_to_Fc               ? 
_refine.correlation_coeff_Fo_to_Fc_free          ? 
_refine.pdbx_solvent_vdw_probe_radii             ? 
_refine.pdbx_solvent_ion_probe_radii             ? 
_refine.pdbx_solvent_shrinkage_radii             ? 
_refine.pdbx_overall_phase_error                 ? 
_refine.overall_SU_R_Cruickshank_DPI             ? 
_refine.pdbx_overall_SU_R_free_Cruickshank_DPI   ? 
_refine.pdbx_overall_SU_R_Blow_DPI               ? 
_refine.pdbx_overall_SU_R_free_Blow_DPI          ? 
# 
_refine_hist.pdbx_refine_id                   'X-RAY DIFFRACTION' 
_refine_hist.cycle_id                         LAST 
_refine_hist.pdbx_number_atoms_protein        1177 
_refine_hist.pdbx_number_atoms_nucleic_acid   0 
_refine_hist.pdbx_number_atoms_ligand         45 
_refine_hist.number_atoms_solvent             156 
_refine_hist.number_atoms_total               1378 
_refine_hist.d_res_high                       1.7 
_refine_hist.d_res_low                        7.7 
# 
loop_
_refine_ls_restr.type 
_refine_ls_restr.dev_ideal 
_refine_ls_restr.dev_ideal_target 
_refine_ls_restr.weight 
_refine_ls_restr.number 
_refine_ls_restr.pdbx_refine_id 
_refine_ls_restr.pdbx_restraint_function 
p_bond_d            0.023 0.020 ? ? 'X-RAY DIFFRACTION' ? 
p_angle_d           0.043 0.030 ? ? 'X-RAY DIFFRACTION' ? 
p_angle_deg         ?     ?     ? ? 'X-RAY DIFFRACTION' ? 
p_planar_d          0.054 0.050 ? ? 'X-RAY DIFFRACTION' ? 
p_hb_or_metal_coord ?     ?     ? ? 'X-RAY DIFFRACTION' ? 
p_mcbond_it         ?     ?     ? ? 'X-RAY DIFFRACTION' ? 
p_mcangle_it        ?     ?     ? ? 'X-RAY DIFFRACTION' ? 
p_scbond_it         ?     ?     ? ? 'X-RAY DIFFRACTION' ? 
p_scangle_it        ?     ?     ? ? 'X-RAY DIFFRACTION' ? 
p_plane_restr       0.023 0.020 ? ? 'X-RAY DIFFRACTION' ? 
p_chiral_restr      0.054 0.060 ? ? 'X-RAY DIFFRACTION' ? 
p_singtor_nbd       0.2   0.3   ? ? 'X-RAY DIFFRACTION' ? 
p_multtor_nbd       0.3   0.3   ? ? 'X-RAY DIFFRACTION' ? 
p_xhyhbond_nbd      0.3   0.3   ? ? 'X-RAY DIFFRACTION' ? 
p_xyhbond_nbd       ?     ?     ? ? 'X-RAY DIFFRACTION' ? 
p_planar_tor        3.4   15.0  ? ? 'X-RAY DIFFRACTION' ? 
p_staggered_tor     20.0  20.0  ? ? 'X-RAY DIFFRACTION' ? 
p_orthonormal_tor   27.5  20.0  ? ? 'X-RAY DIFFRACTION' ? 
p_transverse_tor    ?     ?     ? ? 'X-RAY DIFFRACTION' ? 
p_special_tor       ?     ?     ? ? 'X-RAY DIFFRACTION' ? 
# 
_struct.entry_id                  2GDM 
_struct.title                     'LEGHEMOGLOBIN (OXY)' 
_struct.pdbx_model_details        ? 
_struct.pdbx_CASP_flag            ? 
_struct.pdbx_model_type_details   ? 
# 
_struct_keywords.entry_id        2GDM 
_struct_keywords.pdbx_keywords   'OXYGEN TRANSPORT' 
_struct_keywords.text            'OXYGEN TRANSPORT, LEGHEMOGLOBIN, LUPINE' 
# 
loop_
_struct_asym.id 
_struct_asym.pdbx_blank_PDB_chainid_flag 
_struct_asym.pdbx_modified 
_struct_asym.entity_id 
_struct_asym.details 
A N N 1 ? 
B N N 2 ? 
C N N 3 ? 
D N N 4 ? 
# 
_struct_ref.id                         1 
_struct_ref.db_name                    UNP 
_struct_ref.db_code                    LGB2_LUPLU 
_struct_ref.entity_id                  1 
_struct_ref.pdbx_db_accession          P02240 
_struct_ref.pdbx_align_begin           1 
_struct_ref.pdbx_seq_one_letter_code   
;GALTESQAALVKSSWEEFNANIPKHTHRFFILVLEIAPAAKDLFSFLKGTSEVPQNNPELQAHAGKVFKLVYEAAIQLQV
TGVVVTDATLKNLGSVHVSKGVADAHFPVVKEAILKTIKEVVGAKWSEELNSAWTIAYDELAIVIKKEMNDAA
;
_struct_ref.pdbx_db_isoform            ? 
# 
_struct_ref_seq.align_id                      1 
_struct_ref_seq.ref_id                        1 
_struct_ref_seq.pdbx_PDB_id_code              2GDM 
_struct_ref_seq.pdbx_strand_id                A 
_struct_ref_seq.seq_align_beg                 1 
_struct_ref_seq.pdbx_seq_align_beg_ins_code   ? 
_struct_ref_seq.seq_align_end                 153 
_struct_ref_seq.pdbx_seq_align_end_ins_code   ? 
_struct_ref_seq.pdbx_db_accession             P02240 
_struct_ref_seq.db_align_beg                  1 
_struct_ref_seq.pdbx_db_align_beg_ins_code    ? 
_struct_ref_seq.db_align_end                  153 
_struct_ref_seq.pdbx_db_align_end_ins_code    ? 
_struct_ref_seq.pdbx_auth_seq_align_beg       1 
_struct_ref_seq.pdbx_auth_seq_align_end       153 
# 
loop_
_struct_ref_seq_dif.align_id 
_struct_ref_seq_dif.pdbx_pdb_id_code 
_struct_ref_seq_dif.mon_id 
_struct_ref_seq_dif.pdbx_pdb_strand_id 
_struct_ref_seq_dif.seq_num 
_struct_ref_seq_dif.pdbx_pdb_ins_code 
_struct_ref_seq_dif.pdbx_seq_db_name 
_struct_ref_seq_dif.pdbx_seq_db_accession_code 
_struct_ref_seq_dif.db_mon_id 
_struct_ref_seq_dif.pdbx_seq_db_seq_num 
_struct_ref_seq_dif.details 
_struct_ref_seq_dif.pdbx_auth_seq_num 
_struct_ref_seq_dif.pdbx_ordinal 
1 2GDM GLU A 79  ? UNP P02240 GLN 79  conflict 79  1 
1 2GDM ASP A 150 ? UNP P02240 ASN 150 conflict 150 2 
# 
_pdbx_struct_assembly.id                   1 
_pdbx_struct_assembly.details              author_defined_assembly 
_pdbx_struct_assembly.method_details       ? 
_pdbx_struct_assembly.oligomeric_details   monomeric 
_pdbx_struct_assembly.oligomeric_count     1 
# 
_pdbx_struct_assembly_gen.assembly_id       1 
_pdbx_struct_assembly_gen.oper_expression   1 
_pdbx_struct_assembly_gen.asym_id_list      A,B,C,D 
# 
_pdbx_struct_oper_list.id                   1 
_pdbx_struct_oper_list.type                 'identity operation' 
_pdbx_struct_oper_list.name                 1_555 
_pdbx_struct_oper_list.symmetry_operation   x,y,z 
_pdbx_struct_oper_list.matrix[1][1]         1.0000000000 
_pdbx_struct_oper_list.matrix[1][2]         0.0000000000 
_pdbx_struct_oper_list.matrix[1][3]         0.0000000000 
_pdbx_struct_oper_list.vector[1]            0.0000000000 
_pdbx_struct_oper_list.matrix[2][1]         0.0000000000 
_pdbx_struct_oper_list.matrix[2][2]         1.0000000000 
_pdbx_struct_oper_list.matrix[2][3]         0.0000000000 
_pdbx_struct_oper_list.vector[2]            0.0000000000 
_pdbx_struct_oper_list.matrix[3][1]         0.0000000000 
_pdbx_struct_oper_list.matrix[3][2]         0.0000000000 
_pdbx_struct_oper_list.matrix[3][3]         1.0000000000 
_pdbx_struct_oper_list.vector[3]            0.0000000000 
# 
_struct_biol.id   1 
# 
loop_
_struct_conf.conf_type_id 
_struct_conf.id 
_struct_conf.pdbx_PDB_helix_id 
_struct_conf.beg_label_comp_id 
_struct_conf.beg_label_asym_id 
_struct_conf.beg_label_seq_id 
_struct_conf.pdbx_beg_PDB_ins_code 
_struct_conf.end_label_comp_id 
_struct_conf.end_label_asym_id 
_struct_conf.end_label_seq_id 
_struct_conf.pdbx_end_PDB_ins_code 
_struct_conf.beg_auth_comp_id 
_struct_conf.beg_auth_asym_id 
_struct_conf.beg_auth_seq_id 
_struct_conf.end_auth_comp_id 
_struct_conf.end_auth_asym_id 
_struct_conf.end_auth_seq_id 
_struct_conf.pdbx_PDB_helix_class 
_struct_conf.details 
_struct_conf.pdbx_PDB_helix_length 
HELX_P HELX_P1 A THR A 4   ? ALA A 20  ? THR A 4   ALA A 20  1 ? 17 
HELX_P HELX_P2 B ASN A 21  ? ILE A 36  ? ASN A 21  ILE A 36  1 ? 16 
HELX_P HELX_P3 C ALA A 37  ? LEU A 43  ? ALA A 37  LEU A 43  1 ? 7  
HELX_P HELX_P4 D PHE A 44  ? LYS A 48  ? PHE A 44  LYS A 48  1 ? 5  
HELX_P HELX_P5 E ASN A 57  ? GLY A 82  ? ASN A 57  GLY A 82  1 ? 26 
HELX_P HELX_P6 F ALA A 88  ? GLY A 101 ? ALA A 88  GLY A 101 1 ? 14 
HELX_P HELX_P7 G ASP A 104 ? GLY A 123 ? ASP A 104 GLY A 123 1 ? 20 
HELX_P HELX_P8 H SER A 127 ? ALA A 152 ? SER A 127 ALA A 152 1 ? 26 
# 
_struct_conf_type.id          HELX_P 
_struct_conf_type.criteria    ? 
_struct_conf_type.reference   ? 
# 
loop_
_struct_conn.id 
_struct_conn.conn_type_id 
_struct_conn.pdbx_leaving_atom_flag 
_struct_conn.pdbx_PDB_id 
_struct_conn.ptnr1_label_asym_id 
_struct_conn.ptnr1_label_comp_id 
_struct_conn.ptnr1_label_seq_id 
_struct_conn.ptnr1_label_atom_id 
_struct_conn.pdbx_ptnr1_label_alt_id 
_struct_conn.pdbx_ptnr1_PDB_ins_code 
_struct_conn.pdbx_ptnr1_standard_comp_id 
_struct_conn.ptnr1_symmetry 
_struct_conn.ptnr2_label_asym_id 
_struct_conn.ptnr2_label_comp_id 
_struct_conn.ptnr2_label_seq_id 
_struct_conn.ptnr2_label_atom_id 
_struct_conn.pdbx_ptnr2_label_alt_id 
_struct_conn.pdbx_ptnr2_PDB_ins_code 
_struct_conn.ptnr1_auth_asym_id 
_struct_conn.ptnr1_auth_comp_id 
_struct_conn.ptnr1_auth_seq_id 
_struct_conn.ptnr2_auth_asym_id 
_struct_conn.ptnr2_auth_comp_id 
_struct_conn.ptnr2_auth_seq_id 
_struct_conn.ptnr2_symmetry 
_struct_conn.pdbx_ptnr3_label_atom_id 
_struct_conn.pdbx_ptnr3_label_seq_id 
_struct_conn.pdbx_ptnr3_label_comp_id 
_struct_conn.pdbx_ptnr3_label_asym_id 
_struct_conn.pdbx_ptnr3_label_alt_id 
_struct_conn.pdbx_ptnr3_PDB_ins_code 
_struct_conn.details 
_struct_conn.pdbx_dist_value 
_struct_conn.pdbx_value_order 
_struct_conn.pdbx_role 
metalc1 metalc ? ? A HIS 97 NE2 ? ? ? 1_555 B HEM . FE ? ? A HIS 97  A HEM 154 1_555 ? ? ? ? ? ? ? 2.090 ? ? 
metalc2 metalc ? ? B HEM .  FE  ? ? ? 1_555 C OXY . O1 ? ? A HEM 154 A OXY 155 1_555 ? ? ? ? ? ? ? 1.769 ? ? 
metalc3 metalc ? ? B HEM .  FE  ? ? ? 1_555 C OXY . O2 ? ? A HEM 154 A OXY 155 1_555 ? ? ? ? ? ? ? 2.912 ? ? 
metalc4 metalc ? ? B HEM .  FE  ? ? ? 1_555 D HOH . O  ? ? A HEM 154 A HOH 411 1_555 ? ? ? ? ? ? ? 2.203 ? ? 
# 
_struct_conn_type.id          metalc 
_struct_conn_type.criteria    ? 
_struct_conn_type.reference   ? 
# 
loop_
_pdbx_struct_conn_angle.id 
_pdbx_struct_conn_angle.ptnr1_label_atom_id 
_pdbx_struct_conn_angle.ptnr1_label_alt_id 
_pdbx_struct_conn_angle.ptnr1_label_asym_id 
_pdbx_struct_conn_angle.ptnr1_label_comp_id 
_pdbx_struct_conn_angle.ptnr1_label_seq_id 
_pdbx_struct_conn_angle.ptnr1_auth_atom_id 
_pdbx_struct_conn_angle.ptnr1_auth_asym_id 
_pdbx_struct_conn_angle.ptnr1_auth_comp_id 
_pdbx_struct_conn_angle.ptnr1_auth_seq_id 
_pdbx_struct_conn_angle.ptnr1_PDB_ins_code 
_pdbx_struct_conn_angle.ptnr1_symmetry 
_pdbx_struct_conn_angle.ptnr2_label_atom_id 
_pdbx_struct_conn_angle.ptnr2_label_alt_id 
_pdbx_struct_conn_angle.ptnr2_label_asym_id 
_pdbx_struct_conn_angle.ptnr2_label_comp_id 
_pdbx_struct_conn_angle.ptnr2_label_seq_id 
_pdbx_struct_conn_angle.ptnr2_auth_atom_id 
_pdbx_struct_conn_angle.ptnr2_auth_asym_id 
_pdbx_struct_conn_angle.ptnr2_auth_comp_id 
_pdbx_struct_conn_angle.ptnr2_auth_seq_id 
_pdbx_struct_conn_angle.ptnr2_PDB_ins_code 
_pdbx_struct_conn_angle.ptnr2_symmetry 
_pdbx_struct_conn_angle.ptnr3_label_atom_id 
_pdbx_struct_conn_angle.ptnr3_label_alt_id 
_pdbx_struct_conn_angle.ptnr3_label_asym_id 
_pdbx_struct_conn_angle.ptnr3_label_comp_id 
_pdbx_struct_conn_angle.ptnr3_label_seq_id 
_pdbx_struct_conn_angle.ptnr3_auth_atom_id 
_pdbx_struct_conn_angle.ptnr3_auth_asym_id 
_pdbx_struct_conn_angle.ptnr3_auth_comp_id 
_pdbx_struct_conn_angle.ptnr3_auth_seq_id 
_pdbx_struct_conn_angle.ptnr3_PDB_ins_code 
_pdbx_struct_conn_angle.ptnr3_symmetry 
_pdbx_struct_conn_angle.value 
_pdbx_struct_conn_angle.value_esd 
1  NE2 ? A HIS 97 ? A HIS 97  ? 1_555 FE ? B HEM . ? A HEM 154 ? 1_555 NA ? B HEM . ? A HEM 154 ? 1_555 91.5  ? 
2  NE2 ? A HIS 97 ? A HIS 97  ? 1_555 FE ? B HEM . ? A HEM 154 ? 1_555 NB ? B HEM . ? A HEM 154 ? 1_555 96.2  ? 
3  NA  ? B HEM .  ? A HEM 154 ? 1_555 FE ? B HEM . ? A HEM 154 ? 1_555 NB ? B HEM . ? A HEM 154 ? 1_555 92.9  ? 
4  NE2 ? A HIS 97 ? A HIS 97  ? 1_555 FE ? B HEM . ? A HEM 154 ? 1_555 NC ? B HEM . ? A HEM 154 ? 1_555 88.2  ? 
5  NA  ? B HEM .  ? A HEM 154 ? 1_555 FE ? B HEM . ? A HEM 154 ? 1_555 NC ? B HEM . ? A HEM 154 ? 1_555 179.6 ? 
6  NB  ? B HEM .  ? A HEM 154 ? 1_555 FE ? B HEM . ? A HEM 154 ? 1_555 NC ? B HEM . ? A HEM 154 ? 1_555 87.1  ? 
7  NE2 ? A HIS 97 ? A HIS 97  ? 1_555 FE ? B HEM . ? A HEM 154 ? 1_555 ND ? B HEM . ? A HEM 154 ? 1_555 86.4  ? 
8  NA  ? B HEM .  ? A HEM 154 ? 1_555 FE ? B HEM . ? A HEM 154 ? 1_555 ND ? B HEM . ? A HEM 154 ? 1_555 94.0  ? 
9  NB  ? B HEM .  ? A HEM 154 ? 1_555 FE ? B HEM . ? A HEM 154 ? 1_555 ND ? B HEM . ? A HEM 154 ? 1_555 172.6 ? 
10 NC  ? B HEM .  ? A HEM 154 ? 1_555 FE ? B HEM . ? A HEM 154 ? 1_555 ND ? B HEM . ? A HEM 154 ? 1_555 86.1  ? 
11 NE2 ? A HIS 97 ? A HIS 97  ? 1_555 FE ? B HEM . ? A HEM 154 ? 1_555 O1 ? C OXY . ? A OXY 155 ? 1_555 176.8 ? 
12 NA  ? B HEM .  ? A HEM 154 ? 1_555 FE ? B HEM . ? A HEM 154 ? 1_555 O1 ? C OXY . ? A OXY 155 ? 1_555 87.6  ? 
13 NB  ? B HEM .  ? A HEM 154 ? 1_555 FE ? B HEM . ? A HEM 154 ? 1_555 O1 ? C OXY . ? A OXY 155 ? 1_555 86.8  ? 
14 NC  ? B HEM .  ? A HEM 154 ? 1_555 FE ? B HEM . ? A HEM 154 ? 1_555 O1 ? C OXY . ? A OXY 155 ? 1_555 92.8  ? 
15 ND  ? B HEM .  ? A HEM 154 ? 1_555 FE ? B HEM . ? A HEM 154 ? 1_555 O1 ? C OXY . ? A OXY 155 ? 1_555 90.6  ? 
16 NE2 ? A HIS 97 ? A HIS 97  ? 1_555 FE ? B HEM . ? A HEM 154 ? 1_555 O2 ? C OXY . ? A OXY 155 ? 1_555 168.7 ? 
17 NA  ? B HEM .  ? A HEM 154 ? 1_555 FE ? B HEM . ? A HEM 154 ? 1_555 O2 ? C OXY . ? A OXY 155 ? 1_555 99.1  ? 
18 NB  ? B HEM .  ? A HEM 154 ? 1_555 FE ? B HEM . ? A HEM 154 ? 1_555 O2 ? C OXY . ? A OXY 155 ? 1_555 87.2  ? 
19 NC  ? B HEM .  ? A HEM 154 ? 1_555 FE ? B HEM . ? A HEM 154 ? 1_555 O2 ? C OXY . ? A OXY 155 ? 1_555 81.2  ? 
20 ND  ? B HEM .  ? A HEM 154 ? 1_555 FE ? B HEM . ? A HEM 154 ? 1_555 O2 ? C OXY . ? A OXY 155 ? 1_555 88.9  ? 
21 O1  ? C OXY .  ? A OXY 155 ? 1_555 FE ? B HEM . ? A HEM 154 ? 1_555 O2 ? C OXY . ? A OXY 155 ? 1_555 11.6  ? 
22 NE2 ? A HIS 97 ? A HIS 97  ? 1_555 FE ? B HEM . ? A HEM 154 ? 1_555 O  ? D HOH . ? A HOH 411 ? 1_555 175.5 ? 
23 NA  ? B HEM .  ? A HEM 154 ? 1_555 FE ? B HEM . ? A HEM 154 ? 1_555 O  ? D HOH . ? A HOH 411 ? 1_555 93.0  ? 
24 NB  ? B HEM .  ? A HEM 154 ? 1_555 FE ? B HEM . ? A HEM 154 ? 1_555 O  ? D HOH . ? A HOH 411 ? 1_555 84.4  ? 
25 NC  ? B HEM .  ? A HEM 154 ? 1_555 FE ? B HEM . ? A HEM 154 ? 1_555 O  ? D HOH . ? A HOH 411 ? 1_555 87.4  ? 
26 ND  ? B HEM .  ? A HEM 154 ? 1_555 FE ? B HEM . ? A HEM 154 ? 1_555 O  ? D HOH . ? A HOH 411 ? 1_555 92.4  ? 
27 O1  ? C OXY .  ? A OXY 155 ? 1_555 FE ? B HEM . ? A HEM 154 ? 1_555 O  ? D HOH . ? A HOH 411 ? 1_555 5.8   ? 
28 O2  ? C OXY .  ? A OXY 155 ? 1_555 FE ? B HEM . ? A HEM 154 ? 1_555 O  ? D HOH . ? A HOH 411 ? 1_555 6.9   ? 
# 
loop_
_struct_site.id 
_struct_site.pdbx_evidence_code 
_struct_site.pdbx_auth_asym_id 
_struct_site.pdbx_auth_comp_id 
_struct_site.pdbx_auth_seq_id 
_struct_site.pdbx_auth_ins_code 
_struct_site.pdbx_num_residues 
_struct_site.details 
AC1 Software A HEM 154 ? 18 'BINDING SITE FOR RESIDUE HEM A 154' 
AC2 Software A OXY 155 ? 4  'BINDING SITE FOR RESIDUE OXY A 155' 
# 
loop_
_struct_site_gen.id 
_struct_site_gen.site_id 
_struct_site_gen.pdbx_num_res 
_struct_site_gen.label_comp_id 
_struct_site_gen.label_asym_id 
_struct_site_gen.label_seq_id 
_struct_site_gen.pdbx_auth_ins_code 
_struct_site_gen.auth_comp_id 
_struct_site_gen.auth_asym_id 
_struct_site_gen.auth_seq_id 
_struct_site_gen.label_atom_id 
_struct_site_gen.label_alt_id 
_struct_site_gen.symmetry 
_struct_site_gen.details 
1  AC1 18 LEU A 43  ? LEU A 43  . ? 1_555 ? 
2  AC1 18 PHE A 44  ? PHE A 44  . ? 1_555 ? 
3  AC1 18 SER A 45  ? SER A 45  . ? 1_555 ? 
4  AC1 18 HIS A 63  ? HIS A 63  . ? 1_555 ? 
5  AC1 18 LYS A 66  ? LYS A 66  . ? 1_555 ? 
6  AC1 18 VAL A 67  ? VAL A 67  . ? 1_555 ? 
7  AC1 18 LEU A 70  ? LEU A 70  . ? 1_555 ? 
8  AC1 18 LEU A 93  ? LEU A 93  . ? 1_555 ? 
9  AC1 18 HIS A 97  ? HIS A 97  . ? 1_555 ? 
10 AC1 18 LYS A 100 ? LYS A 100 . ? 1_555 ? 
11 AC1 18 VAL A 102 ? VAL A 102 . ? 1_555 ? 
12 AC1 18 HIS A 106 ? HIS A 106 . ? 1_555 ? 
13 AC1 18 PHE A 107 ? PHE A 107 . ? 1_555 ? 
14 AC1 18 VAL A 110 ? VAL A 110 . ? 1_555 ? 
15 AC1 18 TYR A 138 ? TYR A 138 . ? 1_555 ? 
16 AC1 18 OXY C .   ? OXY A 155 . ? 1_555 ? 
17 AC1 18 HOH D .   ? HOH A 293 . ? 1_555 ? 
18 AC1 18 HOH D .   ? HOH A 411 . ? 1_555 ? 
19 AC2 4  HIS A 63  ? HIS A 63  . ? 1_555 ? 
20 AC2 4  VAL A 67  ? VAL A 67  . ? 1_555 ? 
21 AC2 4  HEM B .   ? HEM A 154 . ? 1_555 ? 
22 AC2 4  HOH D .   ? HOH A 412 . ? 1_555 ? 
# 
_pdbx_validate_symm_contact.id                1 
_pdbx_validate_symm_contact.PDB_model_num     1 
_pdbx_validate_symm_contact.auth_atom_id_1    O 
_pdbx_validate_symm_contact.auth_asym_id_1    A 
_pdbx_validate_symm_contact.auth_comp_id_1    HOH 
_pdbx_validate_symm_contact.auth_seq_id_1     313 
_pdbx_validate_symm_contact.PDB_ins_code_1    ? 
_pdbx_validate_symm_contact.label_alt_id_1    ? 
_pdbx_validate_symm_contact.site_symmetry_1   1_555 
_pdbx_validate_symm_contact.auth_atom_id_2    O 
_pdbx_validate_symm_contact.auth_asym_id_2    A 
_pdbx_validate_symm_contact.auth_comp_id_2    HOH 
_pdbx_validate_symm_contact.auth_seq_id_2     337 
_pdbx_validate_symm_contact.PDB_ins_code_2    ? 
_pdbx_validate_symm_contact.label_alt_id_2    ? 
_pdbx_validate_symm_contact.site_symmetry_2   2_657 
_pdbx_validate_symm_contact.dist              2.04 
# 
_pdbx_validate_rmsd_bond.id                        1 
_pdbx_validate_rmsd_bond.PDB_model_num             1 
_pdbx_validate_rmsd_bond.auth_atom_id_1            CZ 
_pdbx_validate_rmsd_bond.auth_asym_id_1            A 
_pdbx_validate_rmsd_bond.auth_comp_id_1            PHE 
_pdbx_validate_rmsd_bond.auth_seq_id_1             29 
_pdbx_validate_rmsd_bond.PDB_ins_code_1            ? 
_pdbx_validate_rmsd_bond.label_alt_id_1            ? 
_pdbx_validate_rmsd_bond.auth_atom_id_2            CE2 
_pdbx_validate_rmsd_bond.auth_asym_id_2            A 
_pdbx_validate_rmsd_bond.auth_comp_id_2            PHE 
_pdbx_validate_rmsd_bond.auth_seq_id_2             29 
_pdbx_validate_rmsd_bond.PDB_ins_code_2            ? 
_pdbx_validate_rmsd_bond.label_alt_id_2            ? 
_pdbx_validate_rmsd_bond.bond_value                1.489 
_pdbx_validate_rmsd_bond.bond_target_value         1.369 
_pdbx_validate_rmsd_bond.bond_deviation            0.120 
_pdbx_validate_rmsd_bond.bond_standard_deviation   0.019 
_pdbx_validate_rmsd_bond.linker_flag               N 
# 
loop_
_pdbx_validate_rmsd_angle.id 
_pdbx_validate_rmsd_angle.PDB_model_num 
_pdbx_validate_rmsd_angle.auth_atom_id_1 
_pdbx_validate_rmsd_angle.auth_asym_id_1 
_pdbx_validate_rmsd_angle.auth_comp_id_1 
_pdbx_validate_rmsd_angle.auth_seq_id_1 
_pdbx_validate_rmsd_angle.PDB_ins_code_1 
_pdbx_validate_rmsd_angle.label_alt_id_1 
_pdbx_validate_rmsd_angle.auth_atom_id_2 
_pdbx_validate_rmsd_angle.auth_asym_id_2 
_pdbx_validate_rmsd_angle.auth_comp_id_2 
_pdbx_validate_rmsd_angle.auth_seq_id_2 
_pdbx_validate_rmsd_angle.PDB_ins_code_2 
_pdbx_validate_rmsd_angle.label_alt_id_2 
_pdbx_validate_rmsd_angle.auth_atom_id_3 
_pdbx_validate_rmsd_angle.auth_asym_id_3 
_pdbx_validate_rmsd_angle.auth_comp_id_3 
_pdbx_validate_rmsd_angle.auth_seq_id_3 
_pdbx_validate_rmsd_angle.PDB_ins_code_3 
_pdbx_validate_rmsd_angle.label_alt_id_3 
_pdbx_validate_rmsd_angle.angle_value 
_pdbx_validate_rmsd_angle.angle_target_value 
_pdbx_validate_rmsd_angle.angle_deviation 
_pdbx_validate_rmsd_angle.angle_standard_deviation 
_pdbx_validate_rmsd_angle.linker_flag 
1  1 O   A ALA 2   ? ? C  A ALA 2   ? ? N   A LEU 3   ? ? 111.05 122.70 -11.65 1.60 Y 
2  1 C   A ALA 2   ? ? N  A LEU 3   ? ? CA  A LEU 3   ? ? 169.37 121.70 47.67  2.50 Y 
3  1 CA  A LEU 3   ? ? C  A LEU 3   ? ? N   A THR 4   ? ? 102.43 117.20 -14.77 2.20 Y 
4  1 O   A LEU 3   ? ? C  A LEU 3   ? ? N   A THR 4   ? ? 133.07 122.70 10.37  1.60 Y 
5  1 CG  A GLU 16  ? ? CD A GLU 16  ? ? OE2 A GLU 16  ? ? 105.49 118.30 -12.81 2.00 N 
6  1 OE1 A GLU 17  ? ? CD A GLU 17  ? ? OE2 A GLU 17  ? ? 131.14 123.30 7.84   1.20 N 
7  1 CD  A ARG 28  ? ? NE A ARG 28  ? ? CZ  A ARG 28  ? ? 142.32 123.60 18.72  1.40 N 
8  1 NE  A ARG 28  ? ? CZ A ARG 28  ? ? NH1 A ARG 28  ? ? 123.76 120.30 3.46   0.50 N 
9  1 CB  A ASP 42  ? ? CG A ASP 42  ? ? OD1 A ASP 42  ? ? 112.61 118.30 -5.69  0.90 N 
10 1 CB  A ASP 151 ? ? CG A ASP 151 ? ? OD1 A ASP 151 ? ? 125.13 118.30 6.83   0.90 N 
# 
loop_
_pdbx_validate_torsion.id 
_pdbx_validate_torsion.PDB_model_num 
_pdbx_validate_torsion.auth_comp_id 
_pdbx_validate_torsion.auth_asym_id 
_pdbx_validate_torsion.auth_seq_id 
_pdbx_validate_torsion.PDB_ins_code 
_pdbx_validate_torsion.label_alt_id 
_pdbx_validate_torsion.phi 
_pdbx_validate_torsion.psi 
1 1 ALA A 2   ? ? -58.31  -142.43 
2 1 LEU A 3   ? ? 88.68   95.93   
3 1 LYS A 48  ? ? -36.56  130.94  
4 1 ASP A 87  ? ? -106.84 -169.10 
5 1 ALA A 152 ? ? -85.11  40.96   
# 
_pdbx_validate_main_chain_plane.id                       1 
_pdbx_validate_main_chain_plane.PDB_model_num            1 
_pdbx_validate_main_chain_plane.auth_comp_id             THR 
_pdbx_validate_main_chain_plane.auth_asym_id             A 
_pdbx_validate_main_chain_plane.auth_seq_id              81 
_pdbx_validate_main_chain_plane.PDB_ins_code             ? 
_pdbx_validate_main_chain_plane.label_alt_id             ? 
_pdbx_validate_main_chain_plane.improper_torsion_angle   10.39 
# 
loop_
_chem_comp_atom.comp_id 
_chem_comp_atom.atom_id 
_chem_comp_atom.type_symbol 
_chem_comp_atom.pdbx_aromatic_flag 
_chem_comp_atom.pdbx_stereo_config 
_chem_comp_atom.pdbx_ordinal 
ALA N    N  N N 1   
ALA CA   C  N S 2   
ALA C    C  N N 3   
ALA O    O  N N 4   
ALA CB   C  N N 5   
ALA OXT  O  N N 6   
ALA H    H  N N 7   
ALA H2   H  N N 8   
ALA HA   H  N N 9   
ALA HB1  H  N N 10  
ALA HB2  H  N N 11  
ALA HB3  H  N N 12  
ALA HXT  H  N N 13  
ARG N    N  N N 14  
ARG CA   C  N S 15  
ARG C    C  N N 16  
ARG O    O  N N 17  
ARG CB   C  N N 18  
ARG CG   C  N N 19  
ARG CD   C  N N 20  
ARG NE   N  N N 21  
ARG CZ   C  N N 22  
ARG NH1  N  N N 23  
ARG NH2  N  N N 24  
ARG OXT  O  N N 25  
ARG H    H  N N 26  
ARG H2   H  N N 27  
ARG HA   H  N N 28  
ARG HB2  H  N N 29  
ARG HB3  H  N N 30  
ARG HG2  H  N N 31  
ARG HG3  H  N N 32  
ARG HD2  H  N N 33  
ARG HD3  H  N N 34  
ARG HE   H  N N 35  
ARG HH11 H  N N 36  
ARG HH12 H  N N 37  
ARG HH21 H  N N 38  
ARG HH22 H  N N 39  
ARG HXT  H  N N 40  
ASN N    N  N N 41  
ASN CA   C  N S 42  
ASN C    C  N N 43  
ASN O    O  N N 44  
ASN CB   C  N N 45  
ASN CG   C  N N 46  
ASN OD1  O  N N 47  
ASN ND2  N  N N 48  
ASN OXT  O  N N 49  
ASN H    H  N N 50  
ASN H2   H  N N 51  
ASN HA   H  N N 52  
ASN HB2  H  N N 53  
ASN HB3  H  N N 54  
ASN HD21 H  N N 55  
ASN HD22 H  N N 56  
ASN HXT  H  N N 57  
ASP N    N  N N 58  
ASP CA   C  N S 59  
ASP C    C  N N 60  
ASP O    O  N N 61  
ASP CB   C  N N 62  
ASP CG   C  N N 63  
ASP OD1  O  N N 64  
ASP OD2  O  N N 65  
ASP OXT  O  N N 66  
ASP H    H  N N 67  
ASP H2   H  N N 68  
ASP HA   H  N N 69  
ASP HB2  H  N N 70  
ASP HB3  H  N N 71  
ASP HD2  H  N N 72  
ASP HXT  H  N N 73  
GLN N    N  N N 74  
GLN CA   C  N S 75  
GLN C    C  N N 76  
GLN O    O  N N 77  
GLN CB   C  N N 78  
GLN CG   C  N N 79  
GLN CD   C  N N 80  
GLN OE1  O  N N 81  
GLN NE2  N  N N 82  
GLN OXT  O  N N 83  
GLN H    H  N N 84  
GLN H2   H  N N 85  
GLN HA   H  N N 86  
GLN HB2  H  N N 87  
GLN HB3  H  N N 88  
GLN HG2  H  N N 89  
GLN HG3  H  N N 90  
GLN HE21 H  N N 91  
GLN HE22 H  N N 92  
GLN HXT  H  N N 93  
GLU N    N  N N 94  
GLU CA   C  N S 95  
GLU C    C  N N 96  
GLU O    O  N N 97  
GLU CB   C  N N 98  
GLU CG   C  N N 99  
GLU CD   C  N N 100 
GLU OE1  O  N N 101 
GLU OE2  O  N N 102 
GLU OXT  O  N N 103 
GLU H    H  N N 104 
GLU H2   H  N N 105 
GLU HA   H  N N 106 
GLU HB2  H  N N 107 
GLU HB3  H  N N 108 
GLU HG2  H  N N 109 
GLU HG3  H  N N 110 
GLU HE2  H  N N 111 
GLU HXT  H  N N 112 
GLY N    N  N N 113 
GLY CA   C  N N 114 
GLY C    C  N N 115 
GLY O    O  N N 116 
GLY OXT  O  N N 117 
GLY H    H  N N 118 
GLY H2   H  N N 119 
GLY HA2  H  N N 120 
GLY HA3  H  N N 121 
GLY HXT  H  N N 122 
HEM CHA  C  N N 123 
HEM CHB  C  N N 124 
HEM CHC  C  N N 125 
HEM CHD  C  N N 126 
HEM C1A  C  Y N 127 
HEM C2A  C  Y N 128 
HEM C3A  C  Y N 129 
HEM C4A  C  Y N 130 
HEM CMA  C  N N 131 
HEM CAA  C  N N 132 
HEM CBA  C  N N 133 
HEM CGA  C  N N 134 
HEM O1A  O  N N 135 
HEM O2A  O  N N 136 
HEM C1B  C  N N 137 
HEM C2B  C  N N 138 
HEM C3B  C  N N 139 
HEM C4B  C  N N 140 
HEM CMB  C  N N 141 
HEM CAB  C  N N 142 
HEM CBB  C  N N 143 
HEM C1C  C  Y N 144 
HEM C2C  C  Y N 145 
HEM C3C  C  Y N 146 
HEM C4C  C  Y N 147 
HEM CMC  C  N N 148 
HEM CAC  C  N N 149 
HEM CBC  C  N N 150 
HEM C1D  C  N N 151 
HEM C2D  C  N N 152 
HEM C3D  C  N N 153 
HEM C4D  C  N N 154 
HEM CMD  C  N N 155 
HEM CAD  C  N N 156 
HEM CBD  C  N N 157 
HEM CGD  C  N N 158 
HEM O1D  O  N N 159 
HEM O2D  O  N N 160 
HEM NA   N  Y N 161 
HEM NB   N  N N 162 
HEM NC   N  Y N 163 
HEM ND   N  N N 164 
HEM FE   FE N N 165 
HEM HHB  H  N N 166 
HEM HHC  H  N N 167 
HEM HHD  H  N N 168 
HEM HMA  H  N N 169 
HEM HMAA H  N N 170 
HEM HMAB H  N N 171 
HEM HAA  H  N N 172 
HEM HAAA H  N N 173 
HEM HBA  H  N N 174 
HEM HBAA H  N N 175 
HEM HMB  H  N N 176 
HEM HMBA H  N N 177 
HEM HMBB H  N N 178 
HEM HAB  H  N N 179 
HEM HBB  H  N N 180 
HEM HBBA H  N N 181 
HEM HMC  H  N N 182 
HEM HMCA H  N N 183 
HEM HMCB H  N N 184 
HEM HAC  H  N N 185 
HEM HBC  H  N N 186 
HEM HBCA H  N N 187 
HEM HMD  H  N N 188 
HEM HMDA H  N N 189 
HEM HMDB H  N N 190 
HEM HAD  H  N N 191 
HEM HADA H  N N 192 
HEM HBD  H  N N 193 
HEM HBDA H  N N 194 
HEM H2A  H  N N 195 
HEM H2D  H  N N 196 
HEM HHA  H  N N 197 
HIS N    N  N N 198 
HIS CA   C  N S 199 
HIS C    C  N N 200 
HIS O    O  N N 201 
HIS CB   C  N N 202 
HIS CG   C  Y N 203 
HIS ND1  N  Y N 204 
HIS CD2  C  Y N 205 
HIS CE1  C  Y N 206 
HIS NE2  N  Y N 207 
HIS OXT  O  N N 208 
HIS H    H  N N 209 
HIS H2   H  N N 210 
HIS HA   H  N N 211 
HIS HB2  H  N N 212 
HIS HB3  H  N N 213 
HIS HD1  H  N N 214 
HIS HD2  H  N N 215 
HIS HE1  H  N N 216 
HIS HE2  H  N N 217 
HIS HXT  H  N N 218 
HOH O    O  N N 219 
HOH H1   H  N N 220 
HOH H2   H  N N 221 
ILE N    N  N N 222 
ILE CA   C  N S 223 
ILE C    C  N N 224 
ILE O    O  N N 225 
ILE CB   C  N S 226 
ILE CG1  C  N N 227 
ILE CG2  C  N N 228 
ILE CD1  C  N N 229 
ILE OXT  O  N N 230 
ILE H    H  N N 231 
ILE H2   H  N N 232 
ILE HA   H  N N 233 
ILE HB   H  N N 234 
ILE HG12 H  N N 235 
ILE HG13 H  N N 236 
ILE HG21 H  N N 237 
ILE HG22 H  N N 238 
ILE HG23 H  N N 239 
ILE HD11 H  N N 240 
ILE HD12 H  N N 241 
ILE HD13 H  N N 242 
ILE HXT  H  N N 243 
LEU N    N  N N 244 
LEU CA   C  N S 245 
LEU C    C  N N 246 
LEU O    O  N N 247 
LEU CB   C  N N 248 
LEU CG   C  N N 249 
LEU CD1  C  N N 250 
LEU CD2  C  N N 251 
LEU OXT  O  N N 252 
LEU H    H  N N 253 
LEU H2   H  N N 254 
LEU HA   H  N N 255 
LEU HB2  H  N N 256 
LEU HB3  H  N N 257 
LEU HG   H  N N 258 
LEU HD11 H  N N 259 
LEU HD12 H  N N 260 
LEU HD13 H  N N 261 
LEU HD21 H  N N 262 
LEU HD22 H  N N 263 
LEU HD23 H  N N 264 
LEU HXT  H  N N 265 
LYS N    N  N N 266 
LYS CA   C  N S 267 
LYS C    C  N N 268 
LYS O    O  N N 269 
LYS CB   C  N N 270 
LYS CG   C  N N 271 
LYS CD   C  N N 272 
LYS CE   C  N N 273 
LYS NZ   N  N N 274 
LYS OXT  O  N N 275 
LYS H    H  N N 276 
LYS H2   H  N N 277 
LYS HA   H  N N 278 
LYS HB2  H  N N 279 
LYS HB3  H  N N 280 
LYS HG2  H  N N 281 
LYS HG3  H  N N 282 
LYS HD2  H  N N 283 
LYS HD3  H  N N 284 
LYS HE2  H  N N 285 
LYS HE3  H  N N 286 
LYS HZ1  H  N N 287 
LYS HZ2  H  N N 288 
LYS HZ3  H  N N 289 
LYS HXT  H  N N 290 
MET N    N  N N 291 
MET CA   C  N S 292 
MET C    C  N N 293 
MET O    O  N N 294 
MET CB   C  N N 295 
MET CG   C  N N 296 
MET SD   S  N N 297 
MET CE   C  N N 298 
MET OXT  O  N N 299 
MET H    H  N N 300 
MET H2   H  N N 301 
MET HA   H  N N 302 
MET HB2  H  N N 303 
MET HB3  H  N N 304 
MET HG2  H  N N 305 
MET HG3  H  N N 306 
MET HE1  H  N N 307 
MET HE2  H  N N 308 
MET HE3  H  N N 309 
MET HXT  H  N N 310 
OXY O1   O  N N 311 
OXY O2   O  N N 312 
PHE N    N  N N 313 
PHE CA   C  N S 314 
PHE C    C  N N 315 
PHE O    O  N N 316 
PHE CB   C  N N 317 
PHE CG   C  Y N 318 
PHE CD1  C  Y N 319 
PHE CD2  C  Y N 320 
PHE CE1  C  Y N 321 
PHE CE2  C  Y N 322 
PHE CZ   C  Y N 323 
PHE OXT  O  N N 324 
PHE H    H  N N 325 
PHE H2   H  N N 326 
PHE HA   H  N N 327 
PHE HB2  H  N N 328 
PHE HB3  H  N N 329 
PHE HD1  H  N N 330 
PHE HD2  H  N N 331 
PHE HE1  H  N N 332 
PHE HE2  H  N N 333 
PHE HZ   H  N N 334 
PHE HXT  H  N N 335 
PRO N    N  N N 336 
PRO CA   C  N S 337 
PRO C    C  N N 338 
PRO O    O  N N 339 
PRO CB   C  N N 340 
PRO CG   C  N N 341 
PRO CD   C  N N 342 
PRO OXT  O  N N 343 
PRO H    H  N N 344 
PRO HA   H  N N 345 
PRO HB2  H  N N 346 
PRO HB3  H  N N 347 
PRO HG2  H  N N 348 
PRO HG3  H  N N 349 
PRO HD2  H  N N 350 
PRO HD3  H  N N 351 
PRO HXT  H  N N 352 
SER N    N  N N 353 
SER CA   C  N S 354 
SER C    C  N N 355 
SER O    O  N N 356 
SER CB   C  N N 357 
SER OG   O  N N 358 
SER OXT  O  N N 359 
SER H    H  N N 360 
SER H2   H  N N 361 
SER HA   H  N N 362 
SER HB2  H  N N 363 
SER HB3  H  N N 364 
SER HG   H  N N 365 
SER HXT  H  N N 366 
THR N    N  N N 367 
THR CA   C  N S 368 
THR C    C  N N 369 
THR O    O  N N 370 
THR CB   C  N R 371 
THR OG1  O  N N 372 
THR CG2  C  N N 373 
THR OXT  O  N N 374 
THR H    H  N N 375 
THR H2   H  N N 376 
THR HA   H  N N 377 
THR HB   H  N N 378 
THR HG1  H  N N 379 
THR HG21 H  N N 380 
THR HG22 H  N N 381 
THR HG23 H  N N 382 
THR HXT  H  N N 383 
TRP N    N  N N 384 
TRP CA   C  N S 385 
TRP C    C  N N 386 
TRP O    O  N N 387 
TRP CB   C  N N 388 
TRP CG   C  Y N 389 
TRP CD1  C  Y N 390 
TRP CD2  C  Y N 391 
TRP NE1  N  Y N 392 
TRP CE2  C  Y N 393 
TRP CE3  C  Y N 394 
TRP CZ2  C  Y N 395 
TRP CZ3  C  Y N 396 
TRP CH2  C  Y N 397 
TRP OXT  O  N N 398 
TRP H    H  N N 399 
TRP H2   H  N N 400 
TRP HA   H  N N 401 
TRP HB2  H  N N 402 
TRP HB3  H  N N 403 
TRP HD1  H  N N 404 
TRP HE1  H  N N 405 
TRP HE3  H  N N 406 
TRP HZ2  H  N N 407 
TRP HZ3  H  N N 408 
TRP HH2  H  N N 409 
TRP HXT  H  N N 410 
TYR N    N  N N 411 
TYR CA   C  N S 412 
TYR C    C  N N 413 
TYR O    O  N N 414 
TYR CB   C  N N 415 
TYR CG   C  Y N 416 
TYR CD1  C  Y N 417 
TYR CD2  C  Y N 418 
TYR CE1  C  Y N 419 
TYR CE2  C  Y N 420 
TYR CZ   C  Y N 421 
TYR OH   O  N N 422 
TYR OXT  O  N N 423 
TYR H    H  N N 424 
TYR H2   H  N N 425 
TYR HA   H  N N 426 
TYR HB2  H  N N 427 
TYR HB3  H  N N 428 
TYR HD1  H  N N 429 
TYR HD2  H  N N 430 
TYR HE1  H  N N 431 
TYR HE2  H  N N 432 
TYR HH   H  N N 433 
TYR HXT  H  N N 434 
VAL N    N  N N 435 
VAL CA   C  N S 436 
VAL C    C  N N 437 
VAL O    O  N N 438 
VAL CB   C  N N 439 
VAL CG1  C  N N 440 
VAL CG2  C  N N 441 
VAL OXT  O  N N 442 
VAL H    H  N N 443 
VAL H2   H  N N 444 
VAL HA   H  N N 445 
VAL HB   H  N N 446 
VAL HG11 H  N N 447 
VAL HG12 H  N N 448 
VAL HG13 H  N N 449 
VAL HG21 H  N N 450 
VAL HG22 H  N N 451 
VAL HG23 H  N N 452 
VAL HXT  H  N N 453 
# 
loop_
_chem_comp_bond.comp_id 
_chem_comp_bond.atom_id_1 
_chem_comp_bond.atom_id_2 
_chem_comp_bond.value_order 
_chem_comp_bond.pdbx_aromatic_flag 
_chem_comp_bond.pdbx_stereo_config 
_chem_comp_bond.pdbx_ordinal 
ALA N   CA   sing N N 1   
ALA N   H    sing N N 2   
ALA N   H2   sing N N 3   
ALA CA  C    sing N N 4   
ALA CA  CB   sing N N 5   
ALA CA  HA   sing N N 6   
ALA C   O    doub N N 7   
ALA C   OXT  sing N N 8   
ALA CB  HB1  sing N N 9   
ALA CB  HB2  sing N N 10  
ALA CB  HB3  sing N N 11  
ALA OXT HXT  sing N N 12  
ARG N   CA   sing N N 13  
ARG N   H    sing N N 14  
ARG N   H2   sing N N 15  
ARG CA  C    sing N N 16  
ARG CA  CB   sing N N 17  
ARG CA  HA   sing N N 18  
ARG C   O    doub N N 19  
ARG C   OXT  sing N N 20  
ARG CB  CG   sing N N 21  
ARG CB  HB2  sing N N 22  
ARG CB  HB3  sing N N 23  
ARG CG  CD   sing N N 24  
ARG CG  HG2  sing N N 25  
ARG CG  HG3  sing N N 26  
ARG CD  NE   sing N N 27  
ARG CD  HD2  sing N N 28  
ARG CD  HD3  sing N N 29  
ARG NE  CZ   sing N N 30  
ARG NE  HE   sing N N 31  
ARG CZ  NH1  sing N N 32  
ARG CZ  NH2  doub N N 33  
ARG NH1 HH11 sing N N 34  
ARG NH1 HH12 sing N N 35  
ARG NH2 HH21 sing N N 36  
ARG NH2 HH22 sing N N 37  
ARG OXT HXT  sing N N 38  
ASN N   CA   sing N N 39  
ASN N   H    sing N N 40  
ASN N   H2   sing N N 41  
ASN CA  C    sing N N 42  
ASN CA  CB   sing N N 43  
ASN CA  HA   sing N N 44  
ASN C   O    doub N N 45  
ASN C   OXT  sing N N 46  
ASN CB  CG   sing N N 47  
ASN CB  HB2  sing N N 48  
ASN CB  HB3  sing N N 49  
ASN CG  OD1  doub N N 50  
ASN CG  ND2  sing N N 51  
ASN ND2 HD21 sing N N 52  
ASN ND2 HD22 sing N N 53  
ASN OXT HXT  sing N N 54  
ASP N   CA   sing N N 55  
ASP N   H    sing N N 56  
ASP N   H2   sing N N 57  
ASP CA  C    sing N N 58  
ASP CA  CB   sing N N 59  
ASP CA  HA   sing N N 60  
ASP C   O    doub N N 61  
ASP C   OXT  sing N N 62  
ASP CB  CG   sing N N 63  
ASP CB  HB2  sing N N 64  
ASP CB  HB3  sing N N 65  
ASP CG  OD1  doub N N 66  
ASP CG  OD2  sing N N 67  
ASP OD2 HD2  sing N N 68  
ASP OXT HXT  sing N N 69  
GLN N   CA   sing N N 70  
GLN N   H    sing N N 71  
GLN N   H2   sing N N 72  
GLN CA  C    sing N N 73  
GLN CA  CB   sing N N 74  
GLN CA  HA   sing N N 75  
GLN C   O    doub N N 76  
GLN C   OXT  sing N N 77  
GLN CB  CG   sing N N 78  
GLN CB  HB2  sing N N 79  
GLN CB  HB3  sing N N 80  
GLN CG  CD   sing N N 81  
GLN CG  HG2  sing N N 82  
GLN CG  HG3  sing N N 83  
GLN CD  OE1  doub N N 84  
GLN CD  NE2  sing N N 85  
GLN NE2 HE21 sing N N 86  
GLN NE2 HE22 sing N N 87  
GLN OXT HXT  sing N N 88  
GLU N   CA   sing N N 89  
GLU N   H    sing N N 90  
GLU N   H2   sing N N 91  
GLU CA  C    sing N N 92  
GLU CA  CB   sing N N 93  
GLU CA  HA   sing N N 94  
GLU C   O    doub N N 95  
GLU C   OXT  sing N N 96  
GLU CB  CG   sing N N 97  
GLU CB  HB2  sing N N 98  
GLU CB  HB3  sing N N 99  
GLU CG  CD   sing N N 100 
GLU CG  HG2  sing N N 101 
GLU CG  HG3  sing N N 102 
GLU CD  OE1  doub N N 103 
GLU CD  OE2  sing N N 104 
GLU OE2 HE2  sing N N 105 
GLU OXT HXT  sing N N 106 
GLY N   CA   sing N N 107 
GLY N   H    sing N N 108 
GLY N   H2   sing N N 109 
GLY CA  C    sing N N 110 
GLY CA  HA2  sing N N 111 
GLY CA  HA3  sing N N 112 
GLY C   O    doub N N 113 
GLY C   OXT  sing N N 114 
GLY OXT HXT  sing N N 115 
HEM CHA C1A  sing N N 116 
HEM CHA C4D  doub N N 117 
HEM CHA HHA  sing N N 118 
HEM CHB C4A  sing N N 119 
HEM CHB C1B  doub N N 120 
HEM CHB HHB  sing N N 121 
HEM CHC C4B  sing N N 122 
HEM CHC C1C  doub N N 123 
HEM CHC HHC  sing N N 124 
HEM CHD C4C  doub N N 125 
HEM CHD C1D  sing N N 126 
HEM CHD HHD  sing N N 127 
HEM C1A C2A  doub Y N 128 
HEM C1A NA   sing Y N 129 
HEM C2A C3A  sing Y N 130 
HEM C2A CAA  sing N N 131 
HEM C3A C4A  doub Y N 132 
HEM C3A CMA  sing N N 133 
HEM C4A NA   sing Y N 134 
HEM CMA HMA  sing N N 135 
HEM CMA HMAA sing N N 136 
HEM CMA HMAB sing N N 137 
HEM CAA CBA  sing N N 138 
HEM CAA HAA  sing N N 139 
HEM CAA HAAA sing N N 140 
HEM CBA CGA  sing N N 141 
HEM CBA HBA  sing N N 142 
HEM CBA HBAA sing N N 143 
HEM CGA O1A  doub N N 144 
HEM CGA O2A  sing N N 145 
HEM C1B C2B  sing N N 146 
HEM C1B NB   sing N N 147 
HEM C2B C3B  doub N N 148 
HEM C2B CMB  sing N N 149 
HEM C3B C4B  sing N N 150 
HEM C3B CAB  sing N N 151 
HEM C4B NB   doub N N 152 
HEM CMB HMB  sing N N 153 
HEM CMB HMBA sing N N 154 
HEM CMB HMBB sing N N 155 
HEM CAB CBB  doub N N 156 
HEM CAB HAB  sing N N 157 
HEM CBB HBB  sing N N 158 
HEM CBB HBBA sing N N 159 
HEM C1C C2C  sing Y N 160 
HEM C1C NC   sing Y N 161 
HEM C2C C3C  doub Y N 162 
HEM C2C CMC  sing N N 163 
HEM C3C C4C  sing Y N 164 
HEM C3C CAC  sing N N 165 
HEM C4C NC   sing Y N 166 
HEM CMC HMC  sing N N 167 
HEM CMC HMCA sing N N 168 
HEM CMC HMCB sing N N 169 
HEM CAC CBC  doub N N 170 
HEM CAC HAC  sing N N 171 
HEM CBC HBC  sing N N 172 
HEM CBC HBCA sing N N 173 
HEM C1D C2D  sing N N 174 
HEM C1D ND   doub N N 175 
HEM C2D C3D  doub N N 176 
HEM C2D CMD  sing N N 177 
HEM C3D C4D  sing N N 178 
HEM C3D CAD  sing N N 179 
HEM C4D ND   sing N N 180 
HEM CMD HMD  sing N N 181 
HEM CMD HMDA sing N N 182 
HEM CMD HMDB sing N N 183 
HEM CAD CBD  sing N N 184 
HEM CAD HAD  sing N N 185 
HEM CAD HADA sing N N 186 
HEM CBD CGD  sing N N 187 
HEM CBD HBD  sing N N 188 
HEM CBD HBDA sing N N 189 
HEM CGD O1D  doub N N 190 
HEM CGD O2D  sing N N 191 
HEM O2A H2A  sing N N 192 
HEM O2D H2D  sing N N 193 
HEM FE  NA   sing N N 194 
HEM FE  NB   sing N N 195 
HEM FE  NC   sing N N 196 
HEM FE  ND   sing N N 197 
HIS N   CA   sing N N 198 
HIS N   H    sing N N 199 
HIS N   H2   sing N N 200 
HIS CA  C    sing N N 201 
HIS CA  CB   sing N N 202 
HIS CA  HA   sing N N 203 
HIS C   O    doub N N 204 
HIS C   OXT  sing N N 205 
HIS CB  CG   sing N N 206 
HIS CB  HB2  sing N N 207 
HIS CB  HB3  sing N N 208 
HIS CG  ND1  sing Y N 209 
HIS CG  CD2  doub Y N 210 
HIS ND1 CE1  doub Y N 211 
HIS ND1 HD1  sing N N 212 
HIS CD2 NE2  sing Y N 213 
HIS CD2 HD2  sing N N 214 
HIS CE1 NE2  sing Y N 215 
HIS CE1 HE1  sing N N 216 
HIS NE2 HE2  sing N N 217 
HIS OXT HXT  sing N N 218 
HOH O   H1   sing N N 219 
HOH O   H2   sing N N 220 
ILE N   CA   sing N N 221 
ILE N   H    sing N N 222 
ILE N   H2   sing N N 223 
ILE CA  C    sing N N 224 
ILE CA  CB   sing N N 225 
ILE CA  HA   sing N N 226 
ILE C   O    doub N N 227 
ILE C   OXT  sing N N 228 
ILE CB  CG1  sing N N 229 
ILE CB  CG2  sing N N 230 
ILE CB  HB   sing N N 231 
ILE CG1 CD1  sing N N 232 
ILE CG1 HG12 sing N N 233 
ILE CG1 HG13 sing N N 234 
ILE CG2 HG21 sing N N 235 
ILE CG2 HG22 sing N N 236 
ILE CG2 HG23 sing N N 237 
ILE CD1 HD11 sing N N 238 
ILE CD1 HD12 sing N N 239 
ILE CD1 HD13 sing N N 240 
ILE OXT HXT  sing N N 241 
LEU N   CA   sing N N 242 
LEU N   H    sing N N 243 
LEU N   H2   sing N N 244 
LEU CA  C    sing N N 245 
LEU CA  CB   sing N N 246 
LEU CA  HA   sing N N 247 
LEU C   O    doub N N 248 
LEU C   OXT  sing N N 249 
LEU CB  CG   sing N N 250 
LEU CB  HB2  sing N N 251 
LEU CB  HB3  sing N N 252 
LEU CG  CD1  sing N N 253 
LEU CG  CD2  sing N N 254 
LEU CG  HG   sing N N 255 
LEU CD1 HD11 sing N N 256 
LEU CD1 HD12 sing N N 257 
LEU CD1 HD13 sing N N 258 
LEU CD2 HD21 sing N N 259 
LEU CD2 HD22 sing N N 260 
LEU CD2 HD23 sing N N 261 
LEU OXT HXT  sing N N 262 
LYS N   CA   sing N N 263 
LYS N   H    sing N N 264 
LYS N   H2   sing N N 265 
LYS CA  C    sing N N 266 
LYS CA  CB   sing N N 267 
LYS CA  HA   sing N N 268 
LYS C   O    doub N N 269 
LYS C   OXT  sing N N 270 
LYS CB  CG   sing N N 271 
LYS CB  HB2  sing N N 272 
LYS CB  HB3  sing N N 273 
LYS CG  CD   sing N N 274 
LYS CG  HG2  sing N N 275 
LYS CG  HG3  sing N N 276 
LYS CD  CE   sing N N 277 
LYS CD  HD2  sing N N 278 
LYS CD  HD3  sing N N 279 
LYS CE  NZ   sing N N 280 
LYS CE  HE2  sing N N 281 
LYS CE  HE3  sing N N 282 
LYS NZ  HZ1  sing N N 283 
LYS NZ  HZ2  sing N N 284 
LYS NZ  HZ3  sing N N 285 
LYS OXT HXT  sing N N 286 
MET N   CA   sing N N 287 
MET N   H    sing N N 288 
MET N   H2   sing N N 289 
MET CA  C    sing N N 290 
MET CA  CB   sing N N 291 
MET CA  HA   sing N N 292 
MET C   O    doub N N 293 
MET C   OXT  sing N N 294 
MET CB  CG   sing N N 295 
MET CB  HB2  sing N N 296 
MET CB  HB3  sing N N 297 
MET CG  SD   sing N N 298 
MET CG  HG2  sing N N 299 
MET CG  HG3  sing N N 300 
MET SD  CE   sing N N 301 
MET CE  HE1  sing N N 302 
MET CE  HE2  sing N N 303 
MET CE  HE3  sing N N 304 
MET OXT HXT  sing N N 305 
OXY O1  O2   doub N N 306 
PHE N   CA   sing N N 307 
PHE N   H    sing N N 308 
PHE N   H2   sing N N 309 
PHE CA  C    sing N N 310 
PHE CA  CB   sing N N 311 
PHE CA  HA   sing N N 312 
PHE C   O    doub N N 313 
PHE C   OXT  sing N N 314 
PHE CB  CG   sing N N 315 
PHE CB  HB2  sing N N 316 
PHE CB  HB3  sing N N 317 
PHE CG  CD1  doub Y N 318 
PHE CG  CD2  sing Y N 319 
PHE CD1 CE1  sing Y N 320 
PHE CD1 HD1  sing N N 321 
PHE CD2 CE2  doub Y N 322 
PHE CD2 HD2  sing N N 323 
PHE CE1 CZ   doub Y N 324 
PHE CE1 HE1  sing N N 325 
PHE CE2 CZ   sing Y N 326 
PHE CE2 HE2  sing N N 327 
PHE CZ  HZ   sing N N 328 
PHE OXT HXT  sing N N 329 
PRO N   CA   sing N N 330 
PRO N   CD   sing N N 331 
PRO N   H    sing N N 332 
PRO CA  C    sing N N 333 
PRO CA  CB   sing N N 334 
PRO CA  HA   sing N N 335 
PRO C   O    doub N N 336 
PRO C   OXT  sing N N 337 
PRO CB  CG   sing N N 338 
PRO CB  HB2  sing N N 339 
PRO CB  HB3  sing N N 340 
PRO CG  CD   sing N N 341 
PRO CG  HG2  sing N N 342 
PRO CG  HG3  sing N N 343 
PRO CD  HD2  sing N N 344 
PRO CD  HD3  sing N N 345 
PRO OXT HXT  sing N N 346 
SER N   CA   sing N N 347 
SER N   H    sing N N 348 
SER N   H2   sing N N 349 
SER CA  C    sing N N 350 
SER CA  CB   sing N N 351 
SER CA  HA   sing N N 352 
SER C   O    doub N N 353 
SER C   OXT  sing N N 354 
SER CB  OG   sing N N 355 
SER CB  HB2  sing N N 356 
SER CB  HB3  sing N N 357 
SER OG  HG   sing N N 358 
SER OXT HXT  sing N N 359 
THR N   CA   sing N N 360 
THR N   H    sing N N 361 
THR N   H2   sing N N 362 
THR CA  C    sing N N 363 
THR CA  CB   sing N N 364 
THR CA  HA   sing N N 365 
THR C   O    doub N N 366 
THR C   OXT  sing N N 367 
THR CB  OG1  sing N N 368 
THR CB  CG2  sing N N 369 
THR CB  HB   sing N N 370 
THR OG1 HG1  sing N N 371 
THR CG2 HG21 sing N N 372 
THR CG2 HG22 sing N N 373 
THR CG2 HG23 sing N N 374 
THR OXT HXT  sing N N 375 
TRP N   CA   sing N N 376 
TRP N   H    sing N N 377 
TRP N   H2   sing N N 378 
TRP CA  C    sing N N 379 
TRP CA  CB   sing N N 380 
TRP CA  HA   sing N N 381 
TRP C   O    doub N N 382 
TRP C   OXT  sing N N 383 
TRP CB  CG   sing N N 384 
TRP CB  HB2  sing N N 385 
TRP CB  HB3  sing N N 386 
TRP CG  CD1  doub Y N 387 
TRP CG  CD2  sing Y N 388 
TRP CD1 NE1  sing Y N 389 
TRP CD1 HD1  sing N N 390 
TRP CD2 CE2  doub Y N 391 
TRP CD2 CE3  sing Y N 392 
TRP NE1 CE2  sing Y N 393 
TRP NE1 HE1  sing N N 394 
TRP CE2 CZ2  sing Y N 395 
TRP CE3 CZ3  doub Y N 396 
TRP CE3 HE3  sing N N 397 
TRP CZ2 CH2  doub Y N 398 
TRP CZ2 HZ2  sing N N 399 
TRP CZ3 CH2  sing Y N 400 
TRP CZ3 HZ3  sing N N 401 
TRP CH2 HH2  sing N N 402 
TRP OXT HXT  sing N N 403 
TYR N   CA   sing N N 404 
TYR N   H    sing N N 405 
TYR N   H2   sing N N 406 
TYR CA  C    sing N N 407 
TYR CA  CB   sing N N 408 
TYR CA  HA   sing N N 409 
TYR C   O    doub N N 410 
TYR C   OXT  sing N N 411 
TYR CB  CG   sing N N 412 
TYR CB  HB2  sing N N 413 
TYR CB  HB3  sing N N 414 
TYR CG  CD1  doub Y N 415 
TYR CG  CD2  sing Y N 416 
TYR CD1 CE1  sing Y N 417 
TYR CD1 HD1  sing N N 418 
TYR CD2 CE2  doub Y N 419 
TYR CD2 HD2  sing N N 420 
TYR CE1 CZ   doub Y N 421 
TYR CE1 HE1  sing N N 422 
TYR CE2 CZ   sing Y N 423 
TYR CE2 HE2  sing N N 424 
TYR CZ  OH   sing N N 425 
TYR OH  HH   sing N N 426 
TYR OXT HXT  sing N N 427 
VAL N   CA   sing N N 428 
VAL N   H    sing N N 429 
VAL N   H2   sing N N 430 
VAL CA  C    sing N N 431 
VAL CA  CB   sing N N 432 
VAL CA  HA   sing N N 433 
VAL C   O    doub N N 434 
VAL C   OXT  sing N N 435 
VAL CB  CG1  sing N N 436 
VAL CB  CG2  sing N N 437 
VAL CB  HB   sing N N 438 
VAL CG1 HG11 sing N N 439 
VAL CG1 HG12 sing N N 440 
VAL CG1 HG13 sing N N 441 
VAL CG2 HG21 sing N N 442 
VAL CG2 HG22 sing N N 443 
VAL CG2 HG23 sing N N 444 
VAL OXT HXT  sing N N 445 
# 
_atom_sites.entry_id                    2GDM 
_atom_sites.fract_transf_matrix[1][1]   -0.00714363 
_atom_sites.fract_transf_matrix[1][2]   0.00162245 
_atom_sites.fract_transf_matrix[1][3]   -0.00801558 
_atom_sites.fract_transf_matrix[2][1]   0.01435720 
_atom_sites.fract_transf_matrix[2][2]   -0.00012660 
_atom_sites.fract_transf_matrix[2][3]   -0.01282102 
_atom_sites.fract_transf_matrix[3][1]   -0.00538394 
_atom_sites.fract_transf_matrix[3][2]   -0.02521256 
_atom_sites.fract_transf_matrix[3][3]   -0.00578007 
_atom_sites.fract_transf_vector[1]      0.284259 
_atom_sites.fract_transf_vector[2]      -0.575023 
_atom_sites.fract_transf_vector[3]      0.812077 
# 
loop_
_atom_type.symbol 
C  
FE 
N  
O  
S  
# 
loop_
_atom_site.group_PDB 
_atom_site.id 
_atom_site.type_symbol 
_atom_site.label_atom_id 
_atom_site.label_alt_id 
_atom_site.label_comp_id 
_atom_site.label_asym_id 
_atom_site.label_entity_id 
_atom_site.label_seq_id 
_atom_site.pdbx_PDB_ins_code 
_atom_site.Cartn_x 
_atom_site.Cartn_y 
_atom_site.Cartn_z 
_atom_site.occupancy 
_atom_site.B_iso_or_equiv 
_atom_site.pdbx_formal_charge 
_atom_site.auth_seq_id 
_atom_site.auth_comp_id 
_atom_site.auth_asym_id 
_atom_site.auth_atom_id 
_atom_site.pdbx_PDB_model_num 
ATOM   1    N  N   . GLY A 1 1   ? -6.232  -15.216 -4.888  1.00 33.45 ? 1   GLY A N   1 
ATOM   2    C  CA  . GLY A 1 1   ? -6.838  -16.279 -5.662  1.00 39.44 ? 1   GLY A CA  1 
ATOM   3    C  C   . GLY A 1 1   ? -6.382  -16.161 -7.124  1.00 42.25 ? 1   GLY A C   1 
ATOM   4    O  O   . GLY A 1 1   ? -5.457  -16.809 -7.645  1.00 45.36 ? 1   GLY A O   1 
ATOM   5    N  N   . ALA A 1 2   ? -7.172  -15.314 -7.762  1.00 43.87 ? 2   ALA A N   1 
ATOM   6    C  CA  . ALA A 1 2   ? -7.007  -14.903 -9.177  1.00 39.89 ? 2   ALA A CA  1 
ATOM   7    C  C   . ALA A 1 2   ? -5.636  -14.275 -9.384  1.00 37.55 ? 2   ALA A C   1 
ATOM   8    O  O   . ALA A 1 2   ? -4.555  -14.676 -8.920  1.00 35.54 ? 2   ALA A O   1 
ATOM   9    C  CB  . ALA A 1 2   ? -8.240  -14.054 -9.524  1.00 31.23 ? 2   ALA A CB  1 
ATOM   10   N  N   . LEU A 1 3   ? -5.462  -13.293 -10.151 1.00 38.08 ? 3   LEU A N   1 
ATOM   11   C  CA  . LEU A 1 3   ? -5.026  -12.251 -10.930 1.00 32.45 ? 3   LEU A CA  1 
ATOM   12   C  C   . LEU A 1 3   ? -4.692  -12.893 -12.342 1.00 29.32 ? 3   LEU A C   1 
ATOM   13   O  O   . LEU A 1 3   ? -3.715  -13.531 -12.567 1.00 25.66 ? 3   LEU A O   1 
ATOM   14   C  CB  . LEU A 1 3   ? -3.838  -11.399 -10.509 1.00 31.17 ? 3   LEU A CB  1 
ATOM   15   C  CG  . LEU A 1 3   ? -4.059  -10.830 -9.114  1.00 25.29 ? 3   LEU A CG  1 
ATOM   16   C  CD1 . LEU A 1 3   ? -3.450  -11.874 -8.207  1.00 32.12 ? 3   LEU A CD1 1 
ATOM   17   C  CD2 . LEU A 1 3   ? -3.343  -9.529  -9.034  1.00 27.32 ? 3   LEU A CD2 1 
ATOM   18   N  N   . THR A 1 4   ? -5.781  -12.676 -13.012 1.00 19.77 ? 4   THR A N   1 
ATOM   19   C  CA  . THR A 1 4   ? -5.942  -12.912 -14.413 1.00 19.51 ? 4   THR A CA  1 
ATOM   20   C  C   . THR A 1 4   ? -5.205  -11.787 -15.080 1.00 16.64 ? 4   THR A C   1 
ATOM   21   O  O   . THR A 1 4   ? -4.805  -10.835 -14.391 1.00 21.08 ? 4   THR A O   1 
ATOM   22   C  CB  . THR A 1 4   ? -7.475  -12.964 -14.633 1.00 17.20 ? 4   THR A CB  1 
ATOM   23   O  OG1 . THR A 1 4   ? -7.814  -11.554 -14.413 1.00 21.31 ? 4   THR A OG1 1 
ATOM   24   C  CG2 . THR A 1 4   ? -8.144  -13.918 -13.657 1.00 21.76 ? 4   THR A CG2 1 
ATOM   25   N  N   . GLU A 1 5   ? -5.118  -11.814 -16.344 1.00 15.29 ? 5   GLU A N   1 
ATOM   26   C  CA  . GLU A 1 5   ? -4.368  -10.761 -17.049 1.00 22.55 ? 5   GLU A CA  1 
ATOM   27   C  C   . GLU A 1 5   ? -5.223  -9.536  -17.047 1.00 20.15 ? 5   GLU A C   1 
ATOM   28   O  O   . GLU A 1 5   ? -4.659  -8.469  -16.898 1.00 16.94 ? 5   GLU A O   1 
ATOM   29   C  CB  . GLU A 1 5   ? -4.014  -11.256 -18.433 1.00 29.30 ? 5   GLU A CB  1 
ATOM   30   C  CG  . GLU A 1 5   ? -3.458  -10.235 -19.394 1.00 44.11 ? 5   GLU A CG  1 
ATOM   31   C  CD  . GLU A 1 5   ? -3.086  -10.795 -20.738 1.00 50.61 ? 5   GLU A CD  1 
ATOM   32   O  OE1 . GLU A 1 5   ? -3.920  -11.616 -21.154 1.00 53.59 ? 5   GLU A OE1 1 
ATOM   33   O  OE2 . GLU A 1 5   ? -2.061  -10.448 -21.315 1.00 57.55 ? 5   GLU A OE2 1 
ATOM   34   N  N   . SER A 1 6   ? -6.550  -9.636  -17.058 1.00 21.24 ? 6   SER A N   1 
ATOM   35   C  CA  . SER A 1 6   ? -7.383  -8.387  -17.013 1.00 15.98 ? 6   SER A CA  1 
ATOM   36   C  C   . SER A 1 6   ? -7.376  -7.855  -15.594 1.00 14.58 ? 6   SER A C   1 
ATOM   37   O  O   . SER A 1 6   ? -7.464  -6.601  -15.442 1.00 11.00 ? 6   SER A O   1 
ATOM   38   C  CB  . SER A 1 6   ? -8.747  -8.692  -17.578 1.00 19.51 ? 6   SER A CB  1 
ATOM   39   O  OG  . SER A 1 6   ? -9.629  -9.094  -16.541 1.00 21.93 ? 6   SER A OG  1 
ATOM   40   N  N   . GLN A 1 7   ? -7.271  -8.681  -14.565 1.00 10.12 ? 7   GLN A N   1 
ATOM   41   C  CA  . GLN A 1 7   ? -7.121  -8.084  -13.203 1.00 17.34 ? 7   GLN A CA  1 
ATOM   42   C  C   . GLN A 1 7   ? -5.800  -7.303  -13.125 1.00 14.08 ? 7   GLN A C   1 
ATOM   43   O  O   . GLN A 1 7   ? -5.798  -6.172  -12.537 1.00 11.82 ? 7   GLN A O   1 
ATOM   44   C  CB  . GLN A 1 7   ? -7.199  -9.090  -12.068 1.00 14.76 ? 7   GLN A CB  1 
ATOM   45   C  CG  . GLN A 1 7   ? -8.600  -9.524  -11.706 1.00 21.81 ? 7   GLN A CG  1 
ATOM   46   C  CD  . GLN A 1 7   ? -8.555  -10.761 -10.802 1.00 27.07 ? 7   GLN A CD  1 
ATOM   47   O  OE1 . GLN A 1 7   ? -7.912  -11.772 -11.153 1.00 24.26 ? 7   GLN A OE1 1 
ATOM   48   N  NE2 . GLN A 1 7   ? -9.207  -10.646 -9.636  1.00 27.27 ? 7   GLN A NE2 1 
ATOM   49   N  N   . ALA A 1 8   ? -4.697  -7.867  -13.590 1.00 10.27 ? 8   ALA A N   1 
ATOM   50   C  CA  . ALA A 1 8   ? -3.407  -7.165  -13.544 1.00 15.83 ? 8   ALA A CA  1 
ATOM   51   C  C   . ALA A 1 8   ? -3.549  -5.829  -14.326 1.00 15.21 ? 8   ALA A C   1 
ATOM   52   O  O   . ALA A 1 8   ? -3.134  -4.791  -13.770 1.00 12.44 ? 8   ALA A O   1 
ATOM   53   C  CB  . ALA A 1 8   ? -2.252  -8.001  -14.055 1.00 13.38 ? 8   ALA A CB  1 
ATOM   54   N  N   . ALA A 1 9   ? -4.075  -5.837  -15.518 1.00 10.95 ? 9   ALA A N   1 
ATOM   55   C  CA  . ALA A 1 9   ? -4.255  -4.648  -16.372 1.00 11.29 ? 9   ALA A CA  1 
ATOM   56   C  C   . ALA A 1 9   ? -5.001  -3.549  -15.631 1.00 12.98 ? 9   ALA A C   1 
ATOM   57   O  O   . ALA A 1 9   ? -4.638  -2.325  -15.682 1.00 13.15 ? 9   ALA A O   1 
ATOM   58   C  CB  . ALA A 1 9   ? -4.922  -5.140  -17.649 1.00 10.21 ? 9   ALA A CB  1 
ATOM   59   N  N   . LEU A 1 10  ? -6.002  -3.894  -14.815 1.00 11.91 ? 10  LEU A N   1 
ATOM   60   C  CA  . LEU A 1 10  ? -6.772  -2.940  -14.016 1.00 9.48  ? 10  LEU A CA  1 
ATOM   61   C  C   . LEU A 1 10  ? -5.923  -2.367  -12.886 1.00 6.33  ? 10  LEU A C   1 
ATOM   62   O  O   . LEU A 1 10  ? -6.140  -1.190  -12.551 1.00 10.05 ? 10  LEU A O   1 
ATOM   63   C  CB  . LEU A 1 10  ? -8.039  -3.611  -13.453 1.00 11.21 ? 10  LEU A CB  1 
ATOM   64   C  CG  . LEU A 1 10  ? -9.214  -3.822  -14.388 1.00 13.98 ? 10  LEU A CG  1 
ATOM   65   C  CD1 . LEU A 1 10  ? -10.294 -4.612  -13.636 1.00 17.52 ? 10  LEU A CD1 1 
ATOM   66   C  CD2 . LEU A 1 10  ? -9.778  -2.480  -14.839 1.00 16.93 ? 10  LEU A CD2 1 
ATOM   67   N  N   . VAL A 1 11  ? -5.137  -3.180  -12.243 1.00 8.53  ? 11  VAL A N   1 
ATOM   68   C  CA  . VAL A 1 11  ? -4.301  -2.660  -11.127 1.00 7.49  ? 11  VAL A CA  1 
ATOM   69   C  C   . VAL A 1 11  ? -3.368  -1.609  -11.808 1.00 10.95 ? 11  VAL A C   1 
ATOM   70   O  O   . VAL A 1 11  ? -3.255  -0.480  -11.272 1.00 9.08  ? 11  VAL A O   1 
ATOM   71   C  CB  . VAL A 1 11  ? -3.606  -3.733  -10.323 1.00 4.44  ? 11  VAL A CB  1 
ATOM   72   C  CG1 . VAL A 1 11  ? -2.541  -3.288  -9.329  1.00 6.44  ? 11  VAL A CG1 1 
ATOM   73   C  CG2 . VAL A 1 11  ? -4.618  -4.533  -9.490  1.00 7.08  ? 11  VAL A CG2 1 
ATOM   74   N  N   . LYS A 1 12  ? -2.812  -1.998  -12.942 1.00 9.51  ? 12  LYS A N   1 
ATOM   75   C  CA  . LYS A 1 12  ? -1.848  -1.120  -13.642 1.00 13.93 ? 12  LYS A CA  1 
ATOM   76   C  C   . LYS A 1 12  ? -2.461  0.190   -14.084 1.00 13.20 ? 12  LYS A C   1 
ATOM   77   O  O   . LYS A 1 12  ? -1.800  1.210   -13.950 1.00 13.16 ? 12  LYS A O   1 
ATOM   78   C  CB  . LYS A 1 12  ? -1.207  -1.823  -14.842 1.00 11.99 ? 12  LYS A CB  1 
ATOM   79   C  CG  . LYS A 1 12  ? -0.446  -0.887  -15.760 1.00 17.08 ? 12  LYS A CG  1 
ATOM   80   C  CD  . LYS A 1 12  ? 0.588   -1.624  -16.563 1.00 24.43 ? 12  LYS A CD  1 
ATOM   81   C  CE  . LYS A 1 12  ? 1.770   -0.760  -16.977 1.00 26.82 ? 12  LYS A CE  1 
ATOM   82   N  NZ  . LYS A 1 12  ? 1.447   -0.250  -18.349 1.00 33.84 ? 12  LYS A NZ  1 
ATOM   83   N  N   . SER A 1 13  ? -3.656  0.130   -14.575 1.00 14.78 ? 13  SER A N   1 
ATOM   84   C  CA  . SER A 1 13  ? -4.421  1.310   -15.036 1.00 15.20 ? 13  SER A CA  1 
ATOM   85   C  C   . SER A 1 13  ? -4.710  2.282   -13.925 1.00 12.17 ? 13  SER A C   1 
ATOM   86   O  O   . SER A 1 13  ? -4.445  3.545   -13.944 1.00 8.09  ? 13  SER A O   1 
ATOM   87   C  CB  . SER A 1 13  ? -5.717  0.701   -15.716 1.00 11.25 ? 13  SER A CB  1 
ATOM   88   O  OG  . SER A 1 13  ? -5.986  1.777   -16.607 1.00 31.22 ? 13  SER A OG  1 
ATOM   89   N  N   . SER A 1 14  ? -5.171  1.669   -12.805 1.00 8.84  ? 14  SER A N   1 
ATOM   90   C  CA  . SER A 1 14  ? -5.509  2.434   -11.575 1.00 5.87  ? 14  SER A CA  1 
ATOM   91   C  C   . SER A 1 14  ? -4.265  2.999   -10.934 1.00 7.69  ? 14  SER A C   1 
ATOM   92   O  O   . SER A 1 14  ? -4.318  4.134   -10.416 1.00 10.50 ? 14  SER A O   1 
ATOM   93   C  CB  . SER A 1 14  ? -6.335  1.509   -10.685 1.00 8.56  ? 14  SER A CB  1 
ATOM   94   O  OG  . SER A 1 14  ? -5.529  0.428   -10.307 1.00 8.26  ? 14  SER A OG  1 
ATOM   95   N  N   . TRP A 1 15  ? -3.138  2.301   -10.988 1.00 8.75  ? 15  TRP A N   1 
ATOM   96   C  CA  . TRP A 1 15  ? -1.900  2.786   -10.402 1.00 10.90 ? 15  TRP A CA  1 
ATOM   97   C  C   . TRP A 1 15  ? -1.432  4.004   -11.223 1.00 9.12  ? 15  TRP A C   1 
ATOM   98   O  O   . TRP A 1 15  ? -0.987  5.001   -10.657 1.00 10.20 ? 15  TRP A O   1 
ATOM   99   C  CB  . TRP A 1 15  ? -0.834  1.680   -10.296 1.00 5.98  ? 15  TRP A CB  1 
ATOM   100  C  CG  . TRP A 1 15  ? 0.445   2.241   -9.807  1.00 14.00 ? 15  TRP A CG  1 
ATOM   101  C  CD1 . TRP A 1 15  ? 0.781   2.661   -8.525  1.00 13.08 ? 15  TRP A CD1 1 
ATOM   102  C  CD2 . TRP A 1 15  ? 1.520   2.679   -10.667 1.00 18.92 ? 15  TRP A CD2 1 
ATOM   103  N  NE1 . TRP A 1 15  ? 2.012   3.274   -8.546  1.00 18.13 ? 15  TRP A NE1 1 
ATOM   104  C  CE2 . TRP A 1 15  ? 2.468   3.307   -9.843  1.00 18.59 ? 15  TRP A CE2 1 
ATOM   105  C  CE3 . TRP A 1 15  ? 1.737   2.582   -12.034 1.00 22.26 ? 15  TRP A CE3 1 
ATOM   106  C  CZ2 . TRP A 1 15  ? 3.658   3.794   -10.357 1.00 25.21 ? 15  TRP A CZ2 1 
ATOM   107  C  CZ3 . TRP A 1 15  ? 2.888   3.130   -12.559 1.00 28.44 ? 15  TRP A CZ3 1 
ATOM   108  C  CH2 . TRP A 1 15  ? 3.846   3.747   -11.730 1.00 27.17 ? 15  TRP A CH2 1 
ATOM   109  N  N   . GLU A 1 16  ? -1.556  3.921   -12.535 1.00 11.30 ? 16  GLU A N   1 
ATOM   110  C  CA  . GLU A 1 16  ? -1.132  5.103   -13.364 1.00 9.65  ? 16  GLU A CA  1 
ATOM   111  C  C   . GLU A 1 16  ? -1.872  6.348   -12.972 1.00 12.25 ? 16  GLU A C   1 
ATOM   112  O  O   . GLU A 1 16  ? -1.402  7.516   -12.951 1.00 14.35 ? 16  GLU A O   1 
ATOM   113  C  CB  . GLU A 1 16  ? -1.336  4.709   -14.848 1.00 8.49  ? 16  GLU A CB  1 
ATOM   114  C  CG  . GLU A 1 16  ? -0.287  3.650   -15.249 1.00 13.87 ? 16  GLU A CG  1 
ATOM   115  C  CD  . GLU A 1 16  ? -0.413  3.057   -16.602 1.00 20.97 ? 16  GLU A CD  1 
ATOM   116  O  OE1 . GLU A 1 16  ? -1.425  2.912   -17.295 1.00 20.68 ? 16  GLU A OE1 1 
ATOM   117  O  OE2 . GLU A 1 16  ? 0.721   2.620   -16.880 1.00 26.04 ? 16  GLU A OE2 1 
ATOM   118  N  N   . GLU A 1 17  ? -3.180  6.182   -12.811 1.00 11.18 ? 17  GLU A N   1 
ATOM   119  C  CA  . GLU A 1 17  ? -4.109  7.255   -12.434 1.00 8.52  ? 17  GLU A CA  1 
ATOM   120  C  C   . GLU A 1 17  ? -3.749  7.808   -11.075 1.00 11.91 ? 17  GLU A C   1 
ATOM   121  O  O   . GLU A 1 17  ? -3.679  9.047   -10.892 1.00 10.59 ? 17  GLU A O   1 
ATOM   122  C  CB  . GLU A 1 17  ? -5.532  6.709   -12.481 1.00 10.59 ? 17  GLU A CB  1 
ATOM   123  C  CG  . GLU A 1 17  ? -6.593  7.754   -12.676 1.00 21.23 ? 17  GLU A CG  1 
ATOM   124  C  CD  . GLU A 1 17  ? -8.022  7.312   -12.963 1.00 22.11 ? 17  GLU A CD  1 
ATOM   125  O  OE1 . GLU A 1 17  ? -8.072  6.115   -13.344 1.00 26.15 ? 17  GLU A OE1 1 
ATOM   126  O  OE2 . GLU A 1 17  ? -8.911  8.157   -12.820 1.00 23.70 ? 17  GLU A OE2 1 
ATOM   127  N  N   . PHE A 1 18  ? -3.380  6.966   -10.124 1.00 7.73  ? 18  PHE A N   1 
ATOM   128  C  CA  . PHE A 1 18  ? -2.961  7.330   -8.787  1.00 7.44  ? 18  PHE A CA  1 
ATOM   129  C  C   . PHE A 1 18  ? -1.745  8.211   -8.904  1.00 10.05 ? 18  PHE A C   1 
ATOM   130  O  O   . PHE A 1 18  ? -1.576  9.265   -8.260  1.00 12.40 ? 18  PHE A O   1 
ATOM   131  C  CB  . PHE A 1 18  ? -2.619  6.097   -7.906  1.00 10.16 ? 18  PHE A CB  1 
ATOM   132  C  CG  . PHE A 1 18  ? -1.921  6.383   -6.577  1.00 10.86 ? 18  PHE A CG  1 
ATOM   133  C  CD1 . PHE A 1 18  ? -2.687  6.711   -5.436  1.00 4.46  ? 18  PHE A CD1 1 
ATOM   134  C  CD2 . PHE A 1 18  ? -0.529  6.395   -6.437  1.00 9.49  ? 18  PHE A CD2 1 
ATOM   135  C  CE1 . PHE A 1 18  ? -2.017  6.945   -4.217  1.00 7.06  ? 18  PHE A CE1 1 
ATOM   136  C  CE2 . PHE A 1 18  ? 0.140   6.632   -5.254  1.00 2.93  ? 18  PHE A CE2 1 
ATOM   137  C  CZ  . PHE A 1 18  ? -0.630  6.925   -4.115  1.00 10.75 ? 18  PHE A CZ  1 
ATOM   138  N  N   . ASN A 1 19  ? -0.816  7.739   -9.688  1.00 11.69 ? 19  ASN A N   1 
ATOM   139  C  CA  . ASN A 1 19  ? 0.522   8.359   -9.895  1.00 11.69 ? 19  ASN A CA  1 
ATOM   140  C  C   . ASN A 1 19  ? 0.484   9.642   -10.678 1.00 14.02 ? 19  ASN A C   1 
ATOM   141  O  O   . ASN A 1 19  ? 1.545   10.364  -10.735 1.00 17.24 ? 19  ASN A O   1 
ATOM   142  C  CB  . ASN A 1 19  ? 1.364   7.309   -10.597 1.00 16.81 ? 19  ASN A CB  1 
ATOM   143  C  CG  . ASN A 1 19  ? 2.835   7.468   -10.423 1.00 24.13 ? 19  ASN A CG  1 
ATOM   144  O  OD1 . ASN A 1 19  ? 3.396   7.495   -9.316  1.00 26.66 ? 19  ASN A OD1 1 
ATOM   145  N  ND2 . ASN A 1 19  ? 3.502   7.540   -11.590 1.00 29.55 ? 19  ASN A ND2 1 
ATOM   146  N  N   . ALA A 1 20  ? -0.612  9.950   -11.326 1.00 12.30 ? 20  ALA A N   1 
ATOM   147  C  CA  . ALA A 1 20  ? -0.805  11.179  -12.062 1.00 12.15 ? 20  ALA A CA  1 
ATOM   148  C  C   . ALA A 1 20  ? -0.957  12.323  -11.071 1.00 17.60 ? 20  ALA A C   1 
ATOM   149  O  O   . ALA A 1 20  ? -0.953  13.500  -11.512 1.00 16.98 ? 20  ALA A O   1 
ATOM   150  C  CB  . ALA A 1 20  ? -2.043  11.070  -12.962 1.00 11.77 ? 20  ALA A CB  1 
ATOM   151  N  N   . ASN A 1 21  ? -1.389  12.040  -9.828  1.00 11.91 ? 21  ASN A N   1 
ATOM   152  C  CA  . ASN A 1 21  ? -1.500  13.196  -8.887  1.00 12.06 ? 21  ASN A CA  1 
ATOM   153  C  C   . ASN A 1 21  ? -1.035  12.727  -7.520  1.00 9.43  ? 21  ASN A C   1 
ATOM   154  O  O   . ASN A 1 21  ? -1.873  12.607  -6.589  1.00 8.05  ? 21  ASN A O   1 
ATOM   155  C  CB  . ASN A 1 21  ? -2.897  13.780  -8.806  1.00 10.40 ? 21  ASN A CB  1 
ATOM   156  C  CG  . ASN A 1 21  ? -2.888  15.187  -8.278  1.00 8.79  ? 21  ASN A CG  1 
ATOM   157  O  OD1 . ASN A 1 21  ? -3.880  15.874  -8.605  1.00 20.32 ? 21  ASN A OD1 1 
ATOM   158  N  ND2 . ASN A 1 21  ? -1.953  15.520  -7.482  1.00 6.36  ? 21  ASN A ND2 1 
ATOM   159  N  N   . ILE A 1 22  ? 0.265   12.610  -7.431  1.00 3.16  ? 22  ILE A N   1 
ATOM   160  C  CA  . ILE A 1 22  ? 0.893   12.128  -6.251  1.00 6.24  ? 22  ILE A CA  1 
ATOM   161  C  C   . ILE A 1 22  ? 0.573   13.085  -5.113  1.00 6.79  ? 22  ILE A C   1 
ATOM   162  O  O   . ILE A 1 22  ? 0.212   12.534  -4.077  1.00 6.59  ? 22  ILE A O   1 
ATOM   163  C  CB  . ILE A 1 22  ? 2.489   11.911  -6.360  1.00 7.23  ? 22  ILE A CB  1 
ATOM   164  C  CG1 . ILE A 1 22  ? 2.832   10.642  -7.184  1.00 11.93 ? 22  ILE A CG1 1 
ATOM   165  C  CG2 . ILE A 1 22  ? 3.225   11.936  -5.001  1.00 4.18  ? 22  ILE A CG2 1 
ATOM   166  C  CD1 . ILE A 1 22  ? 2.427   9.267   -6.552  1.00 13.22 ? 22  ILE A CD1 1 
ATOM   167  N  N   . PRO A 1 23  ? 0.735   14.391  -5.210  1.00 8.30  ? 23  PRO A N   1 
ATOM   168  C  CA  . PRO A 1 23  ? 0.488   15.273  -4.034  1.00 11.63 ? 23  PRO A CA  1 
ATOM   169  C  C   . PRO A 1 23  ? -0.907  15.105  -3.492  1.00 10.54 ? 23  PRO A C   1 
ATOM   170  O  O   . PRO A 1 23  ? -1.066  14.904  -2.265  1.00 12.84 ? 23  PRO A O   1 
ATOM   171  C  CB  . PRO A 1 23  ? 0.861   16.679  -4.529  1.00 13.47 ? 23  PRO A CB  1 
ATOM   172  C  CG  . PRO A 1 23  ? 1.844   16.401  -5.666  1.00 11.81 ? 23  PRO A CG  1 
ATOM   173  C  CD  . PRO A 1 23  ? 1.181   15.185  -6.371  1.00 6.43  ? 23  PRO A CD  1 
ATOM   174  N  N   . LYS A 1 24  ? -1.941  15.016  -4.349  1.00 13.19 ? 24  LYS A N   1 
ATOM   175  C  CA  . LYS A 1 24  ? -3.323  14.859  -3.926  1.00 12.60 ? 24  LYS A CA  1 
ATOM   176  C  C   . LYS A 1 24  ? -3.600  13.480  -3.267  1.00 11.08 ? 24  LYS A C   1 
ATOM   177  O  O   . LYS A 1 24  ? -4.081  13.421  -2.090  1.00 11.65 ? 24  LYS A O   1 
ATOM   178  C  CB  . LYS A 1 24  ? -4.363  15.018  -5.052  1.00 13.41 ? 24  LYS A CB  1 
ATOM   179  C  CG  . LYS A 1 24  ? -5.756  14.703  -4.415  1.00 20.00 ? 24  LYS A CG  1 
ATOM   180  C  CD  . LYS A 1 24  ? -6.845  15.520  -4.973  1.00 29.40 ? 24  LYS A CD  1 
ATOM   181  C  CE  . LYS A 1 24  ? -7.334  15.044  -6.327  1.00 34.82 ? 24  LYS A CE  1 
ATOM   182  N  NZ  . LYS A 1 24  ? -6.167  14.509  -7.111  1.00 41.22 ? 24  LYS A NZ  1 
ATOM   183  N  N   . HIS A 1 25  ? -3.395  12.442  -4.019  1.00 9.32  ? 25  HIS A N   1 
ATOM   184  C  CA  . HIS A 1 25  ? -3.669  11.059  -3.606  1.00 6.64  ? 25  HIS A CA  1 
ATOM   185  C  C   . HIS A 1 25  ? -2.805  10.581  -2.481  1.00 7.00  ? 25  HIS A C   1 
ATOM   186  O  O   . HIS A 1 25  ? -3.369  9.787   -1.617  1.00 7.15  ? 25  HIS A O   1 
ATOM   187  C  CB  . HIS A 1 25  ? -3.538  10.079  -4.827  1.00 3.78  ? 25  HIS A CB  1 
ATOM   188  C  CG  . HIS A 1 25  ? -4.314  10.553  -5.985  1.00 8.07  ? 25  HIS A CG  1 
ATOM   189  N  ND1 . HIS A 1 25  ? -5.555  11.184  -5.909  1.00 11.01 ? 25  HIS A ND1 1 
ATOM   190  C  CD2 . HIS A 1 25  ? -4.066  10.392  -7.316  1.00 7.92  ? 25  HIS A CD2 1 
ATOM   191  C  CE1 . HIS A 1 25  ? -5.999  11.456  -7.146  1.00 6.58  ? 25  HIS A CE1 1 
ATOM   192  N  NE2 . HIS A 1 25  ? -5.137  10.937  -7.986  1.00 11.70 ? 25  HIS A NE2 1 
ATOM   193  N  N   . THR A 1 26  ? -1.574  11.022  -2.223  1.00 3.84  ? 26  THR A N   1 
ATOM   194  C  CA  . THR A 1 26  ? -0.806  10.498  -1.066  1.00 4.89  ? 26  THR A CA  1 
ATOM   195  C  C   . THR A 1 26  ? -1.303  11.111  0.223   1.00 2.66  ? 26  THR A C   1 
ATOM   196  O  O   . THR A 1 26  ? -1.294  10.497  1.308   1.00 5.56  ? 26  THR A O   1 
ATOM   197  C  CB  . THR A 1 26  ? 0.778   10.621  -1.295  1.00 8.70  ? 26  THR A CB  1 
ATOM   198  O  OG1 . THR A 1 26  ? 1.157   12.020  -1.456  1.00 8.95  ? 26  THR A OG1 1 
ATOM   199  C  CG2 . THR A 1 26  ? 1.141   9.697   -2.514  1.00 7.45  ? 26  THR A CG2 1 
ATOM   200  N  N   . HIS A 1 27  ? -1.673  12.385  0.122   1.00 6.86  ? 27  HIS A N   1 
ATOM   201  C  CA  . HIS A 1 27  ? -2.229  13.152  1.235   1.00 8.28  ? 27  HIS A CA  1 
ATOM   202  C  C   . HIS A 1 27  ? -3.548  12.479  1.650   1.00 8.13  ? 27  HIS A C   1 
ATOM   203  O  O   . HIS A 1 27  ? -3.834  12.288  2.836   1.00 8.92  ? 27  HIS A O   1 
ATOM   204  C  CB  . HIS A 1 27  ? -2.466  14.616  0.814   1.00 10.91 ? 27  HIS A CB  1 
ATOM   205  C  CG  . HIS A 1 27  ? -3.296  15.408  1.772   1.00 9.30  ? 27  HIS A CG  1 
ATOM   206  N  ND1 . HIS A 1 27  ? -2.827  15.925  2.943   1.00 13.26 ? 27  HIS A ND1 1 
ATOM   207  C  CD2 . HIS A 1 27  ? -4.584  15.821  1.627   1.00 7.01  ? 27  HIS A CD2 1 
ATOM   208  C  CE1 . HIS A 1 27  ? -3.809  16.622  3.529   1.00 10.27 ? 27  HIS A CE1 1 
ATOM   209  N  NE2 . HIS A 1 27  ? -4.825  16.585  2.716   1.00 13.90 ? 27  HIS A NE2 1 
ATOM   210  N  N   . ARG A 1 28  ? -4.359  12.229  0.592   1.00 8.26  ? 28  ARG A N   1 
ATOM   211  C  CA  . ARG A 1 28  ? -5.629  11.546  0.834   1.00 9.05  ? 28  ARG A CA  1 
ATOM   212  C  C   . ARG A 1 28  ? -5.372  10.204  1.544   1.00 9.26  ? 28  ARG A C   1 
ATOM   213  O  O   . ARG A 1 28  ? -6.101  9.900   2.492   1.00 7.22  ? 28  ARG A O   1 
ATOM   214  C  CB  . ARG A 1 28  ? -6.366  11.416  -0.466  1.00 13.03 ? 28  ARG A CB  1 
ATOM   215  C  CG  . ARG A 1 28  ? -7.758  10.823  -0.226  1.00 19.76 ? 28  ARG A CG  1 
ATOM   216  C  CD  . ARG A 1 28  ? -8.569  11.755  0.651   1.00 28.31 ? 28  ARG A CD  1 
ATOM   217  N  NE  . ARG A 1 28  ? -9.818  11.170  1.015   1.00 32.36 ? 28  ARG A NE  1 
ATOM   218  C  CZ  . ARG A 1 28  ? -10.711 11.156  1.959   1.00 33.62 ? 28  ARG A CZ  1 
ATOM   219  N  NH1 . ARG A 1 28  ? -10.585 11.825  3.115   1.00 35.22 ? 28  ARG A NH1 1 
ATOM   220  N  NH2 . ARG A 1 28  ? -11.857 10.450  1.780   1.00 33.86 ? 28  ARG A NH2 1 
ATOM   221  N  N   . PHE A 1 29  ? -4.472  9.357   1.058   1.00 5.49  ? 29  PHE A N   1 
ATOM   222  C  CA  . PHE A 1 29  ? -4.125  8.079   1.682   1.00 5.49  ? 29  PHE A CA  1 
ATOM   223  C  C   . PHE A 1 29  ? -3.848  8.219   3.154   1.00 5.86  ? 29  PHE A C   1 
ATOM   224  O  O   . PHE A 1 29  ? -4.412  7.452   3.979   1.00 5.98  ? 29  PHE A O   1 
ATOM   225  C  CB  . PHE A 1 29  ? -2.935  7.439   0.871   1.00 6.51  ? 29  PHE A CB  1 
ATOM   226  C  CG  . PHE A 1 29  ? -2.306  6.299   1.596   1.00 8.19  ? 29  PHE A CG  1 
ATOM   227  C  CD1 . PHE A 1 29  ? -3.021  5.027   1.747   1.00 5.96  ? 29  PHE A CD1 1 
ATOM   228  C  CD2 . PHE A 1 29  ? -1.008  6.460   2.094   1.00 6.76  ? 29  PHE A CD2 1 
ATOM   229  C  CE1 . PHE A 1 29  ? -2.404  4.018   2.474   1.00 2.13  ? 29  PHE A CE1 1 
ATOM   230  C  CE2 . PHE A 1 29  ? -0.384  5.446   2.809   1.00 6.17  ? 29  PHE A CE2 1 
ATOM   231  C  CZ  . PHE A 1 29  ? -1.115  4.158   2.969   1.00 8.17  ? 29  PHE A CZ  1 
ATOM   232  N  N   . PHE A 1 30  ? -2.943  9.107   3.587   1.00 5.46  ? 30  PHE A N   1 
ATOM   233  C  CA  . PHE A 1 30  ? -2.647  9.335   5.023   1.00 6.94  ? 30  PHE A CA  1 
ATOM   234  C  C   . PHE A 1 30  ? -3.831  9.868   5.817   1.00 4.06  ? 30  PHE A C   1 
ATOM   235  O  O   . PHE A 1 30  ? -3.921  9.442   6.970   1.00 10.20 ? 30  PHE A O   1 
ATOM   236  C  CB  . PHE A 1 30  ? -1.373  10.218  5.183   1.00 3.31  ? 30  PHE A CB  1 
ATOM   237  C  CG  . PHE A 1 30  ? -0.173  9.298   5.159   1.00 4.95  ? 30  PHE A CG  1 
ATOM   238  C  CD1 . PHE A 1 30  ? -0.016  8.337   6.210   1.00 7.02  ? 30  PHE A CD1 1 
ATOM   239  C  CD2 . PHE A 1 30  ? 0.705   9.300   4.051   1.00 2.14  ? 30  PHE A CD2 1 
ATOM   240  C  CE1 . PHE A 1 30  ? 1.068   7.452   6.273   1.00 11.03 ? 30  PHE A CE1 1 
ATOM   241  C  CE2 . PHE A 1 30  ? 1.803   8.413   4.129   1.00 4.70  ? 30  PHE A CE2 1 
ATOM   242  C  CZ  . PHE A 1 30  ? 1.979   7.515   5.187   1.00 9.71  ? 30  PHE A CZ  1 
ATOM   243  N  N   . ILE A 1 31  ? -4.725  10.685  5.310   1.00 5.95  ? 31  ILE A N   1 
ATOM   244  C  CA  . ILE A 1 31  ? -5.954  11.109  5.948   1.00 7.88  ? 31  ILE A CA  1 
ATOM   245  C  C   . ILE A 1 31  ? -6.793  9.842   6.279   1.00 6.66  ? 31  ILE A C   1 
ATOM   246  O  O   . ILE A 1 31  ? -7.279  9.761   7.413   1.00 5.74  ? 31  ILE A O   1 
ATOM   247  C  CB  . ILE A 1 31  ? -6.834  12.085  5.106   1.00 11.19 ? 31  ILE A CB  1 
ATOM   248  C  CG1 . ILE A 1 31  ? -6.109  13.437  4.843   1.00 17.45 ? 31  ILE A CG1 1 
ATOM   249  C  CG2 . ILE A 1 31  ? -8.263  12.348  5.718   1.00 12.80 ? 31  ILE A CG2 1 
ATOM   250  C  CD1 . ILE A 1 31  ? -5.883  14.142  6.228   1.00 21.64 ? 31  ILE A CD1 1 
ATOM   251  N  N   . LEU A 1 32  ? -6.938  8.946   5.343   1.00 7.57  ? 32  LEU A N   1 
ATOM   252  C  CA  . LEU A 1 32  ? -7.762  7.701   5.496   1.00 9.69  ? 32  LEU A CA  1 
ATOM   253  C  C   . LEU A 1 32  ? -7.126  6.751   6.480   1.00 12.03 ? 32  LEU A C   1 
ATOM   254  O  O   . LEU A 1 32  ? -7.852  6.179   7.304   1.00 12.39 ? 32  LEU A O   1 
ATOM   255  C  CB  . LEU A 1 32  ? -8.022  7.050   4.131   1.00 9.97  ? 32  LEU A CB  1 
ATOM   256  C  CG  . LEU A 1 32  ? -8.809  7.794   3.105   1.00 12.02 ? 32  LEU A CG  1 
ATOM   257  C  CD1 . LEU A 1 32  ? -8.733  7.075   1.767   1.00 9.47  ? 32  LEU A CD1 1 
ATOM   258  C  CD2 . LEU A 1 32  ? -10.265 7.881   3.597   1.00 13.36 ? 32  LEU A CD2 1 
ATOM   259  N  N   . VAL A 1 33  ? -5.789  6.665   6.551   1.00 8.24  ? 33  VAL A N   1 
ATOM   260  C  CA  . VAL A 1 33  ? -5.114  5.837   7.553   1.00 5.24  ? 33  VAL A CA  1 
ATOM   261  C  C   . VAL A 1 33  ? -5.556  6.305   8.915   1.00 6.75  ? 33  VAL A C   1 
ATOM   262  O  O   . VAL A 1 33  ? -5.820  5.443   9.713   1.00 7.84  ? 33  VAL A O   1 
ATOM   263  C  CB  . VAL A 1 33  ? -3.541  5.842   7.412   1.00 7.59  ? 33  VAL A CB  1 
ATOM   264  C  CG1 . VAL A 1 33  ? -2.777  5.240   8.559   1.00 10.06 ? 33  VAL A CG1 1 
ATOM   265  C  CG2 . VAL A 1 33  ? -3.112  5.186   6.059   1.00 6.22  ? 33  VAL A CG2 1 
ATOM   266  N  N   . LEU A 1 34  ? -5.425  7.637   9.181   1.00 7.71  ? 34  LEU A N   1 
ATOM   267  C  CA  . LEU A 1 34  ? -5.738  8.173   10.507  1.00 7.15  ? 34  LEU A CA  1 
ATOM   268  C  C   . LEU A 1 34  ? -7.219  8.130   10.819  1.00 10.21 ? 34  LEU A C   1 
ATOM   269  O  O   . LEU A 1 34  ? -7.594  8.176   11.990  1.00 9.05  ? 34  LEU A O   1 
ATOM   270  C  CB  . LEU A 1 34  ? -5.138  9.579   10.536  1.00 10.62 ? 34  LEU A CB  1 
ATOM   271  C  CG  . LEU A 1 34  ? -3.618  9.653   10.425  1.00 11.21 ? 34  LEU A CG  1 
ATOM   272  C  CD1 . LEU A 1 34  ? -3.292  11.154  10.706  1.00 13.87 ? 34  LEU A CD1 1 
ATOM   273  C  CD2 . LEU A 1 34  ? -2.920  8.676   11.324  1.00 13.53 ? 34  LEU A CD2 1 
ATOM   274  N  N   . GLU A 1 35  ? -8.108  8.159   9.826   1.00 10.26 ? 35  GLU A N   1 
ATOM   275  C  CA  . GLU A 1 35  ? -9.534  8.006   10.125  1.00 13.58 ? 35  GLU A CA  1 
ATOM   276  C  C   . GLU A 1 35  ? -9.819  6.577   10.593  1.00 10.73 ? 35  GLU A C   1 
ATOM   277  O  O   . GLU A 1 35  ? -10.645 6.467   11.491  1.00 13.53 ? 35  GLU A O   1 
ATOM   278  C  CB  . GLU A 1 35  ? -10.410 8.268   8.929   1.00 12.85 ? 35  GLU A CB  1 
ATOM   279  C  CG  A GLU A 1 35  ? -10.032 9.703   8.396   0.50 15.92 ? 35  GLU A CG  1 
ATOM   280  C  CG  B GLU A 1 35  ? -10.702 9.710   8.522   0.50 16.49 ? 35  GLU A CG  1 
ATOM   281  C  CD  A GLU A 1 35  ? -11.168 10.419  7.769   0.50 15.01 ? 35  GLU A CD  1 
ATOM   282  C  CD  B GLU A 1 35  ? -11.683 9.765   7.369   0.50 18.81 ? 35  GLU A CD  1 
ATOM   283  O  OE1 A GLU A 1 35  ? -11.892 9.641   7.085   0.50 19.90 ? 35  GLU A OE1 1 
ATOM   284  O  OE1 B GLU A 1 35  ? -12.400 8.731   7.247   0.50 20.54 ? 35  GLU A OE1 1 
ATOM   285  O  OE2 A GLU A 1 35  ? -11.384 11.610  7.932   0.50 20.94 ? 35  GLU A OE2 1 
ATOM   286  O  OE2 B GLU A 1 35  ? -11.727 10.743  6.641   0.50 18.61 ? 35  GLU A OE2 1 
ATOM   287  N  N   . ILE A 1 36  ? -9.071  5.613   10.067  1.00 7.80  ? 36  ILE A N   1 
ATOM   288  C  CA  . ILE A 1 36  ? -9.300  4.187   10.494  1.00 9.63  ? 36  ILE A CA  1 
ATOM   289  C  C   . ILE A 1 36  ? -8.707  3.931   11.871  1.00 9.61  ? 36  ILE A C   1 
ATOM   290  O  O   . ILE A 1 36  ? -9.220  3.261   12.797  1.00 7.76  ? 36  ILE A O   1 
ATOM   291  C  CB  . ILE A 1 36  ? -8.760  3.235   9.400   1.00 7.55  ? 36  ILE A CB  1 
ATOM   292  C  CG1 . ILE A 1 36  ? -9.581  3.395   8.072   1.00 8.70  ? 36  ILE A CG1 1 
ATOM   293  C  CG2 . ILE A 1 36  ? -8.722  1.738   9.891   1.00 9.86  ? 36  ILE A CG2 1 
ATOM   294  C  CD1 . ILE A 1 36  ? -8.756  2.888   6.844   1.00 11.38 ? 36  ILE A CD1 1 
ATOM   295  N  N   . ALA A 1 37  ? -7.469  4.497   12.033  1.00 4.25  ? 37  ALA A N   1 
ATOM   296  C  CA  . ALA A 1 37  ? -6.735  4.246   13.245  1.00 6.56  ? 37  ALA A CA  1 
ATOM   297  C  C   . ALA A 1 37  ? -5.928  5.475   13.644  1.00 6.06  ? 37  ALA A C   1 
ATOM   298  O  O   . ALA A 1 37  ? -4.730  5.587   13.341  1.00 10.12 ? 37  ALA A O   1 
ATOM   299  C  CB  . ALA A 1 37  ? -5.744  3.010   13.164  1.00 7.39  ? 37  ALA A CB  1 
ATOM   300  N  N   . PRO A 1 38  ? -6.564  6.360   14.373  1.00 8.95  ? 38  PRO A N   1 
ATOM   301  C  CA  . PRO A 1 38  ? -5.839  7.599   14.768  1.00 9.00  ? 38  PRO A CA  1 
ATOM   302  C  C   . PRO A 1 38  ? -4.530  7.326   15.448  1.00 11.93 ? 38  PRO A C   1 
ATOM   303  O  O   . PRO A 1 38  ? -3.609  8.162   15.352  1.00 10.54 ? 38  PRO A O   1 
ATOM   304  C  CB  . PRO A 1 38  ? -6.811  8.323   15.658  1.00 8.99  ? 38  PRO A CB  1 
ATOM   305  C  CG  . PRO A 1 38  ? -8.122  7.620   15.578  1.00 8.09  ? 38  PRO A CG  1 
ATOM   306  C  CD  . PRO A 1 38  ? -7.962  6.337   14.785  1.00 7.69  ? 38  PRO A CD  1 
ATOM   307  N  N   . ALA A 1 39  ? -4.387  6.250   16.237  1.00 9.31  ? 39  ALA A N   1 
ATOM   308  C  CA  . ALA A 1 39  ? -3.148  5.968   16.986  1.00 11.18 ? 39  ALA A CA  1 
ATOM   309  C  C   . ALA A 1 39  ? -1.945  5.724   16.078  1.00 10.22 ? 39  ALA A C   1 
ATOM   310  O  O   . ALA A 1 39  ? -0.796  5.800   16.568  1.00 11.21 ? 39  ALA A O   1 
ATOM   311  C  CB  . ALA A 1 39  ? -3.379  4.758   17.897  1.00 7.13  ? 39  ALA A CB  1 
ATOM   312  N  N   . ALA A 1 40  ? -2.162  5.386   14.813  1.00 7.70  ? 40  ALA A N   1 
ATOM   313  C  CA  . ALA A 1 40  ? -1.078  5.089   13.852  1.00 9.06  ? 40  ALA A CA  1 
ATOM   314  C  C   . ALA A 1 40  ? -0.186  6.287   13.515  1.00 9.87  ? 40  ALA A C   1 
ATOM   315  O  O   . ALA A 1 40  ? 0.955   6.178   13.050  1.00 9.79  ? 40  ALA A O   1 
ATOM   316  C  CB  . ALA A 1 40  ? -1.733  4.574   12.571  1.00 12.47 ? 40  ALA A CB  1 
ATOM   317  N  N   . LYS A 1 41  ? -0.675  7.495   13.720  1.00 13.69 ? 41  LYS A N   1 
ATOM   318  C  CA  . LYS A 1 41  ? -0.051  8.791   13.531  1.00 14.16 ? 41  LYS A CA  1 
ATOM   319  C  C   . LYS A 1 41  ? 1.361   8.801   14.088  1.00 12.52 ? 41  LYS A C   1 
ATOM   320  O  O   . LYS A 1 41  ? 2.369   9.099   13.360  1.00 12.38 ? 41  LYS A O   1 
ATOM   321  C  CB  . LYS A 1 41  ? -0.909  9.931   14.163  1.00 15.96 ? 41  LYS A CB  1 
ATOM   322  C  CG  . LYS A 1 41  ? -0.232  11.273  13.759  1.00 15.89 ? 41  LYS A CG  1 
ATOM   323  C  CD  . LYS A 1 41  ? -0.964  12.425  14.423  1.00 21.70 ? 41  LYS A CD  1 
ATOM   324  C  CE  . LYS A 1 41  ? -0.255  13.762  14.110  1.00 26.63 ? 41  LYS A CE  1 
ATOM   325  N  NZ  . LYS A 1 41  ? -1.177  14.818  14.632  1.00 24.61 ? 41  LYS A NZ  1 
ATOM   326  N  N   . ASP A 1 42  ? 1.466   8.233   15.270  1.00 12.59 ? 42  ASP A N   1 
ATOM   327  C  CA  . ASP A 1 42  ? 2.761   8.205   15.944  1.00 18.81 ? 42  ASP A CA  1 
ATOM   328  C  C   . ASP A 1 42  ? 3.811   7.372   15.269  1.00 15.67 ? 42  ASP A C   1 
ATOM   329  O  O   . ASP A 1 42  ? 4.972   7.588   15.685  1.00 13.57 ? 42  ASP A O   1 
ATOM   330  C  CB  . ASP A 1 42  ? 2.562   7.716   17.409  1.00 28.05 ? 42  ASP A CB  1 
ATOM   331  C  CG  . ASP A 1 42  ? 1.586   8.727   18.061  1.00 37.47 ? 42  ASP A CG  1 
ATOM   332  O  OD1 . ASP A 1 42  ? 2.097   9.882   18.195  1.00 37.62 ? 42  ASP A OD1 1 
ATOM   333  O  OD2 . ASP A 1 42  ? 0.425   8.340   18.301  1.00 39.95 ? 42  ASP A OD2 1 
ATOM   334  N  N   . LEU A 1 43  ? 3.509   6.461   14.402  1.00 9.96  ? 43  LEU A N   1 
ATOM   335  C  CA  . LEU A 1 43  ? 4.582   5.677   13.784  1.00 11.62 ? 43  LEU A CA  1 
ATOM   336  C  C   . LEU A 1 43  ? 5.327   6.414   12.676  1.00 7.44  ? 43  LEU A C   1 
ATOM   337  O  O   . LEU A 1 43  ? 6.365   5.839   12.416  1.00 11.44 ? 43  LEU A O   1 
ATOM   338  C  CB  . LEU A 1 43  ? 4.012   4.365   13.146  1.00 12.25 ? 43  LEU A CB  1 
ATOM   339  C  CG  . LEU A 1 43  ? 3.197   3.458   14.043  1.00 17.80 ? 43  LEU A CG  1 
ATOM   340  C  CD1 . LEU A 1 43  ? 2.241   2.594   13.216  1.00 20.23 ? 43  LEU A CD1 1 
ATOM   341  C  CD2 . LEU A 1 43  ? 4.160   2.596   14.825  1.00 19.20 ? 43  LEU A CD2 1 
ATOM   342  N  N   . PHE A 1 44  ? 4.774   7.453   12.089  1.00 5.76  ? 44  PHE A N   1 
ATOM   343  C  CA  . PHE A 1 44  ? 5.290   8.097   10.887  1.00 9.86  ? 44  PHE A CA  1 
ATOM   344  C  C   . PHE A 1 44  ? 5.975   9.437   11.274  1.00 13.72 ? 44  PHE A C   1 
ATOM   345  O  O   . PHE A 1 44  ? 5.309   10.377  11.667  1.00 13.25 ? 44  PHE A O   1 
ATOM   346  C  CB  . PHE A 1 44  ? 4.198   8.304   9.839   1.00 8.81  ? 44  PHE A CB  1 
ATOM   347  C  CG  . PHE A 1 44  ? 3.524   6.991   9.402   1.00 10.88 ? 44  PHE A CG  1 
ATOM   348  C  CD1 . PHE A 1 44  ? 4.059   6.222   8.369   1.00 9.58  ? 44  PHE A CD1 1 
ATOM   349  C  CD2 . PHE A 1 44  ? 2.339   6.570   9.997   1.00 5.18  ? 44  PHE A CD2 1 
ATOM   350  C  CE1 . PHE A 1 44  ? 3.481   4.959   7.989   1.00 8.97  ? 44  PHE A CE1 1 
ATOM   351  C  CE2 . PHE A 1 44  ? 1.724   5.392   9.633   1.00 10.29 ? 44  PHE A CE2 1 
ATOM   352  C  CZ  . PHE A 1 44  ? 2.304   4.578   8.661   1.00 11.33 ? 44  PHE A CZ  1 
ATOM   353  N  N   . SER A 1 45  ? 7.256   9.489   11.025  1.00 14.08 ? 45  SER A N   1 
ATOM   354  C  CA  . SER A 1 45  ? 8.118   10.628  11.365  1.00 17.30 ? 45  SER A CA  1 
ATOM   355  C  C   . SER A 1 45  ? 7.592   11.906  10.780  1.00 13.44 ? 45  SER A C   1 
ATOM   356  O  O   . SER A 1 45  ? 7.624   12.927  11.501  1.00 19.87 ? 45  SER A O   1 
ATOM   357  C  CB  . SER A 1 45  ? 9.573   10.409  10.905  1.00 18.90 ? 45  SER A CB  1 
ATOM   358  O  OG  . SER A 1 45  ? 9.688   9.899   9.565   1.00 25.61 ? 45  SER A OG  1 
ATOM   359  N  N   . PHE A 1 46  ? 7.091   11.883  9.571   1.00 12.14 ? 46  PHE A N   1 
ATOM   360  C  CA  . PHE A 1 46  ? 6.640   13.115  8.901   1.00 10.30 ? 46  PHE A CA  1 
ATOM   361  C  C   . PHE A 1 46  ? 5.264   13.534  9.429   1.00 14.10 ? 46  PHE A C   1 
ATOM   362  O  O   . PHE A 1 46  ? 4.806   14.546  8.930   1.00 14.70 ? 46  PHE A O   1 
ATOM   363  C  CB  . PHE A 1 46  ? 6.625   12.911  7.410   1.00 11.67 ? 46  PHE A CB  1 
ATOM   364  C  CG  . PHE A 1 46  ? 6.061   11.585  6.937   1.00 12.73 ? 46  PHE A CG  1 
ATOM   365  C  CD1 . PHE A 1 46  ? 4.698   11.412  6.766   1.00 10.85 ? 46  PHE A CD1 1 
ATOM   366  C  CD2 . PHE A 1 46  ? 6.963   10.545  6.604   1.00 14.02 ? 46  PHE A CD2 1 
ATOM   367  C  CE1 . PHE A 1 46  ? 4.184   10.156  6.274   1.00 6.97  ? 46  PHE A CE1 1 
ATOM   368  C  CE2 . PHE A 1 46  ? 6.509   9.334   6.119   1.00 14.78 ? 46  PHE A CE2 1 
ATOM   369  C  CZ  . PHE A 1 46  ? 5.124   9.160   5.980   1.00 9.02  ? 46  PHE A CZ  1 
ATOM   370  N  N   . LEU A 1 47  ? 4.566   12.763  10.269  1.00 16.34 ? 47  LEU A N   1 
ATOM   371  C  CA  . LEU A 1 47  ? 3.269   13.104  10.780  1.00 16.41 ? 47  LEU A CA  1 
ATOM   372  C  C   . LEU A 1 47  ? 3.372   13.559  12.265  1.00 20.93 ? 47  LEU A C   1 
ATOM   373  O  O   . LEU A 1 47  ? 2.711   14.502  12.685  1.00 19.31 ? 47  LEU A O   1 
ATOM   374  C  CB  . LEU A 1 47  ? 2.254   11.951  10.711  1.00 15.40 ? 47  LEU A CB  1 
ATOM   375  C  CG  . LEU A 1 47  ? 1.876   11.422  9.361   1.00 18.26 ? 47  LEU A CG  1 
ATOM   376  C  CD1 . LEU A 1 47  ? 0.865   10.242  9.529   1.00 23.01 ? 47  LEU A CD1 1 
ATOM   377  C  CD2 . LEU A 1 47  ? 1.245   12.519  8.515   1.00 20.70 ? 47  LEU A CD2 1 
ATOM   378  N  N   . LYS A 1 48  ? 4.039   12.674  12.949  1.00 31.30 ? 48  LYS A N   1 
ATOM   379  C  CA  . LYS A 1 48  ? 4.242   12.858  14.409  1.00 43.09 ? 48  LYS A CA  1 
ATOM   380  C  C   . LYS A 1 48  ? 4.439   14.361  14.637  1.00 42.79 ? 48  LYS A C   1 
ATOM   381  O  O   . LYS A 1 48  ? 5.153   15.029  13.874  1.00 47.65 ? 48  LYS A O   1 
ATOM   382  C  CB  . LYS A 1 48  ? 5.396   12.062  14.953  1.00 44.01 ? 48  LYS A CB  1 
ATOM   383  C  CG  . LYS A 1 48  ? 5.432   10.568  14.594  1.00 46.80 ? 48  LYS A CG  1 
ATOM   384  C  CD  . LYS A 1 48  ? 6.645   9.983   15.351  1.00 52.08 ? 48  LYS A CD  1 
ATOM   385  C  CE  . LYS A 1 48  ? 7.296   8.798   14.652  1.00 50.70 ? 48  LYS A CE  1 
ATOM   386  N  NZ  . LYS A 1 48  ? 8.182   8.077   15.626  1.00 51.46 ? 48  LYS A NZ  1 
ATOM   387  N  N   . GLY A 1 49  ? 3.708   14.893  15.597  1.00 43.73 ? 49  GLY A N   1 
ATOM   388  C  CA  . GLY A 1 49  ? 3.764   16.299  15.924  1.00 42.22 ? 49  GLY A CA  1 
ATOM   389  C  C   . GLY A 1 49  ? 2.980   17.249  15.073  1.00 41.99 ? 49  GLY A C   1 
ATOM   390  O  O   . GLY A 1 49  ? 2.951   18.462  15.472  1.00 48.51 ? 49  GLY A O   1 
ATOM   391  N  N   . THR A 1 50  ? 2.379   16.871  13.967  1.00 37.45 ? 50  THR A N   1 
ATOM   392  C  CA  . THR A 1 50  ? 1.626   17.789  13.111  1.00 36.10 ? 50  THR A CA  1 
ATOM   393  C  C   . THR A 1 50  ? 0.207   17.962  13.637  1.00 38.48 ? 50  THR A C   1 
ATOM   394  O  O   . THR A 1 50  ? -0.337  17.164  14.416  1.00 41.04 ? 50  THR A O   1 
ATOM   395  C  CB  . THR A 1 50  ? 1.572   17.362  11.582  1.00 34.86 ? 50  THR A CB  1 
ATOM   396  O  OG1 . THR A 1 50  ? 0.735   16.171  11.608  1.00 32.53 ? 50  THR A OG1 1 
ATOM   397  C  CG2 . THR A 1 50  ? 2.884   17.054  10.858  1.00 31.34 ? 50  THR A CG2 1 
ATOM   398  N  N   . SER A 1 51  ? -0.440  18.997  13.136  1.00 41.98 ? 51  SER A N   1 
ATOM   399  C  CA  . SER A 1 51  ? -1.847  19.259  13.450  1.00 43.56 ? 51  SER A CA  1 
ATOM   400  C  C   . SER A 1 51  ? -2.707  18.550  12.400  1.00 43.82 ? 51  SER A C   1 
ATOM   401  O  O   . SER A 1 51  ? -3.640  17.834  12.779  1.00 45.44 ? 51  SER A O   1 
ATOM   402  C  CB  . SER A 1 51  ? -2.177  20.733  13.485  1.00 47.73 ? 51  SER A CB  1 
ATOM   403  O  OG  . SER A 1 51  ? -3.481  20.887  14.064  1.00 54.71 ? 51  SER A OG  1 
ATOM   404  N  N   . GLU A 1 52  ? -2.338  18.790  11.144  1.00 39.07 ? 52  GLU A N   1 
ATOM   405  C  CA  . GLU A 1 52  ? -3.028  18.158  9.997   1.00 36.12 ? 52  GLU A CA  1 
ATOM   406  C  C   . GLU A 1 52  ? -1.990  17.405  9.160   1.00 29.78 ? 52  GLU A C   1 
ATOM   407  O  O   . GLU A 1 52  ? -0.787  17.642  9.366   1.00 28.72 ? 52  GLU A O   1 
ATOM   408  C  CB  . GLU A 1 52  ? -3.773  19.110  9.082   1.00 39.30 ? 52  GLU A CB  1 
ATOM   409  C  CG  . GLU A 1 52  ? -4.495  20.303  9.731   1.00 46.14 ? 52  GLU A CG  1 
ATOM   410  C  CD  . GLU A 1 52  ? -4.320  21.557  8.906   1.00 53.19 ? 52  GLU A CD  1 
ATOM   411  O  OE1 . GLU A 1 52  ? -4.747  21.612  7.758   1.00 57.75 ? 52  GLU A OE1 1 
ATOM   412  O  OE2 . GLU A 1 52  ? -3.673  22.489  9.435   1.00 54.56 ? 52  GLU A OE2 1 
ATOM   413  N  N   . VAL A 1 53  ? -2.486  16.486  8.316   1.00 23.01 ? 53  VAL A N   1 
ATOM   414  C  CA  . VAL A 1 53  ? -1.576  15.770  7.431   1.00 18.83 ? 53  VAL A CA  1 
ATOM   415  C  C   . VAL A 1 53  ? -1.027  16.824  6.455   1.00 11.94 ? 53  VAL A C   1 
ATOM   416  O  O   . VAL A 1 53  ? -1.854  17.517  5.791   1.00 11.74 ? 53  VAL A O   1 
ATOM   417  C  CB  . VAL A 1 53  ? -2.270  14.551  6.739   1.00 20.04 ? 53  VAL A CB  1 
ATOM   418  C  CG1 . VAL A 1 53  ? -1.434  13.887  5.673   1.00 13.45 ? 53  VAL A CG1 1 
ATOM   419  C  CG2 . VAL A 1 53  ? -2.760  13.540  7.782   1.00 14.97 ? 53  VAL A CG2 1 
ATOM   420  N  N   . PRO A 1 54  ? 0.315   16.928  6.399   1.00 12.94 ? 54  PRO A N   1 
ATOM   421  C  CA  . PRO A 1 54  ? 0.945   17.903  5.447   1.00 11.47 ? 54  PRO A CA  1 
ATOM   422  C  C   . PRO A 1 54  ? 0.530   17.569  4.031   1.00 15.59 ? 54  PRO A C   1 
ATOM   423  O  O   . PRO A 1 54  ? 0.234   16.422  3.607   1.00 14.78 ? 54  PRO A O   1 
ATOM   424  C  CB  . PRO A 1 54  ? 2.397   17.824  5.769   1.00 11.80 ? 54  PRO A CB  1 
ATOM   425  C  CG  . PRO A 1 54  ? 2.622   16.575  6.593   1.00 12.84 ? 54  PRO A CG  1 
ATOM   426  C  CD  . PRO A 1 54  ? 1.287   16.134  7.141   1.00 11.60 ? 54  PRO A CD  1 
ATOM   427  N  N   . GLN A 1 55  ? 0.315   18.592  3.194   1.00 12.35 ? 55  GLN A N   1 
ATOM   428  C  CA  . GLN A 1 55  ? -0.106  18.536  1.824   1.00 16.72 ? 55  GLN A CA  1 
ATOM   429  C  C   . GLN A 1 55  ? 1.060   18.613  0.859   1.00 14.78 ? 55  GLN A C   1 
ATOM   430  O  O   . GLN A 1 55  ? 0.871   18.053  -0.269  1.00 15.20 ? 55  GLN A O   1 
ATOM   431  C  CB  . GLN A 1 55  ? -1.095  19.686  1.557   1.00 20.54 ? 55  GLN A CB  1 
ATOM   432  C  CG  . GLN A 1 55  ? -1.910  19.919  2.831   1.00 31.66 ? 55  GLN A CG  1 
ATOM   433  C  CD  . GLN A 1 55  ? -3.380  20.081  2.640   1.00 38.36 ? 55  GLN A CD  1 
ATOM   434  O  OE1 . GLN A 1 55  ? -4.026  19.575  1.700   1.00 42.20 ? 55  GLN A OE1 1 
ATOM   435  N  NE2 . GLN A 1 55  ? -3.967  20.838  3.579   1.00 43.37 ? 55  GLN A NE2 1 
ATOM   436  N  N   . ASN A 1 56  ? 2.187   19.214  1.198   1.00 6.35  ? 56  ASN A N   1 
ATOM   437  C  CA  . ASN A 1 56  ? 3.287   19.332  0.221   1.00 7.78  ? 56  ASN A CA  1 
ATOM   438  C  C   . ASN A 1 56  ? 4.596   18.862  0.819   1.00 10.34 ? 56  ASN A C   1 
ATOM   439  O  O   . ASN A 1 56  ? 5.663   19.539  0.663   1.00 14.93 ? 56  ASN A O   1 
ATOM   440  C  CB  . ASN A 1 56  ? 3.370   20.773  -0.331  1.00 8.47  ? 56  ASN A CB  1 
ATOM   441  C  CG  . ASN A 1 56  ? 2.135   21.169  -1.070  1.00 15.15 ? 56  ASN A CG  1 
ATOM   442  O  OD1 . ASN A 1 56  ? 1.231   21.927  -0.602  1.00 12.55 ? 56  ASN A OD1 1 
ATOM   443  N  ND2 . ASN A 1 56  ? 2.027   20.579  -2.292  1.00 13.47 ? 56  ASN A ND2 1 
ATOM   444  N  N   . ASN A 1 57  ? 4.603   17.712  1.440   1.00 7.86  ? 57  ASN A N   1 
ATOM   445  C  CA  . ASN A 1 57  ? 5.743   17.127  2.102   1.00 7.88  ? 57  ASN A CA  1 
ATOM   446  C  C   . ASN A 1 57  ? 6.357   16.043  1.213   1.00 8.95  ? 57  ASN A C   1 
ATOM   447  O  O   . ASN A 1 57  ? 5.665   15.016  0.967   1.00 6.60  ? 57  ASN A O   1 
ATOM   448  C  CB  . ASN A 1 57  ? 5.202   16.619  3.478   1.00 9.78  ? 57  ASN A CB  1 
ATOM   449  C  CG  . ASN A 1 57  ? 6.360   16.124  4.334   1.00 8.70  ? 57  ASN A CG  1 
ATOM   450  O  OD1 . ASN A 1 57  ? 6.967   15.098  3.987   1.00 10.41 ? 57  ASN A OD1 1 
ATOM   451  N  ND2 . ASN A 1 57  ? 6.735   16.867  5.366   1.00 9.09  ? 57  ASN A ND2 1 
ATOM   452  N  N   . PRO A 1 58  ? 7.574   16.173  0.781   1.00 5.39  ? 58  PRO A N   1 
ATOM   453  C  CA  . PRO A 1 58  ? 8.216   15.227  -0.143  1.00 9.66  ? 58  PRO A CA  1 
ATOM   454  C  C   . PRO A 1 58  ? 8.497   13.866  0.443   1.00 9.23  ? 58  PRO A C   1 
ATOM   455  O  O   . PRO A 1 58  ? 8.580   12.841  -0.276  1.00 9.74  ? 58  PRO A O   1 
ATOM   456  C  CB  . PRO A 1 58  ? 9.490   15.992  -0.610  1.00 7.36  ? 58  PRO A CB  1 
ATOM   457  C  CG  . PRO A 1 58  ? 9.746   16.976  0.509   1.00 6.54  ? 58  PRO A CG  1 
ATOM   458  C  CD  . PRO A 1 58  ? 8.403   17.420  1.008   1.00 7.86  ? 58  PRO A CD  1 
ATOM   459  N  N   . GLU A 1 59  ? 8.700   13.794  1.764   1.00 8.37  ? 59  GLU A N   1 
ATOM   460  C  CA  . GLU A 1 59  ? 8.931   12.550  2.510   1.00 9.60  ? 59  GLU A CA  1 
ATOM   461  C  C   . GLU A 1 59  ? 7.609   11.766  2.513   1.00 8.75  ? 59  GLU A C   1 
ATOM   462  O  O   . GLU A 1 59  ? 7.650   10.578  2.176   1.00 8.91  ? 59  GLU A O   1 
ATOM   463  C  CB  . GLU A 1 59  ? 9.338   12.653  3.931   1.00 9.79  ? 59  GLU A CB  1 
ATOM   464  C  CG  . GLU A 1 59  ? 10.747  12.794  4.414   1.00 24.79 ? 59  GLU A CG  1 
ATOM   465  C  CD  . GLU A 1 59  ? 10.899  12.472  5.898   1.00 28.35 ? 59  GLU A CD  1 
ATOM   466  O  OE1 . GLU A 1 59  ? 11.083  11.364  6.404   1.00 29.72 ? 59  GLU A OE1 1 
ATOM   467  O  OE2 . GLU A 1 59  ? 10.729  13.503  6.596   1.00 33.20 ? 59  GLU A OE2 1 
ATOM   468  N  N   . LEU A 1 60  ? 6.529   12.399  2.887   1.00 8.69  ? 60  LEU A N   1 
ATOM   469  C  CA  . LEU A 1 60  ? 5.230   11.761  2.855   1.00 5.85  ? 60  LEU A CA  1 
ATOM   470  C  C   . LEU A 1 60  ? 4.958   11.219  1.443   1.00 11.34 ? 60  LEU A C   1 
ATOM   471  O  O   . LEU A 1 60  ? 4.545   10.040  1.318   1.00 7.37  ? 60  LEU A O   1 
ATOM   472  C  CB  . LEU A 1 60  ? 4.099   12.729  3.244   1.00 5.46  ? 60  LEU A CB  1 
ATOM   473  C  CG  . LEU A 1 60  ? 2.680   12.172  3.300   1.00 2.19  ? 60  LEU A CG  1 
ATOM   474  C  CD1 . LEU A 1 60  ? 1.924   12.908  4.425   1.00 6.73  ? 60  LEU A CD1 1 
ATOM   475  C  CD2 . LEU A 1 60  ? 1.964   12.314  1.959   1.00 2.45  ? 60  LEU A CD2 1 
ATOM   476  N  N   . GLN A 1 61  ? 5.101   12.113  0.461   1.00 12.23 ? 61  GLN A N   1 
ATOM   477  C  CA  . GLN A 1 61  ? 4.872   11.782  -0.956  1.00 9.18  ? 61  GLN A CA  1 
ATOM   478  C  C   . GLN A 1 61  ? 5.738   10.626  -1.443  1.00 13.84 ? 61  GLN A C   1 
ATOM   479  O  O   . GLN A 1 61  ? 5.087   9.660   -1.995  1.00 9.34  ? 61  GLN A O   1 
ATOM   480  C  CB  . GLN A 1 61  ? 5.019   13.030  -1.819  1.00 6.76  ? 61  GLN A CB  1 
ATOM   481  C  CG  . GLN A 1 61  ? 3.883   14.006  -1.567  1.00 6.24  ? 61  GLN A CG  1 
ATOM   482  C  CD  . GLN A 1 61  ? 4.134   15.354  -2.209  1.00 12.65 ? 61  GLN A CD  1 
ATOM   483  O  OE1 . GLN A 1 61  ? 3.299   16.289  -2.159  1.00 13.36 ? 61  GLN A OE1 1 
ATOM   484  N  NE2 . GLN A 1 61  ? 5.138   15.385  -3.091  1.00 5.87  ? 61  GLN A NE2 1 
ATOM   485  N  N   . ALA A 1 62  ? 7.027   10.645  -1.254  1.00 9.46  ? 62  ALA A N   1 
ATOM   486  C  CA  . ALA A 1 62  ? 7.844   9.494   -1.674  1.00 13.65 ? 62  ALA A CA  1 
ATOM   487  C  C   . ALA A 1 62  ? 7.450   8.205   -0.934  1.00 12.82 ? 62  ALA A C   1 
ATOM   488  O  O   . ALA A 1 62  ? 7.486   7.101   -1.535  1.00 13.83 ? 62  ALA A O   1 
ATOM   489  C  CB  . ALA A 1 62  ? 9.293   9.857   -1.424  1.00 13.39 ? 62  ALA A CB  1 
ATOM   490  N  N   . HIS A 1 63  ? 7.122   8.225   0.346   1.00 8.60  ? 63  HIS A N   1 
ATOM   491  C  CA  . HIS A 1 63  ? 6.795   7.051   1.150   1.00 7.96  ? 63  HIS A CA  1 
ATOM   492  C  C   . HIS A 1 63  ? 5.543   6.343   0.617   1.00 10.43 ? 63  HIS A C   1 
ATOM   493  O  O   . HIS A 1 63  ? 5.527   5.141   0.214   1.00 8.51  ? 63  HIS A O   1 
ATOM   494  C  CB  . HIS A 1 63  ? 6.607   7.475   2.623   1.00 8.50  ? 63  HIS A CB  1 
ATOM   495  C  CG  . HIS A 1 63  ? 6.212   6.352   3.532   1.00 11.21 ? 63  HIS A CG  1 
ATOM   496  N  ND1 . HIS A 1 63  ? 6.921   5.946   4.623   1.00 13.69 ? 63  HIS A ND1 1 
ATOM   497  C  CD2 . HIS A 1 63  ? 5.118   5.527   3.484   1.00 14.30 ? 63  HIS A CD2 1 
ATOM   498  C  CE1 . HIS A 1 63  ? 6.290   4.875   5.155   1.00 18.26 ? 63  HIS A CE1 1 
ATOM   499  N  NE2 . HIS A 1 63  ? 5.191   4.641   4.502   1.00 13.54 ? 63  HIS A NE2 1 
ATOM   500  N  N   . ALA A 1 64  ? 4.405   7.089   0.609   1.00 9.56  ? 64  ALA A N   1 
ATOM   501  C  CA  . ALA A 1 64  ? 3.161   6.556   0.076   1.00 10.58 ? 64  ALA A CA  1 
ATOM   502  C  C   . ALA A 1 64  ? 3.303   6.189   -1.412  1.00 10.04 ? 64  ALA A C   1 
ATOM   503  O  O   . ALA A 1 64  ? 2.710   5.160   -1.816  1.00 9.14  ? 64  ALA A O   1 
ATOM   504  C  CB  . ALA A 1 64  ? 2.034   7.565   0.325   1.00 9.14  ? 64  ALA A CB  1 
ATOM   505  N  N   . GLY A 1 65  ? 3.996   6.889   -2.271  1.00 7.83  ? 65  GLY A N   1 
ATOM   506  C  CA  . GLY A 1 65  ? 4.215   6.531   -3.684  1.00 11.01 ? 65  GLY A CA  1 
ATOM   507  C  C   . GLY A 1 65  ? 4.859   5.097   -3.725  1.00 7.99  ? 65  GLY A C   1 
ATOM   508  O  O   . GLY A 1 65  ? 4.363   4.255   -4.490  1.00 7.21  ? 65  GLY A O   1 
ATOM   509  N  N   . LYS A 1 66  ? 5.875   4.798   -2.989  1.00 10.04 ? 66  LYS A N   1 
ATOM   510  C  CA  . LYS A 1 66  ? 6.577   3.555   -2.865  1.00 10.37 ? 66  LYS A CA  1 
ATOM   511  C  C   . LYS A 1 66  ? 5.649   2.455   -2.381  1.00 13.48 ? 66  LYS A C   1 
ATOM   512  O  O   . LYS A 1 66  ? 5.725   1.320   -2.960  1.00 15.65 ? 66  LYS A O   1 
ATOM   513  C  CB  . LYS A 1 66  ? 7.784   3.530   -1.886  1.00 15.55 ? 66  LYS A CB  1 
ATOM   514  C  CG  . LYS A 1 66  ? 8.815   4.518   -2.495  1.00 21.48 ? 66  LYS A CG  1 
ATOM   515  C  CD  . LYS A 1 66  ? 9.677   5.110   -1.366  1.00 25.99 ? 66  LYS A CD  1 
ATOM   516  C  CE  . LYS A 1 66  ? 10.659  4.078   -0.890  1.00 32.62 ? 66  LYS A CE  1 
ATOM   517  N  NZ  . LYS A 1 66  ? 11.650  4.637   0.062   1.00 39.78 ? 66  LYS A NZ  1 
ATOM   518  N  N   . VAL A 1 67  ? 4.802   2.765   -1.447  1.00 9.43  ? 67  VAL A N   1 
ATOM   519  C  CA  . VAL A 1 67  ? 3.835   1.768   -0.958  1.00 8.20  ? 67  VAL A CA  1 
ATOM   520  C  C   . VAL A 1 67  ? 2.937   1.280   -2.094  1.00 7.95  ? 67  VAL A C   1 
ATOM   521  O  O   . VAL A 1 67  ? 2.756   0.035   -2.387  1.00 7.48  ? 67  VAL A O   1 
ATOM   522  C  CB  . VAL A 1 67  ? 3.080   2.329   0.276   1.00 14.16 ? 67  VAL A CB  1 
ATOM   523  C  CG1 . VAL A 1 67  ? 1.895   1.365   0.604   1.00 16.04 ? 67  VAL A CG1 1 
ATOM   524  C  CG2 . VAL A 1 67  ? 3.936   2.582   1.503   1.00 8.34  ? 67  VAL A CG2 1 
ATOM   525  N  N   . PHE A 1 68  ? 2.353   2.213   -2.793  1.00 8.19  ? 68  PHE A N   1 
ATOM   526  C  CA  . PHE A 1 68  ? 1.421   1.906   -3.897  1.00 8.25  ? 68  PHE A CA  1 
ATOM   527  C  C   . PHE A 1 68  ? 2.169   1.174   -5.020  1.00 10.29 ? 68  PHE A C   1 
ATOM   528  O  O   . PHE A 1 68  ? 1.576   0.250   -5.659  1.00 8.99  ? 68  PHE A O   1 
ATOM   529  C  CB  . PHE A 1 68  ? 0.642   3.158   -4.385  1.00 6.66  ? 68  PHE A CB  1 
ATOM   530  C  CG  . PHE A 1 68  ? -0.562  3.479   -3.515  1.00 5.63  ? 68  PHE A CG  1 
ATOM   531  C  CD1 . PHE A 1 68  ? -0.350  4.168   -2.305  1.00 7.87  ? 68  PHE A CD1 1 
ATOM   532  C  CD2 . PHE A 1 68  ? -1.825  3.161   -3.891  1.00 8.38  ? 68  PHE A CD2 1 
ATOM   533  C  CE1 . PHE A 1 68  ? -1.447  4.523   -1.508  1.00 5.70  ? 68  PHE A CE1 1 
ATOM   534  C  CE2 . PHE A 1 68  ? -2.975  3.487   -3.115  1.00 7.84  ? 68  PHE A CE2 1 
ATOM   535  C  CZ  . PHE A 1 68  ? -2.760  4.185   -1.939  1.00 7.23  ? 68  PHE A CZ  1 
ATOM   536  N  N   . LYS A 1 69  ? 3.351   1.547   -5.393  1.00 8.92  ? 69  LYS A N   1 
ATOM   537  C  CA  . LYS A 1 69  ? 4.103   0.960   -6.473  1.00 13.48 ? 69  LYS A CA  1 
ATOM   538  C  C   . LYS A 1 69  ? 4.505   -0.502  -6.188  1.00 7.47  ? 69  LYS A C   1 
ATOM   539  O  O   . LYS A 1 69  ? 4.491   -1.285  -7.184  1.00 8.07  ? 69  LYS A O   1 
ATOM   540  C  CB  . LYS A 1 69  ? 5.425   1.732   -6.849  1.00 14.91 ? 69  LYS A CB  1 
ATOM   541  C  CG  . LYS A 1 69  ? 5.878   1.091   -8.194  1.00 18.54 ? 69  LYS A CG  1 
ATOM   542  C  CD  . LYS A 1 69  ? 7.202   1.623   -8.636  1.00 28.62 ? 69  LYS A CD  1 
ATOM   543  C  CE  . LYS A 1 69  ? 7.072   2.000   -10.135 1.00 31.91 ? 69  LYS A CE  1 
ATOM   544  N  NZ  . LYS A 1 69  ? 8.045   3.094   -10.371 1.00 37.38 ? 69  LYS A NZ  1 
ATOM   545  N  N   . LEU A 1 70  ? 4.824   -0.813  -4.949  1.00 3.62  ? 70  LEU A N   1 
ATOM   546  C  CA  . LEU A 1 70  ? 5.177   -2.178  -4.540  1.00 5.44  ? 70  LEU A CA  1 
ATOM   547  C  C   . LEU A 1 70  ? 3.956   -3.083  -4.586  1.00 6.30  ? 70  LEU A C   1 
ATOM   548  O  O   . LEU A 1 70  ? 4.100   -4.186  -5.159  1.00 7.82  ? 70  LEU A O   1 
ATOM   549  C  CB  . LEU A 1 70  ? 5.788   -2.258  -3.133  1.00 7.93  ? 70  LEU A CB  1 
ATOM   550  C  CG  . LEU A 1 70  ? 7.195   -1.672  -3.092  1.00 11.37 ? 70  LEU A CG  1 
ATOM   551  C  CD1 . LEU A 1 70  ? 7.489   -1.409  -1.609  1.00 10.04 ? 70  LEU A CD1 1 
ATOM   552  C  CD2 . LEU A 1 70  ? 8.147   -2.635  -3.719  1.00 13.03 ? 70  LEU A CD2 1 
ATOM   553  N  N   . VAL A 1 71  ? 2.795   -2.525  -4.185  1.00 5.53  ? 71  VAL A N   1 
ATOM   554  C  CA  . VAL A 1 71  ? 1.587   -3.377  -4.273  1.00 5.99  ? 71  VAL A CA  1 
ATOM   555  C  C   . VAL A 1 71  ? 1.273   -3.605  -5.753  1.00 7.14  ? 71  VAL A C   1 
ATOM   556  O  O   . VAL A 1 71  ? 0.863   -4.751  -6.140  1.00 6.58  ? 71  VAL A O   1 
ATOM   557  C  CB  . VAL A 1 71  ? 0.389   -2.851  -3.449  1.00 5.50  ? 71  VAL A CB  1 
ATOM   558  C  CG1 . VAL A 1 71  ? -0.902  -3.695  -3.775  1.00 5.86  ? 71  VAL A CG1 1 
ATOM   559  C  CG2 . VAL A 1 71  ? 0.661   -2.804  -1.966  1.00 5.78  ? 71  VAL A CG2 1 
ATOM   560  N  N   . TYR A 1 72  ? 1.340   -2.584  -6.612  1.00 3.03  ? 72  TYR A N   1 
ATOM   561  C  CA  . TYR A 1 72  ? 1.099   -2.758  -8.044  1.00 4.48  ? 72  TYR A CA  1 
ATOM   562  C  C   . TYR A 1 72  ? 2.071   -3.745  -8.669  1.00 8.95  ? 72  TYR A C   1 
ATOM   563  O  O   . TYR A 1 72  ? 1.769   -4.599  -9.561  1.00 8.54  ? 72  TYR A O   1 
ATOM   564  C  CB  . TYR A 1 72  ? 1.179   -1.348  -8.639  1.00 8.52  ? 72  TYR A CB  1 
ATOM   565  C  CG  . TYR A 1 72  ? 1.707   -1.257  -10.044 1.00 12.92 ? 72  TYR A CG  1 
ATOM   566  C  CD1 . TYR A 1 72  ? 1.044   -1.966  -11.059 1.00 15.80 ? 72  TYR A CD1 1 
ATOM   567  C  CD2 . TYR A 1 72  ? 2.911   -0.663  -10.339 1.00 12.86 ? 72  TYR A CD2 1 
ATOM   568  C  CE1 . TYR A 1 72  ? 1.526   -2.031  -12.374 1.00 14.37 ? 72  TYR A CE1 1 
ATOM   569  C  CE2 . TYR A 1 72  ? 3.398   -0.702  -11.644 1.00 18.34 ? 72  TYR A CE2 1 
ATOM   570  C  CZ  . TYR A 1 72  ? 2.708   -1.382  -12.640 1.00 15.62 ? 72  TYR A CZ  1 
ATOM   571  O  OH  . TYR A 1 72  ? 3.100   -1.367  -13.919 1.00 24.30 ? 72  TYR A OH  1 
ATOM   572  N  N   . GLU A 1 73  ? 3.331   -3.658  -8.302  1.00 8.13  ? 73  GLU A N   1 
ATOM   573  C  CA  . GLU A 1 73  ? 4.379   -4.521  -8.845  1.00 8.97  ? 73  GLU A CA  1 
ATOM   574  C  C   . GLU A 1 73  ? 4.148   -5.925  -8.342  1.00 11.48 ? 73  GLU A C   1 
ATOM   575  O  O   . GLU A 1 73  ? 4.433   -6.859  -9.142  1.00 8.67  ? 73  GLU A O   1 
ATOM   576  C  CB  . GLU A 1 73  ? 5.782   -4.040  -8.486  1.00 11.12 ? 73  GLU A CB  1 
ATOM   577  C  CG  . GLU A 1 73  ? 6.269   -2.873  -9.289  1.00 15.70 ? 73  GLU A CG  1 
ATOM   578  C  CD  . GLU A 1 73  ? 7.607   -2.275  -8.837  1.00 21.83 ? 73  GLU A CD  1 
ATOM   579  O  OE1 . GLU A 1 73  ? 8.131   -2.553  -7.745  1.00 18.90 ? 73  GLU A OE1 1 
ATOM   580  O  OE2 . GLU A 1 73  ? 8.149   -1.521  -9.635  1.00 27.09 ? 73  GLU A OE2 1 
ATOM   581  N  N   . ALA A 1 74  ? 3.649   -6.050  -7.120  1.00 6.70  ? 74  ALA A N   1 
ATOM   582  C  CA  . ALA A 1 74  ? 3.240   -7.415  -6.647  1.00 6.06  ? 74  ALA A CA  1 
ATOM   583  C  C   . ALA A 1 74  ? 2.148   -7.981  -7.506  1.00 8.19  ? 74  ALA A C   1 
ATOM   584  O  O   . ALA A 1 74  ? 2.151   -9.190  -7.839  1.00 6.20  ? 74  ALA A O   1 
ATOM   585  C  CB  . ALA A 1 74  ? 2.880   -7.277  -5.167  1.00 3.76  ? 74  ALA A CB  1 
ATOM   586  N  N   . ALA A 1 75  ? 1.149   -7.216  -7.910  1.00 5.58  ? 75  ALA A N   1 
ATOM   587  C  CA  . ALA A 1 75  ? 0.055   -7.610  -8.727  1.00 5.74  ? 75  ALA A CA  1 
ATOM   588  C  C   . ALA A 1 75  ? 0.573   -8.195  -10.055 1.00 10.55 ? 75  ALA A C   1 
ATOM   589  O  O   . ALA A 1 75  ? 0.008   -9.253  -10.499 1.00 8.31  ? 75  ALA A O   1 
ATOM   590  C  CB  . ALA A 1 75  ? -0.928  -6.476  -9.062  1.00 6.71  ? 75  ALA A CB  1 
ATOM   591  N  N   . ILE A 1 76  ? 1.446   -7.505  -10.718 1.00 5.96  ? 76  ILE A N   1 
ATOM   592  C  CA  . ILE A 1 76  ? 2.017   -7.962  -11.968 1.00 6.13  ? 76  ILE A CA  1 
ATOM   593  C  C   . ILE A 1 76  ? 2.842   -9.207  -11.714 1.00 6.70  ? 76  ILE A C   1 
ATOM   594  O  O   . ILE A 1 76  ? 2.650   -10.179 -12.549 1.00 6.40  ? 76  ILE A O   1 
ATOM   595  C  CB  . ILE A 1 76  ? 2.918   -6.862  -12.705 1.00 8.75  ? 76  ILE A CB  1 
ATOM   596  C  CG1 . ILE A 1 76  ? 2.137   -5.550  -12.902 1.00 6.39  ? 76  ILE A CG1 1 
ATOM   597  C  CG2 . ILE A 1 76  ? 3.501   -7.423  -14.050 1.00 9.26  ? 76  ILE A CG2 1 
ATOM   598  C  CD1 . ILE A 1 76  ? 0.897   -5.607  -13.694 1.00 4.60  ? 76  ILE A CD1 1 
ATOM   599  N  N   . GLN A 1 77  ? 3.656   -9.313  -10.721 1.00 4.35  ? 77  GLN A N   1 
ATOM   600  C  CA  . GLN A 1 77  ? 4.425   -10.562 -10.511 1.00 7.26  ? 77  GLN A CA  1 
ATOM   601  C  C   . GLN A 1 77  ? 3.536   -11.751 -10.208 1.00 9.83  ? 77  GLN A C   1 
ATOM   602  O  O   . GLN A 1 77  ? 3.763   -12.886 -10.694 1.00 11.07 ? 77  GLN A O   1 
ATOM   603  C  CB  . GLN A 1 77  ? 5.469   -10.253 -9.417  1.00 5.33  ? 77  GLN A CB  1 
ATOM   604  C  CG  . GLN A 1 77  ? 6.390   -11.460 -9.226  1.00 7.20  ? 77  GLN A CG  1 
ATOM   605  C  CD  . GLN A 1 77  ? 7.551   -11.001 -8.355  1.00 10.42 ? 77  GLN A CD  1 
ATOM   606  O  OE1 . GLN A 1 77  ? 8.659   -10.760 -8.876  1.00 14.90 ? 77  GLN A OE1 1 
ATOM   607  N  NE2 . GLN A 1 77  ? 7.296   -10.841 -7.074  1.00 5.57  ? 77  GLN A NE2 1 
ATOM   608  N  N   . LEU A 1 78  ? 2.416   -11.653 -9.476  1.00 7.83  ? 78  LEU A N   1 
ATOM   609  C  CA  . LEU A 1 78  ? 1.543   -12.756 -9.220  1.00 11.69 ? 78  LEU A CA  1 
ATOM   610  C  C   . LEU A 1 78  ? 0.920   -13.179 -10.544 1.00 7.76  ? 78  LEU A C   1 
ATOM   611  O  O   . LEU A 1 78  ? 0.590   -14.350 -10.635 1.00 11.26 ? 78  LEU A O   1 
ATOM   612  C  CB  . LEU A 1 78  ? 0.374   -12.427 -8.303  1.00 14.39 ? 78  LEU A CB  1 
ATOM   613  C  CG  . LEU A 1 78  ? 0.581   -12.413 -6.810  1.00 14.74 ? 78  LEU A CG  1 
ATOM   614  C  CD1 . LEU A 1 78  ? -0.533  -11.592 -6.186  1.00 21.43 ? 78  LEU A CD1 1 
ATOM   615  C  CD2 . LEU A 1 78  ? 0.546   -13.849 -6.328  1.00 16.74 ? 78  LEU A CD2 1 
ATOM   616  N  N   . GLU A 1 79  ? 0.732   -12.209 -11.399 1.00 5.12  ? 79  GLU A N   1 
ATOM   617  C  CA  . GLU A 1 79  ? 0.000   -12.520 -12.603 1.00 5.82  ? 79  GLU A CA  1 
ATOM   618  C  C   . GLU A 1 79  ? 0.941   -13.225 -13.607 1.00 9.70  ? 79  GLU A C   1 
ATOM   619  O  O   . GLU A 1 79  ? 0.554   -14.251 -14.192 1.00 9.30  ? 79  GLU A O   1 
ATOM   620  C  CB  . GLU A 1 79  ? -0.657  -11.327 -13.227 1.00 4.49  ? 79  GLU A CB  1 
ATOM   621  C  CG  . GLU A 1 79  ? -1.569  -11.591 -14.407 1.00 10.85 ? 79  GLU A CG  1 
ATOM   622  C  CD  . GLU A 1 79  ? -0.773  -11.744 -15.690 1.00 19.68 ? 79  GLU A CD  1 
ATOM   623  O  OE1 . GLU A 1 79  ? -0.045  -10.853 -16.113 1.00 28.59 ? 79  GLU A OE1 1 
ATOM   624  O  OE2 . GLU A 1 79  ? -1.018  -12.814 -16.255 1.00 24.04 ? 79  GLU A OE2 1 
ATOM   625  N  N   . VAL A 1 80  ? 2.127   -12.800 -13.753 1.00 7.52  ? 80  VAL A N   1 
ATOM   626  C  CA  . VAL A 1 80  ? 3.139   -13.398 -14.589 1.00 10.56 ? 80  VAL A CA  1 
ATOM   627  C  C   . VAL A 1 80  ? 3.775   -14.658 -14.066 1.00 12.51 ? 80  VAL A C   1 
ATOM   628  O  O   . VAL A 1 80  ? 3.947   -15.631 -14.830 1.00 10.08 ? 80  VAL A O   1 
ATOM   629  C  CB  . VAL A 1 80  ? 4.194   -12.237 -14.772 1.00 9.68  ? 80  VAL A CB  1 
ATOM   630  C  CG1 . VAL A 1 80  ? 5.469   -12.742 -15.387 1.00 10.46 ? 80  VAL A CG1 1 
ATOM   631  C  CG2 . VAL A 1 80  ? 3.519   -11.157 -15.539 1.00 9.25  ? 80  VAL A CG2 1 
ATOM   632  N  N   . THR A 1 81  ? 4.066   -14.798 -12.761 1.00 7.00  ? 81  THR A N   1 
ATOM   633  C  CA  . THR A 1 81  ? 4.854   -15.887 -12.241 1.00 8.02  ? 81  THR A CA  1 
ATOM   634  C  C   . THR A 1 81  ? 4.046   -16.874 -11.399 1.00 6.40  ? 81  THR A C   1 
ATOM   635  O  O   . THR A 1 81  ? 4.546   -17.909 -10.989 1.00 8.18  ? 81  THR A O   1 
ATOM   636  C  CB  . THR A 1 81  ? 6.074   -15.333 -11.415 1.00 10.02 ? 81  THR A CB  1 
ATOM   637  O  OG1 . THR A 1 81  ? 5.594   -14.848 -10.085 1.00 7.21  ? 81  THR A OG1 1 
ATOM   638  C  CG2 . THR A 1 81  ? 6.883   -14.229 -12.130 1.00 9.36  ? 81  THR A CG2 1 
ATOM   639  N  N   . GLY A 1 82  ? 2.962   -16.261 -10.832 1.00 9.03  ? 82  GLY A N   1 
ATOM   640  C  CA  . GLY A 1 82  ? 2.162   -17.012 -9.867  1.00 9.43  ? 82  GLY A CA  1 
ATOM   641  C  C   . GLY A 1 82  ? 2.529   -16.960 -8.434  1.00 5.20  ? 82  GLY A C   1 
ATOM   642  O  O   . GLY A 1 82  ? 1.936   -17.665 -7.526  1.00 10.05 ? 82  GLY A O   1 
ATOM   643  N  N   . VAL A 1 83  ? 3.509   -16.159 -8.083  1.00 4.79  ? 83  VAL A N   1 
ATOM   644  C  CA  . VAL A 1 83  ? 3.950   -15.896 -6.731  1.00 5.31  ? 83  VAL A CA  1 
ATOM   645  C  C   . VAL A 1 83  ? 4.346   -14.390 -6.580  1.00 4.60  ? 83  VAL A C   1 
ATOM   646  O  O   . VAL A 1 83  ? 4.526   -13.616 -7.539  1.00 6.71  ? 83  VAL A O   1 
ATOM   647  C  CB  . VAL A 1 83  ? 5.144   -16.805 -6.336  1.00 5.82  ? 83  VAL A CB  1 
ATOM   648  C  CG1 . VAL A 1 83  ? 4.824   -18.289 -6.500  1.00 8.75  ? 83  VAL A CG1 1 
ATOM   649  C  CG2 . VAL A 1 83  ? 6.394   -16.399 -7.108  1.00 8.46  ? 83  VAL A CG2 1 
ATOM   650  N  N   . VAL A 1 84  ? 4.729   -14.065 -5.357  1.00 8.43  ? 84  VAL A N   1 
ATOM   651  C  CA  . VAL A 1 84  ? 5.426   -12.835 -4.972  1.00 6.53  ? 84  VAL A CA  1 
ATOM   652  C  C   . VAL A 1 84  ? 6.791   -13.380 -4.607  1.00 4.55  ? 84  VAL A C   1 
ATOM   653  O  O   . VAL A 1 84  ? 6.855   -14.239 -3.700  1.00 11.05 ? 84  VAL A O   1 
ATOM   654  C  CB  . VAL A 1 84  ? 4.752   -11.987 -3.870  1.00 2.89  ? 84  VAL A CB  1 
ATOM   655  C  CG1 . VAL A 1 84  ? 5.549   -10.854 -3.339  1.00 3.01  ? 84  VAL A CG1 1 
ATOM   656  C  CG2 . VAL A 1 84  ? 3.393   -11.438 -4.407  1.00 6.84  ? 84  VAL A CG2 1 
ATOM   657  N  N   . VAL A 1 85  ? 7.835   -12.882 -5.228  1.00 8.14  ? 85  VAL A N   1 
ATOM   658  C  CA  . VAL A 1 85  ? 9.209   -13.330 -4.951  1.00 7.67  ? 85  VAL A CA  1 
ATOM   659  C  C   . VAL A 1 85  ? 9.744   -12.606 -3.700  1.00 11.25 ? 85  VAL A C   1 
ATOM   660  O  O   . VAL A 1 85  ? 9.594   -11.402 -3.605  1.00 16.47 ? 85  VAL A O   1 
ATOM   661  C  CB  . VAL A 1 85  ? 10.142  -13.173 -6.146  1.00 10.68 ? 85  VAL A CB  1 
ATOM   662  C  CG1 . VAL A 1 85  ? 11.579  -13.645 -5.951  1.00 11.44 ? 85  VAL A CG1 1 
ATOM   663  C  CG2 . VAL A 1 85  ? 9.617   -13.927 -7.366  1.00 11.26 ? 85  VAL A CG2 1 
ATOM   664  N  N   . THR A 1 86  ? 10.285  -13.386 -2.780  1.00 15.79 ? 86  THR A N   1 
ATOM   665  C  CA  . THR A 1 86  ? 10.881  -12.792 -1.575  1.00 25.13 ? 86  THR A CA  1 
ATOM   666  C  C   . THR A 1 86  ? 12.302  -12.385 -1.921  1.00 24.38 ? 86  THR A C   1 
ATOM   667  O  O   . THR A 1 86  ? 13.052  -13.388 -1.836  1.00 29.93 ? 86  THR A O   1 
ATOM   668  C  CB  . THR A 1 86  ? 11.025  -13.674 -0.265  1.00 29.00 ? 86  THR A CB  1 
ATOM   669  O  OG1 . THR A 1 86  ? 9.913   -14.582 -0.167  1.00 33.40 ? 86  THR A OG1 1 
ATOM   670  C  CG2 . THR A 1 86  ? 11.201  -12.768 0.995   1.00 30.80 ? 86  THR A CG2 1 
ATOM   671  N  N   . ASP A 1 87  ? 12.676  -11.180 -2.132  1.00 30.68 ? 87  ASP A N   1 
ATOM   672  C  CA  . ASP A 1 87  ? 14.052  -10.755 -2.413  1.00 27.99 ? 87  ASP A CA  1 
ATOM   673  C  C   . ASP A 1 87  ? 14.656  -10.036 -1.193  1.00 30.03 ? 87  ASP A C   1 
ATOM   674  O  O   . ASP A 1 87  ? 14.140  -9.948  -0.065  1.00 22.55 ? 87  ASP A O   1 
ATOM   675  C  CB  . ASP A 1 87  ? 14.054  -9.904  -3.700  1.00 31.91 ? 87  ASP A CB  1 
ATOM   676  C  CG  . ASP A 1 87  ? 13.223  -8.623  -3.464  1.00 37.18 ? 87  ASP A CG  1 
ATOM   677  O  OD1 . ASP A 1 87  ? 12.587  -8.572  -2.392  1.00 33.99 ? 87  ASP A OD1 1 
ATOM   678  O  OD2 . ASP A 1 87  ? 13.135  -7.732  -4.344  1.00 36.89 ? 87  ASP A OD2 1 
ATOM   679  N  N   . ALA A 1 88  ? 15.811  -9.433  -1.481  1.00 29.35 ? 88  ALA A N   1 
ATOM   680  C  CA  . ALA A 1 88  ? 16.550  -8.724  -0.398  1.00 30.86 ? 88  ALA A CA  1 
ATOM   681  C  C   . ALA A 1 88  ? 15.786  -7.461  -0.037  1.00 27.52 ? 88  ALA A C   1 
ATOM   682  O  O   . ALA A 1 88  ? 15.740  -7.040  1.152   1.00 26.95 ? 88  ALA A O   1 
ATOM   683  C  CB  . ALA A 1 88  ? 18.002  -8.477  -0.782  1.00 30.19 ? 88  ALA A CB  1 
ATOM   684  N  N   . THR A 1 89  ? 15.147  -6.874  -1.018  1.00 27.08 ? 89  THR A N   1 
ATOM   685  C  CA  . THR A 1 89  ? 14.325  -5.694  -0.760  1.00 27.20 ? 89  THR A CA  1 
ATOM   686  C  C   . THR A 1 89  ? 13.187  -5.883  0.230   1.00 25.96 ? 89  THR A C   1 
ATOM   687  O  O   . THR A 1 89  ? 12.955  -4.898  0.997   1.00 26.20 ? 89  THR A O   1 
ATOM   688  C  CB  . THR A 1 89  ? 13.691  -5.186  -2.097  1.00 31.52 ? 89  THR A CB  1 
ATOM   689  O  OG1 . THR A 1 89  ? 14.787  -4.386  -2.644  1.00 35.91 ? 89  THR A OG1 1 
ATOM   690  C  CG2 . THR A 1 89  ? 12.385  -4.452  -1.877  1.00 33.90 ? 89  THR A CG2 1 
ATOM   691  N  N   . LEU A 1 90  ? 12.509  -7.018  0.173   1.00 19.93 ? 90  LEU A N   1 
ATOM   692  C  CA  . LEU A 1 90  ? 11.405  -7.297  1.079   1.00 15.76 ? 90  LEU A CA  1 
ATOM   693  C  C   . LEU A 1 90  ? 11.932  -7.783  2.398   1.00 18.90 ? 90  LEU A C   1 
ATOM   694  O  O   . LEU A 1 90  ? 11.265  -7.595  3.437   1.00 19.73 ? 90  LEU A O   1 
ATOM   695  C  CB  . LEU A 1 90  ? 10.425  -8.282  0.419   1.00 19.97 ? 90  LEU A CB  1 
ATOM   696  C  CG  . LEU A 1 90  ? 9.820   -7.881  -0.913  1.00 18.98 ? 90  LEU A CG  1 
ATOM   697  C  CD1 . LEU A 1 90  ? 8.752   -8.978  -1.258  1.00 21.13 ? 90  LEU A CD1 1 
ATOM   698  C  CD2 . LEU A 1 90  ? 9.196   -6.515  -0.890  1.00 19.54 ? 90  LEU A CD2 1 
ATOM   699  N  N   . LYS A 1 91  ? 13.123  -8.383  2.384   1.00 19.00 ? 91  LYS A N   1 
ATOM   700  C  CA  . LYS A 1 91  ? 13.814  -8.821  3.594   1.00 21.00 ? 91  LYS A CA  1 
ATOM   701  C  C   . LYS A 1 91  ? 14.176  -7.586  4.442   1.00 21.48 ? 91  LYS A C   1 
ATOM   702  O  O   . LYS A 1 91  ? 13.978  -7.452  5.678   1.00 25.19 ? 91  LYS A O   1 
ATOM   703  C  CB  . LYS A 1 91  ? 15.067  -9.628  3.289   1.00 24.87 ? 91  LYS A CB  1 
ATOM   704  C  CG  . LYS A 1 91  ? 14.793  -10.969 2.623   1.00 31.13 ? 91  LYS A CG  1 
ATOM   705  C  CD  . LYS A 1 91  ? 15.998  -11.462 1.832   1.00 38.12 ? 91  LYS A CD  1 
ATOM   706  C  CE  . LYS A 1 91  ? 16.233  -12.962 1.909   1.00 40.85 ? 91  LYS A CE  1 
ATOM   707  N  NZ  . LYS A 1 91  ? 15.505  -13.691 0.830   1.00 44.24 ? 91  LYS A NZ  1 
ATOM   708  N  N   . ASN A 1 92  ? 14.683  -6.588  3.714   1.00 19.41 ? 92  ASN A N   1 
ATOM   709  C  CA  . ASN A 1 92  ? 15.029  -5.295  4.325   1.00 20.59 ? 92  ASN A CA  1 
ATOM   710  C  C   . ASN A 1 92  ? 13.740  -4.660  4.835   1.00 25.38 ? 92  ASN A C   1 
ATOM   711  O  O   . ASN A 1 92  ? 13.797  -4.033  5.932   1.00 28.14 ? 92  ASN A O   1 
ATOM   712  C  CB  . ASN A 1 92  ? 15.793  -4.461  3.323   1.00 27.02 ? 92  ASN A CB  1 
ATOM   713  C  CG  . ASN A 1 92  ? 16.598  -3.286  3.828   1.00 35.34 ? 92  ASN A CG  1 
ATOM   714  O  OD1 . ASN A 1 92  ? 17.522  -3.425  4.693   1.00 37.91 ? 92  ASN A OD1 1 
ATOM   715  N  ND2 . ASN A 1 92  ? 16.301  -2.082  3.293   1.00 34.07 ? 92  ASN A ND2 1 
ATOM   716  N  N   . LEU A 1 93  ? 12.618  -4.726  4.097   1.00 23.89 ? 93  LEU A N   1 
ATOM   717  C  CA  . LEU A 1 93  ? 11.343  -4.142  4.577   1.00 23.25 ? 93  LEU A CA  1 
ATOM   718  C  C   . LEU A 1 93  ? 10.861  -4.901  5.821   1.00 17.20 ? 93  LEU A C   1 
ATOM   719  O  O   . LEU A 1 93  ? 10.218  -4.252  6.625   1.00 15.27 ? 93  LEU A O   1 
ATOM   720  C  CB  . LEU A 1 93  ? 10.208  -4.113  3.557   1.00 24.48 ? 93  LEU A CB  1 
ATOM   721  C  CG  . LEU A 1 93  ? 10.276  -3.157  2.385   1.00 27.76 ? 93  LEU A CG  1 
ATOM   722  C  CD1 . LEU A 1 93  ? 8.932   -3.202  1.673   1.00 27.23 ? 93  LEU A CD1 1 
ATOM   723  C  CD2 . LEU A 1 93  ? 10.649  -1.754  2.910   1.00 24.82 ? 93  LEU A CD2 1 
ATOM   724  N  N   . GLY A 1 94  ? 11.131  -6.203  5.894   1.00 15.12 ? 94  GLY A N   1 
ATOM   725  C  CA  . GLY A 1 94  ? 10.734  -6.883  7.136   1.00 15.54 ? 94  GLY A CA  1 
ATOM   726  C  C   . GLY A 1 94  ? 11.501  -6.241  8.319   1.00 17.72 ? 94  GLY A C   1 
ATOM   727  O  O   . GLY A 1 94  ? 10.909  -5.982  9.387   1.00 20.90 ? 94  GLY A O   1 
ATOM   728  N  N   . SER A 1 95  ? 12.795  -6.014  8.175   1.00 18.58 ? 95  SER A N   1 
ATOM   729  C  CA  . SER A 1 95  ? 13.567  -5.512  9.345   1.00 16.48 ? 95  SER A CA  1 
ATOM   730  C  C   . SER A 1 95  ? 13.114  -4.118  9.695   1.00 19.68 ? 95  SER A C   1 
ATOM   731  O  O   . SER A 1 95  ? 12.860  -3.884  10.924  1.00 21.28 ? 95  SER A O   1 
ATOM   732  C  CB  . SER A 1 95  ? 15.060  -5.637  9.091   1.00 18.07 ? 95  SER A CB  1 
ATOM   733  O  OG  A SER A 1 95  ? 15.525  -4.521  8.330   0.50 17.96 ? 95  SER A OG  1 
ATOM   734  O  OG  B SER A 1 95  ? 15.279  -6.975  8.597   0.50 18.25 ? 95  SER A OG  1 
ATOM   735  N  N   . VAL A 1 96  ? 13.027  -3.235  8.711   1.00 18.41 ? 96  VAL A N   1 
ATOM   736  C  CA  . VAL A 1 96  ? 12.529  -1.867  8.844   1.00 15.03 ? 96  VAL A CA  1 
ATOM   737  C  C   . VAL A 1 96  ? 11.239  -1.810  9.686   1.00 15.31 ? 96  VAL A C   1 
ATOM   738  O  O   . VAL A 1 96  ? 11.086  -0.905  10.533  1.00 14.70 ? 96  VAL A O   1 
ATOM   739  C  CB  . VAL A 1 96  ? 12.228  -1.190  7.502   1.00 14.65 ? 96  VAL A CB  1 
ATOM   740  C  CG1 . VAL A 1 96  ? 11.393  0.100   7.582   1.00 17.73 ? 96  VAL A CG1 1 
ATOM   741  C  CG2 . VAL A 1 96  ? 13.467  -0.831  6.726   1.00 20.68 ? 96  VAL A CG2 1 
ATOM   742  N  N   . HIS A 1 97  ? 10.249  -2.605  9.245   1.00 11.29 ? 97  HIS A N   1 
ATOM   743  C  CA  . HIS A 1 97  ? 8.927   -2.550  9.902   1.00 11.97 ? 97  HIS A CA  1 
ATOM   744  C  C   . HIS A 1 97  ? 9.011   -3.037  11.335  1.00 11.82 ? 97  HIS A C   1 
ATOM   745  O  O   . HIS A 1 97  ? 8.404   -2.336  12.203  1.00 12.54 ? 97  HIS A O   1 
ATOM   746  C  CB  . HIS A 1 97  ? 7.836   -3.312  9.093   1.00 12.62 ? 97  HIS A CB  1 
ATOM   747  C  CG  . HIS A 1 97  ? 7.413   -2.558  7.882   1.00 12.35 ? 97  HIS A CG  1 
ATOM   748  N  ND1 . HIS A 1 97  ? 7.998   -2.691  6.664   1.00 13.42 ? 97  HIS A ND1 1 
ATOM   749  C  CD2 . HIS A 1 97  ? 6.506   -1.549  7.776   1.00 9.17  ? 97  HIS A CD2 1 
ATOM   750  C  CE1 . HIS A 1 97  ? 7.438   -1.844  5.816   1.00 12.76 ? 97  HIS A CE1 1 
ATOM   751  N  NE2 . HIS A 1 97  ? 6.527   -1.154  6.455   1.00 9.80  ? 97  HIS A NE2 1 
ATOM   752  N  N   . VAL A 1 98  ? 9.738   -4.079  11.674  1.00 14.32 ? 98  VAL A N   1 
ATOM   753  C  CA  . VAL A 1 98  ? 9.942   -4.495  13.071  1.00 14.28 ? 98  VAL A CA  1 
ATOM   754  C  C   . VAL A 1 98  ? 10.595  -3.359  13.865  1.00 18.07 ? 98  VAL A C   1 
ATOM   755  O  O   . VAL A 1 98  ? 10.106  -3.057  14.973  1.00 18.13 ? 98  VAL A O   1 
ATOM   756  C  CB  . VAL A 1 98  ? 10.755  -5.773  13.135  1.00 14.14 ? 98  VAL A CB  1 
ATOM   757  C  CG1 . VAL A 1 98  ? 11.097  -6.169  14.571  1.00 15.78 ? 98  VAL A CG1 1 
ATOM   758  C  CG2 . VAL A 1 98  ? 10.026  -6.866  12.412  1.00 11.10 ? 98  VAL A CG2 1 
ATOM   759  N  N   . SER A 1 99  ? 11.596  -2.708  13.304  1.00 15.95 ? 99  SER A N   1 
ATOM   760  C  CA  . SER A 1 99  ? 12.236  -1.565  13.954  1.00 19.59 ? 99  SER A CA  1 
ATOM   761  C  C   . SER A 1 99  ? 11.333  -0.399  14.321  1.00 18.91 ? 99  SER A C   1 
ATOM   762  O  O   . SER A 1 99  ? 11.706  0.340   15.266  1.00 18.94 ? 99  SER A O   1 
ATOM   763  C  CB  . SER A 1 99  ? 13.324  -0.935  13.019  1.00 22.70 ? 99  SER A CB  1 
ATOM   764  O  OG  . SER A 1 99  ? 14.469  -1.747  13.201  1.00 30.90 ? 99  SER A OG  1 
ATOM   765  N  N   . LYS A 1 100 ? 10.368  -0.051  13.513  1.00 11.05 ? 100 LYS A N   1 
ATOM   766  C  CA  . LYS A 1 100 ? 9.489   1.077   13.681  1.00 14.91 ? 100 LYS A CA  1 
ATOM   767  C  C   . LYS A 1 100 ? 8.232   0.701   14.478  1.00 11.72 ? 100 LYS A C   1 
ATOM   768  O  O   . LYS A 1 100 ? 7.313   1.507   14.548  1.00 18.23 ? 100 LYS A O   1 
ATOM   769  C  CB  . LYS A 1 100 ? 8.964   1.662   12.377  1.00 21.10 ? 100 LYS A CB  1 
ATOM   770  C  CG  . LYS A 1 100 ? 9.953   1.829   11.235  1.00 25.60 ? 100 LYS A CG  1 
ATOM   771  C  CD  . LYS A 1 100 ? 11.234  2.450   11.745  1.00 30.08 ? 100 LYS A CD  1 
ATOM   772  C  CE  . LYS A 1 100 ? 11.506  3.864   11.207  1.00 28.48 ? 100 LYS A CE  1 
ATOM   773  N  NZ  . LYS A 1 100 ? 12.839  4.227   11.824  1.00 33.59 ? 100 LYS A NZ  1 
ATOM   774  N  N   . GLY A 1 101 ? 8.168   -0.440  15.019  1.00 9.65  ? 101 GLY A N   1 
ATOM   775  C  CA  . GLY A 1 101 ? 7.108   -0.972  15.847  1.00 13.21 ? 101 GLY A CA  1 
ATOM   776  C  C   . GLY A 1 101 ? 5.828   -1.325  15.089  1.00 13.07 ? 101 GLY A C   1 
ATOM   777  O  O   . GLY A 1 101 ? 4.773   -1.241  15.761  1.00 12.29 ? 101 GLY A O   1 
ATOM   778  N  N   . VAL A 1 102 ? 5.935   -1.820  13.854  1.00 9.62  ? 102 VAL A N   1 
ATOM   779  C  CA  . VAL A 1 102 ? 4.813   -2.277  13.036  1.00 6.71  ? 102 VAL A CA  1 
ATOM   780  C  C   . VAL A 1 102 ? 4.555   -3.718  13.439  1.00 6.84  ? 102 VAL A C   1 
ATOM   781  O  O   . VAL A 1 102 ? 5.501   -4.463  13.742  1.00 8.33  ? 102 VAL A O   1 
ATOM   782  C  CB  . VAL A 1 102 ? 5.119   -2.071  11.538  1.00 6.37  ? 102 VAL A CB  1 
ATOM   783  C  CG1 . VAL A 1 102 ? 4.071   -2.605  10.530  1.00 9.23  ? 102 VAL A CG1 1 
ATOM   784  C  CG2 . VAL A 1 102 ? 5.440   -0.586  11.303  1.00 10.52 ? 102 VAL A CG2 1 
ATOM   785  N  N   . ALA A 1 103 ? 3.309   -4.129  13.512  1.00 9.83  ? 103 ALA A N   1 
ATOM   786  C  CA  . ALA A 1 103 ? 2.954   -5.492  13.921  1.00 10.01 ? 103 ALA A CA  1 
ATOM   787  C  C   . ALA A 1 103 ? 1.969   -6.023  12.873  1.00 9.22  ? 103 ALA A C   1 
ATOM   788  O  O   . ALA A 1 103 ? 1.392   -5.276  12.103  1.00 9.38  ? 103 ALA A O   1 
ATOM   789  C  CB  . ALA A 1 103 ? 2.343   -5.635  15.303  1.00 13.64 ? 103 ALA A CB  1 
ATOM   790  N  N   . ASP A 1 104 ? 1.798   -7.346  12.892  1.00 10.63 ? 104 ASP A N   1 
ATOM   791  C  CA  . ASP A 1 104 ? 0.915   -7.998  11.950  1.00 8.81  ? 104 ASP A CA  1 
ATOM   792  C  C   . ASP A 1 104 ? -0.471  -7.287  11.955  1.00 12.52 ? 104 ASP A C   1 
ATOM   793  O  O   . ASP A 1 104 ? -0.994  -7.118  10.841  1.00 9.73  ? 104 ASP A O   1 
ATOM   794  C  CB  . ASP A 1 104 ? 0.740   -9.485  12.244  1.00 10.66 ? 104 ASP A CB  1 
ATOM   795  C  CG  . ASP A 1 104 ? 1.951   -10.313 11.902  1.00 17.87 ? 104 ASP A CG  1 
ATOM   796  O  OD1 . ASP A 1 104 ? 3.059   -9.732  11.683  1.00 21.96 ? 104 ASP A OD1 1 
ATOM   797  O  OD2 . ASP A 1 104 ? 1.895   -11.563 11.758  1.00 23.61 ? 104 ASP A OD2 1 
ATOM   798  N  N   . ALA A 1 105 ? -0.968  -7.004  13.178  1.00 5.88  ? 105 ALA A N   1 
ATOM   799  C  CA  . ALA A 1 105 ? -2.330  -6.442  13.229  1.00 7.59  ? 105 ALA A CA  1 
ATOM   800  C  C   . ALA A 1 105 ? -2.474  -5.033  12.692  1.00 6.87  ? 105 ALA A C   1 
ATOM   801  O  O   . ALA A 1 105 ? -3.657  -4.627  12.537  1.00 6.75  ? 105 ALA A O   1 
ATOM   802  C  CB  . ALA A 1 105 ? -2.828  -6.448  14.660  1.00 12.45 ? 105 ALA A CB  1 
ATOM   803  N  N   . HIS A 1 106 ? -1.447  -4.330  12.259  1.00 7.94  ? 106 HIS A N   1 
ATOM   804  C  CA  . HIS A 1 106 ? -1.502  -3.060  11.553  1.00 6.44  ? 106 HIS A CA  1 
ATOM   805  C  C   . HIS A 1 106 ? -1.788  -3.152  10.089  1.00 6.34  ? 106 HIS A C   1 
ATOM   806  O  O   . HIS A 1 106 ? -2.227  -2.216  9.405   1.00 8.57  ? 106 HIS A O   1 
ATOM   807  C  CB  . HIS A 1 106 ? -0.106  -2.319  11.567  1.00 5.71  ? 106 HIS A CB  1 
ATOM   808  C  CG  . HIS A 1 106 ? 0.208   -1.705  12.867  1.00 3.00  ? 106 HIS A CG  1 
ATOM   809  N  ND1 . HIS A 1 106 ? 1.276   -2.039  13.673  1.00 4.80  ? 106 HIS A ND1 1 
ATOM   810  C  CD2 . HIS A 1 106 ? -0.424  -0.637  13.432  1.00 5.33  ? 106 HIS A CD2 1 
ATOM   811  C  CE1 . HIS A 1 106 ? 1.329   -1.167  14.680  1.00 7.82  ? 106 HIS A CE1 1 
ATOM   812  N  NE2 . HIS A 1 106 ? 0.303   -0.322  14.606  1.00 4.26  ? 106 HIS A NE2 1 
ATOM   813  N  N   . PHE A 1 107 ? -1.506  -4.297  9.499   1.00 7.29  ? 107 PHE A N   1 
ATOM   814  C  CA  . PHE A 1 107 ? -1.645  -4.487  8.002   1.00 7.82  ? 107 PHE A CA  1 
ATOM   815  C  C   . PHE A 1 107 ? -3.031  -4.296  7.465   1.00 6.21  ? 107 PHE A C   1 
ATOM   816  O  O   . PHE A 1 107 ? -3.108  -3.635  6.418   1.00 3.28  ? 107 PHE A O   1 
ATOM   817  C  CB  . PHE A 1 107 ? -0.967  -5.854  7.617   1.00 8.58  ? 107 PHE A CB  1 
ATOM   818  C  CG  . PHE A 1 107 ? 0.540   -5.757  7.533   1.00 5.57  ? 107 PHE A CG  1 
ATOM   819  C  CD1 . PHE A 1 107 ? 1.303   -5.950  8.658   1.00 5.16  ? 107 PHE A CD1 1 
ATOM   820  C  CD2 . PHE A 1 107 ? 1.111   -5.538  6.261   1.00 5.84  ? 107 PHE A CD2 1 
ATOM   821  C  CE1 . PHE A 1 107 ? 2.684   -5.729  8.652   1.00 10.22 ? 107 PHE A CE1 1 
ATOM   822  C  CE2 . PHE A 1 107 ? 2.517   -5.536  6.220   1.00 8.93  ? 107 PHE A CE2 1 
ATOM   823  C  CZ  . PHE A 1 107 ? 3.284   -5.602  7.357   1.00 5.92  ? 107 PHE A CZ  1 
ATOM   824  N  N   . PRO A 1 108 ? -4.106  -4.641  8.151   1.00 5.26  ? 108 PRO A N   1 
ATOM   825  C  CA  . PRO A 1 108 ? -5.468  -4.399  7.672   1.00 6.19  ? 108 PRO A CA  1 
ATOM   826  C  C   . PRO A 1 108 ? -5.757  -2.921  7.600   1.00 3.63  ? 108 PRO A C   1 
ATOM   827  O  O   . PRO A 1 108 ? -6.542  -2.469  6.831   1.00 4.11  ? 108 PRO A O   1 
ATOM   828  C  CB  . PRO A 1 108 ? -6.362  -5.189  8.634   1.00 3.05  ? 108 PRO A CB  1 
ATOM   829  C  CG  . PRO A 1 108 ? -5.441  -6.227  9.270   1.00 1.72  ? 108 PRO A CG  1 
ATOM   830  C  CD  . PRO A 1 108 ? -4.102  -5.503  9.382   1.00 3.34  ? 108 PRO A CD  1 
ATOM   831  N  N   . VAL A 1 109 ? -5.133  -2.070  8.484   1.00 4.89  ? 109 VAL A N   1 
ATOM   832  C  CA  . VAL A 1 109 ? -5.334  -0.634  8.462   1.00 5.03  ? 109 VAL A CA  1 
ATOM   833  C  C   . VAL A 1 109 ? -4.886  -0.043  7.125   1.00 3.36  ? 109 VAL A C   1 
ATOM   834  O  O   . VAL A 1 109 ? -5.599  0.712   6.460   1.00 4.61  ? 109 VAL A O   1 
ATOM   835  C  CB  . VAL A 1 109 ? -4.561  0.083   9.632   1.00 6.59  ? 109 VAL A CB  1 
ATOM   836  C  CG1 . VAL A 1 109 ? -4.682  1.632   9.429   1.00 7.74  ? 109 VAL A CG1 1 
ATOM   837  C  CG2 . VAL A 1 109 ? -4.925  -0.422  11.012  1.00 3.85  ? 109 VAL A CG2 1 
ATOM   838  N  N   . VAL A 1 110 ? -3.653  -0.410  6.764   1.00 4.82  ? 110 VAL A N   1 
ATOM   839  C  CA  . VAL A 1 110 ? -3.104  0.115   5.463   1.00 5.79  ? 110 VAL A CA  1 
ATOM   840  C  C   . VAL A 1 110 ? -3.879  -0.514  4.310   1.00 7.15  ? 110 VAL A C   1 
ATOM   841  O  O   . VAL A 1 110 ? -4.114  0.221   3.270   1.00 4.47  ? 110 VAL A O   1 
ATOM   842  C  CB  . VAL A 1 110 ? -1.557  -0.037  5.457   1.00 7.49  ? 110 VAL A CB  1 
ATOM   843  C  CG1 . VAL A 1 110 ? -0.952  0.183   4.043   1.00 6.59  ? 110 VAL A CG1 1 
ATOM   844  C  CG2 . VAL A 1 110 ? -0.840  0.813   6.510   1.00 5.12  ? 110 VAL A CG2 1 
ATOM   845  N  N   . LYS A 1 111 ? -4.299  -1.785  4.406   1.00 2.78  ? 111 LYS A N   1 
ATOM   846  C  CA  . LYS A 1 111 ? -5.152  -2.333  3.332   1.00 4.23  ? 111 LYS A CA  1 
ATOM   847  C  C   . LYS A 1 111 ? -6.375  -1.518  3.021   1.00 5.71  ? 111 LYS A C   1 
ATOM   848  O  O   . LYS A 1 111 ? -6.746  -1.158  1.852   1.00 1.72  ? 111 LYS A O   1 
ATOM   849  C  CB  . LYS A 1 111 ? -5.504  -3.807  3.752   1.00 2.89  ? 111 LYS A CB  1 
ATOM   850  C  CG  A LYS A 1 111 ? -6.291  -4.489  2.564   0.50 2.34  ? 111 LYS A CG  1 
ATOM   851  C  CG  B LYS A 1 111 ? -6.402  -4.583  2.787   0.50 11.92 ? 111 LYS A CG  1 
ATOM   852  C  CD  A LYS A 1 111 ? -6.255  -6.006  3.013   0.50 1.72  ? 111 LYS A CD  1 
ATOM   853  C  CD  B LYS A 1 111 ? -7.101  -5.819  3.335   0.50 11.67 ? 111 LYS A CD  1 
ATOM   854  C  CE  A LYS A 1 111 ? -7.610  -6.599  2.630   0.50 1.72  ? 111 LYS A CE  1 
ATOM   855  C  CE  B LYS A 1 111 ? -6.432  -6.865  4.073   0.50 13.20 ? 111 LYS A CE  1 
ATOM   856  N  NZ  A LYS A 1 111 ? -7.526  -8.011  3.113   0.50 1.72  ? 111 LYS A NZ  1 
ATOM   857  N  NZ  B LYS A 1 111 ? -7.191  -7.486  5.218   0.50 14.88 ? 111 LYS A NZ  1 
ATOM   858  N  N   . GLU A 1 112 ? -7.227  -1.261  4.058   1.00 7.31  ? 112 GLU A N   1 
ATOM   859  C  CA  . GLU A 1 112 ? -8.473  -0.493  3.862   1.00 8.52  ? 112 GLU A CA  1 
ATOM   860  C  C   . GLU A 1 112 ? -8.215  0.916   3.343   1.00 2.07  ? 112 GLU A C   1 
ATOM   861  O  O   . GLU A 1 112 ? -9.030  1.406   2.489   1.00 3.90  ? 112 GLU A O   1 
ATOM   862  C  CB  . GLU A 1 112 ? -9.266  -0.490  5.187   1.00 1.79  ? 112 GLU A CB  1 
ATOM   863  C  CG  . GLU A 1 112 ? -9.628  -1.982  5.524   1.00 9.54  ? 112 GLU A CG  1 
ATOM   864  C  CD  . GLU A 1 112 ? -10.556 -2.716  4.567   1.00 9.26  ? 112 GLU A CD  1 
ATOM   865  O  OE1 . GLU A 1 112 ? -11.507 -2.170  3.948   1.00 11.02 ? 112 GLU A OE1 1 
ATOM   866  O  OE2 . GLU A 1 112 ? -10.186 -3.926  4.355   1.00 14.97 ? 112 GLU A OE2 1 
ATOM   867  N  N   . ALA A 1 113 ? -7.109  1.504   3.836   1.00 4.27  ? 113 ALA A N   1 
ATOM   868  C  CA  . ALA A 1 113 ? -6.783  2.884   3.376   1.00 1.88  ? 113 ALA A CA  1 
ATOM   869  C  C   . ALA A 1 113 ? -6.381  2.801   1.907   1.00 3.13  ? 113 ALA A C   1 
ATOM   870  O  O   . ALA A 1 113 ? -6.859  3.737   1.215   1.00 5.73  ? 113 ALA A O   1 
ATOM   871  C  CB  . ALA A 1 113 ? -5.750  3.507   4.257   1.00 2.98  ? 113 ALA A CB  1 
ATOM   872  N  N   . ILE A 1 114 ? -5.648  1.834   1.443   1.00 4.97  ? 114 ILE A N   1 
ATOM   873  C  CA  . ILE A 1 114 ? -5.372  1.662   -0.010  1.00 3.12  ? 114 ILE A CA  1 
ATOM   874  C  C   . ILE A 1 114 ? -6.620  1.430   -0.797  1.00 4.06  ? 114 ILE A C   1 
ATOM   875  O  O   . ILE A 1 114 ? -6.806  2.112   -1.807  1.00 5.81  ? 114 ILE A O   1 
ATOM   876  C  CB  . ILE A 1 114 ? -4.322  0.507   -0.245  1.00 6.57  ? 114 ILE A CB  1 
ATOM   877  C  CG1 . ILE A 1 114 ? -2.928  0.973   0.207   1.00 5.01  ? 114 ILE A CG1 1 
ATOM   878  C  CG2 . ILE A 1 114 ? -4.366  0.003   -1.734  1.00 7.17  ? 114 ILE A CG2 1 
ATOM   879  C  CD1 . ILE A 1 114 ? -1.866  -0.206  0.059   1.00 5.70  ? 114 ILE A CD1 1 
ATOM   880  N  N   . LEU A 1 115 ? -7.553  0.537   -0.385  1.00 3.71  ? 115 LEU A N   1 
ATOM   881  C  CA  . LEU A 1 115 ? -8.773  0.268   -1.147  1.00 3.00  ? 115 LEU A CA  1 
ATOM   882  C  C   . LEU A 1 115 ? -9.582  1.507   -1.223  1.00 4.46  ? 115 LEU A C   1 
ATOM   883  O  O   . LEU A 1 115 ? -10.130 1.687   -2.320  1.00 9.77  ? 115 LEU A O   1 
ATOM   884  C  CB  . LEU A 1 115 ? -9.528  -0.919  -0.531  1.00 5.08  ? 115 LEU A CB  1 
ATOM   885  C  CG  . LEU A 1 115 ? -8.734  -2.258  -0.511  1.00 11.17 ? 115 LEU A CG  1 
ATOM   886  C  CD1 . LEU A 1 115 ? -9.538  -3.320  0.223   1.00 4.05  ? 115 LEU A CD1 1 
ATOM   887  C  CD2 . LEU A 1 115 ? -8.367  -2.628  -1.957  1.00 7.00  ? 115 LEU A CD2 1 
ATOM   888  N  N   . LYS A 1 116 ? -9.690  2.276   -0.154  1.00 6.13  ? 116 LYS A N   1 
ATOM   889  C  CA  . LYS A 1 116 ? -10.514 3.478   -0.248  1.00 6.25  ? 116 LYS A CA  1 
ATOM   890  C  C   . LYS A 1 116 ? -9.829  4.565   -1.116  1.00 6.75  ? 116 LYS A C   1 
ATOM   891  O  O   . LYS A 1 116 ? -10.525 5.326   -1.781  1.00 8.11  ? 116 LYS A O   1 
ATOM   892  C  CB  . LYS A 1 116 ? -10.876 4.131   1.074   1.00 13.19 ? 116 LYS A CB  1 
ATOM   893  C  CG  . LYS A 1 116 ? -11.573 3.244   2.081   1.00 17.82 ? 116 LYS A CG  1 
ATOM   894  C  CD  . LYS A 1 116 ? -12.163 4.099   3.220   1.00 25.78 ? 116 LYS A CD  1 
ATOM   895  C  CE  . LYS A 1 116 ? -13.165 3.260   4.059   1.00 23.85 ? 116 LYS A CE  1 
ATOM   896  N  NZ  A LYS A 1 116 ? -12.679 1.840   4.081   0.50 20.10 ? 116 LYS A NZ  1 
ATOM   897  N  NZ  B LYS A 1 116 ? -12.873 3.711   5.494   0.50 25.74 ? 116 LYS A NZ  1 
ATOM   898  N  N   . THR A 1 117 ? -8.526  4.739   -1.057  1.00 5.16  ? 117 THR A N   1 
ATOM   899  C  CA  . THR A 1 117 ? -7.816  5.675   -1.920  1.00 4.91  ? 117 THR A CA  1 
ATOM   900  C  C   . THR A 1 117 ? -8.103  5.338   -3.368  1.00 1.72  ? 117 THR A C   1 
ATOM   901  O  O   . THR A 1 117 ? -8.530  6.199   -4.086  1.00 7.02  ? 117 THR A O   1 
ATOM   902  C  CB  . THR A 1 117 ? -6.252  5.728   -1.635  1.00 7.58  ? 117 THR A CB  1 
ATOM   903  O  OG1 . THR A 1 117 ? -6.096  5.984   -0.241  1.00 5.68  ? 117 THR A OG1 1 
ATOM   904  C  CG2 . THR A 1 117 ? -5.577  6.746   -2.617  1.00 8.51  ? 117 THR A CG2 1 
ATOM   905  N  N   . ILE A 1 118 ? -7.780  4.123   -3.822  1.00 6.93  ? 118 ILE A N   1 
ATOM   906  C  CA  . ILE A 1 118 ? -8.046  3.742   -5.190  1.00 5.91  ? 118 ILE A CA  1 
ATOM   907  C  C   . ILE A 1 118 ? -9.506  3.985   -5.587  1.00 9.25  ? 118 ILE A C   1 
ATOM   908  O  O   . ILE A 1 118 ? -9.726  4.479   -6.716  1.00 8.34  ? 118 ILE A O   1 
ATOM   909  C  CB  . ILE A 1 118 ? -7.602  2.214   -5.421  1.00 11.39 ? 118 ILE A CB  1 
ATOM   910  C  CG1 . ILE A 1 118 ? -6.084  2.113   -5.311  1.00 8.02  ? 118 ILE A CG1 1 
ATOM   911  C  CG2 . ILE A 1 118 ? -8.197  1.658   -6.767  1.00 7.02  ? 118 ILE A CG2 1 
ATOM   912  C  CD1 . ILE A 1 118 ? -5.367  3.072   -6.345  1.00 11.41 ? 118 ILE A CD1 1 
ATOM   913  N  N   . LYS A 1 119 ? -10.452 3.696   -4.686  1.00 5.74  ? 119 LYS A N   1 
ATOM   914  C  CA  . LYS A 1 119 ? -11.867 3.980   -4.981  1.00 9.15  ? 119 LYS A CA  1 
ATOM   915  C  C   . LYS A 1 119 ? -12.108 5.419   -5.337  1.00 9.81  ? 119 LYS A C   1 
ATOM   916  O  O   . LYS A 1 119 ? -12.743 5.776   -6.359  1.00 8.53  ? 119 LYS A O   1 
ATOM   917  C  CB  . LYS A 1 119 ? -12.726 3.526   -3.785  1.00 12.55 ? 119 LYS A CB  1 
ATOM   918  C  CG  . LYS A 1 119 ? -14.257 3.664   -4.095  1.00 13.28 ? 119 LYS A CG  1 
ATOM   919  C  CD  . LYS A 1 119 ? -14.914 2.525   -3.330  1.00 18.55 ? 119 LYS A CD  1 
ATOM   920  C  CE  . LYS A 1 119 ? -16.397 2.751   -3.115  1.00 26.53 ? 119 LYS A CE  1 
ATOM   921  N  NZ  . LYS A 1 119 ? -17.079 1.409   -3.091  1.00 31.83 ? 119 LYS A NZ  1 
ATOM   922  N  N   . GLU A 1 120 ? -11.534 6.338   -4.557  1.00 11.76 ? 120 GLU A N   1 
ATOM   923  C  CA  . GLU A 1 120 ? -11.657 7.790   -4.833  1.00 12.88 ? 120 GLU A CA  1 
ATOM   924  C  C   . GLU A 1 120 ? -10.906 8.146   -6.094  1.00 12.23 ? 120 GLU A C   1 
ATOM   925  O  O   . GLU A 1 120 ? -11.397 8.975   -6.912  1.00 13.97 ? 120 GLU A O   1 
ATOM   926  C  CB  . GLU A 1 120 ? -11.222 8.624   -3.576  1.00 12.60 ? 120 GLU A CB  1 
ATOM   927  C  CG  . GLU A 1 120 ? -12.146 8.374   -2.356  1.00 23.14 ? 120 GLU A CG  1 
ATOM   928  C  CD  . GLU A 1 120 ? -11.878 8.943   -0.990  1.00 24.48 ? 120 GLU A CD  1 
ATOM   929  O  OE1 . GLU A 1 120 ? -11.076 9.902   -0.955  1.00 22.34 ? 120 GLU A OE1 1 
ATOM   930  O  OE2 . GLU A 1 120 ? -12.316 8.461   0.069   1.00 24.31 ? 120 GLU A OE2 1 
ATOM   931  N  N   . VAL A 1 121 ? -9.684  7.657   -6.339  1.00 10.79 ? 121 VAL A N   1 
ATOM   932  C  CA  . VAL A 1 121 ? -8.904  7.906   -7.555  1.00 8.77  ? 121 VAL A CA  1 
ATOM   933  C  C   . VAL A 1 121 ? -9.669  7.527   -8.831  1.00 8.15  ? 121 VAL A C   1 
ATOM   934  O  O   . VAL A 1 121 ? -9.723  8.376   -9.723  1.00 7.75  ? 121 VAL A O   1 
ATOM   935  C  CB  . VAL A 1 121 ? -7.552  7.164   -7.516  1.00 8.31  ? 121 VAL A CB  1 
ATOM   936  C  CG1 . VAL A 1 121 ? -6.833  7.073   -8.828  1.00 10.81 ? 121 VAL A CG1 1 
ATOM   937  C  CG2 . VAL A 1 121 ? -6.651  7.838   -6.471  1.00 9.77  ? 121 VAL A CG2 1 
ATOM   938  N  N   . VAL A 1 122 ? -10.273 6.320   -8.903  1.00 7.78  ? 122 VAL A N   1 
ATOM   939  C  CA  . VAL A 1 122 ? -10.918 5.955   -10.186 1.00 8.46  ? 122 VAL A CA  1 
ATOM   940  C  C   . VAL A 1 122 ? -12.342 6.442   -10.302 1.00 8.70  ? 122 VAL A C   1 
ATOM   941  O  O   . VAL A 1 122 ? -12.789 6.457   -11.477 1.00 11.29 ? 122 VAL A O   1 
ATOM   942  C  CB  . VAL A 1 122 ? -10.754 4.463   -10.400 1.00 6.76  ? 122 VAL A CB  1 
ATOM   943  C  CG1 . VAL A 1 122 ? -9.237  4.077   -10.398 1.00 9.95  ? 122 VAL A CG1 1 
ATOM   944  C  CG2 . VAL A 1 122 ? -11.582 3.716   -9.370  1.00 6.56  ? 122 VAL A CG2 1 
ATOM   945  N  N   . GLY A 1 123 ? -12.989 6.924   -9.216  1.00 13.52 ? 123 GLY A N   1 
ATOM   946  C  CA  . GLY A 1 123 ? -14.345 7.513   -9.496  1.00 8.18  ? 123 GLY A CA  1 
ATOM   947  C  C   . GLY A 1 123 ? -15.267 6.499   -10.067 1.00 11.83 ? 123 GLY A C   1 
ATOM   948  O  O   . GLY A 1 123 ? -15.371 5.305   -9.608  1.00 8.43  ? 123 GLY A O   1 
ATOM   949  N  N   . ALA A 1 124 ? -15.994 6.939   -11.072 1.00 11.89 ? 124 ALA A N   1 
ATOM   950  C  CA  . ALA A 1 124 ? -17.036 6.068   -11.707 1.00 10.51 ? 124 ALA A CA  1 
ATOM   951  C  C   . ALA A 1 124 ? -16.508 4.833   -12.415 1.00 7.84  ? 124 ALA A C   1 
ATOM   952  O  O   . ALA A 1 124 ? -17.335 4.017   -12.775 1.00 10.19 ? 124 ALA A O   1 
ATOM   953  C  CB  . ALA A 1 124 ? -17.843 6.977   -12.644 1.00 9.40  ? 124 ALA A CB  1 
ATOM   954  N  N   . LYS A 1 125 ? -15.202 4.650   -12.581 1.00 7.83  ? 125 LYS A N   1 
ATOM   955  C  CA  . LYS A 1 125 ? -14.585 3.470   -13.208 1.00 9.94  ? 125 LYS A CA  1 
ATOM   956  C  C   . LYS A 1 125 ? -14.450 2.343   -12.237 1.00 4.66  ? 125 LYS A C   1 
ATOM   957  O  O   . LYS A 1 125 ? -13.945 1.277   -12.556 1.00 7.98  ? 125 LYS A O   1 
ATOM   958  C  CB  . LYS A 1 125 ? -13.195 3.851   -13.782 1.00 12.24 ? 125 LYS A CB  1 
ATOM   959  C  CG  . LYS A 1 125 ? -13.434 4.876   -14.945 1.00 17.33 ? 125 LYS A CG  1 
ATOM   960  C  CD  . LYS A 1 125 ? -12.141 5.404   -15.526 1.00 22.31 ? 125 LYS A CD  1 
ATOM   961  C  CE  . LYS A 1 125 ? -10.982 5.710   -14.631 1.00 24.74 ? 125 LYS A CE  1 
ATOM   962  N  NZ  . LYS A 1 125 ? -10.954 7.115   -14.108 1.00 22.55 ? 125 LYS A NZ  1 
ATOM   963  N  N   . TRP A 1 126 ? -14.738 2.585   -10.965 1.00 7.73  ? 126 TRP A N   1 
ATOM   964  C  CA  . TRP A 1 126 ? -14.550 1.549   -9.930  1.00 7.66  ? 126 TRP A CA  1 
ATOM   965  C  C   . TRP A 1 126 ? -15.368 0.306   -10.296 1.00 7.27  ? 126 TRP A C   1 
ATOM   966  O  O   . TRP A 1 126 ? -16.519 0.392   -10.742 1.00 9.32  ? 126 TRP A O   1 
ATOM   967  C  CB  . TRP A 1 126 ? -14.898 2.110   -8.533  1.00 7.90  ? 126 TRP A CB  1 
ATOM   968  C  CG  . TRP A 1 126 ? -14.600 1.222   -7.401  1.00 8.34  ? 126 TRP A CG  1 
ATOM   969  C  CD1 . TRP A 1 126 ? -13.412 1.063   -6.721  1.00 7.57  ? 126 TRP A CD1 1 
ATOM   970  C  CD2 . TRP A 1 126 ? -15.515 0.300   -6.774  1.00 13.16 ? 126 TRP A CD2 1 
ATOM   971  N  NE1 . TRP A 1 126 ? -13.497 0.125   -5.749  1.00 11.30 ? 126 TRP A NE1 1 
ATOM   972  C  CE2 . TRP A 1 126 ? -14.767 -0.380  -5.747  1.00 12.78 ? 126 TRP A CE2 1 
ATOM   973  C  CE3 . TRP A 1 126 ? -16.799 -0.112  -7.052  1.00 14.44 ? 126 TRP A CE3 1 
ATOM   974  C  CZ2 . TRP A 1 126 ? -15.343 -1.358  -4.966  1.00 17.44 ? 126 TRP A CZ2 1 
ATOM   975  C  CZ3 . TRP A 1 126 ? -17.343 -1.172  -6.298  1.00 19.36 ? 126 TRP A CZ3 1 
ATOM   976  C  CH2 . TRP A 1 126 ? -16.637 -1.811  -5.289  1.00 16.34 ? 126 TRP A CH2 1 
ATOM   977  N  N   . SER A 1 127 ? -14.760 -0.846  -9.954  1.00 9.15  ? 127 SER A N   1 
ATOM   978  C  CA  . SER A 1 127 ? -15.525 -2.107  -10.091 1.00 6.86  ? 127 SER A CA  1 
ATOM   979  C  C   . SER A 1 127 ? -15.127 -3.050  -8.956  1.00 11.50 ? 127 SER A C   1 
ATOM   980  O  O   . SER A 1 127 ? -14.111 -2.921  -8.261  1.00 9.11  ? 127 SER A O   1 
ATOM   981  C  CB  . SER A 1 127 ? -15.329 -2.811  -11.436 1.00 6.50  ? 127 SER A CB  1 
ATOM   982  O  OG  . SER A 1 127 ? -13.981 -3.236  -11.523 1.00 9.37  ? 127 SER A OG  1 
ATOM   983  N  N   . GLU A 1 128 ? -15.977 -4.115  -8.859  1.00 11.18 ? 128 GLU A N   1 
ATOM   984  C  CA  . GLU A 1 128 ? -15.733 -5.204  -7.920  1.00 12.95 ? 128 GLU A CA  1 
ATOM   985  C  C   . GLU A 1 128 ? -14.422 -5.895  -8.243  1.00 8.62  ? 128 GLU A C   1 
ATOM   986  O  O   . GLU A 1 128 ? -13.670 -6.262  -7.324  1.00 10.88 ? 128 GLU A O   1 
ATOM   987  C  CB  . GLU A 1 128 ? -16.817 -6.302  -7.883  1.00 19.35 ? 128 GLU A CB  1 
ATOM   988  C  CG  . GLU A 1 128 ? -18.063 -5.981  -7.043  1.00 32.32 ? 128 GLU A CG  1 
ATOM   989  C  CD  . GLU A 1 128 ? -17.855 -5.211  -5.764  1.00 43.38 ? 128 GLU A CD  1 
ATOM   990  O  OE1 . GLU A 1 128 ? -16.794 -5.444  -5.075  1.00 44.02 ? 128 GLU A OE1 1 
ATOM   991  O  OE2 . GLU A 1 128 ? -18.666 -4.311  -5.448  1.00 48.38 ? 128 GLU A OE2 1 
ATOM   992  N  N   . GLU A 1 129 ? -14.172 -6.105  -9.544  1.00 7.56  ? 129 GLU A N   1 
ATOM   993  C  CA  . GLU A 1 129 ? -12.962 -6.770  -10.026 1.00 10.61 ? 129 GLU A CA  1 
ATOM   994  C  C   . GLU A 1 129 ? -11.685 -6.027  -9.655  1.00 7.84  ? 129 GLU A C   1 
ATOM   995  O  O   . GLU A 1 129 ? -10.645 -6.632  -9.364  1.00 9.88  ? 129 GLU A O   1 
ATOM   996  C  CB  . GLU A 1 129 ? -13.001 -6.901  -11.552 1.00 17.56 ? 129 GLU A CB  1 
ATOM   997  C  CG  . GLU A 1 129 ? -11.718 -7.558  -12.151 1.00 20.05 ? 129 GLU A CG  1 
ATOM   998  C  CD  . GLU A 1 129 ? -12.042 -8.991  -12.555 1.00 26.14 ? 129 GLU A CD  1 
ATOM   999  O  OE1 . GLU A 1 129 ? -12.459 -9.685  -11.596 1.00 28.59 ? 129 GLU A OE1 1 
ATOM   1000 O  OE2 . GLU A 1 129 ? -11.905 -9.299  -13.715 1.00 27.32 ? 129 GLU A OE2 1 
ATOM   1001 N  N   . LEU A 1 130 ? -11.771 -4.697  -9.748  1.00 11.46 ? 130 LEU A N   1 
ATOM   1002 C  CA  . LEU A 1 130 ? -10.699 -3.787  -9.390  1.00 10.75 ? 130 LEU A CA  1 
ATOM   1003 C  C   . LEU A 1 130 ? -10.367 -3.977  -7.925  1.00 5.93  ? 130 LEU A C   1 
ATOM   1004 O  O   . LEU A 1 130 ? -9.210  -4.065  -7.449  1.00 9.42  ? 130 LEU A O   1 
ATOM   1005 C  CB  . LEU A 1 130 ? -11.064 -2.311  -9.750  1.00 10.05 ? 130 LEU A CB  1 
ATOM   1006 C  CG  . LEU A 1 130 ? -10.024 -1.283  -9.316  1.00 11.49 ? 130 LEU A CG  1 
ATOM   1007 C  CD1 . LEU A 1 130 ? -8.723  -1.472  -10.061 1.00 14.38 ? 130 LEU A CD1 1 
ATOM   1008 C  CD2 . LEU A 1 130 ? -10.537 0.113   -9.652  1.00 12.97 ? 130 LEU A CD2 1 
ATOM   1009 N  N   . ASN A 1 131 ? -11.405 -3.985  -7.117  1.00 7.85  ? 131 ASN A N   1 
ATOM   1010 C  CA  . ASN A 1 131 ? -11.281 -4.084  -5.657  1.00 6.92  ? 131 ASN A CA  1 
ATOM   1011 C  C   . ASN A 1 131 ? -10.639 -5.396  -5.294  1.00 5.82  ? 131 ASN A C   1 
ATOM   1012 O  O   . ASN A 1 131 ? -9.668  -5.460  -4.514  1.00 4.34  ? 131 ASN A O   1 
ATOM   1013 C  CB  . ASN A 1 131 ? -12.683 -3.762  -5.052  1.00 10.50 ? 131 ASN A CB  1 
ATOM   1014 C  CG  . ASN A 1 131 ? -12.576 -3.856  -3.520  1.00 12.66 ? 131 ASN A CG  1 
ATOM   1015 O  OD1 . ASN A 1 131 ? -12.997 -4.850  -2.927  1.00 17.18 ? 131 ASN A OD1 1 
ATOM   1016 N  ND2 . ASN A 1 131 ? -11.964 -2.861  -2.965  1.00 9.43  ? 131 ASN A ND2 1 
ATOM   1017 N  N   . SER A 1 132 ? -11.088 -6.482  -5.855  1.00 8.58  ? 132 SER A N   1 
ATOM   1018 C  CA  . SER A 1 132 ? -10.535 -7.834  -5.619  1.00 9.15  ? 132 SER A CA  1 
ATOM   1019 C  C   . SER A 1 132 ? -9.052  -7.911  -5.987  1.00 8.07  ? 132 SER A C   1 
ATOM   1020 O  O   . SER A 1 132 ? -8.269  -8.554  -5.294  1.00 8.00  ? 132 SER A O   1 
ATOM   1021 C  CB  . SER A 1 132 ? -11.253 -8.900  -6.418  1.00 7.31  ? 132 SER A CB  1 
ATOM   1022 O  OG  . SER A 1 132 ? -12.568 -8.867  -6.096  1.00 13.95 ? 132 SER A OG  1 
ATOM   1023 N  N   . ALA A 1 133 ? -8.777  -7.342  -7.148  1.00 5.00  ? 133 ALA A N   1 
ATOM   1024 C  CA  . ALA A 1 133 ? -7.364  -7.353  -7.616  1.00 8.50  ? 133 ALA A CA  1 
ATOM   1025 C  C   . ALA A 1 133 ? -6.445  -6.654  -6.608  1.00 6.88  ? 133 ALA A C   1 
ATOM   1026 O  O   . ALA A 1 133 ? -5.376  -7.215  -6.214  1.00 5.79  ? 133 ALA A O   1 
ATOM   1027 C  CB  . ALA A 1 133 ? -7.364  -6.762  -9.010  1.00 6.78  ? 133 ALA A CB  1 
ATOM   1028 N  N   . TRP A 1 134 ? -6.722  -5.401  -6.210  1.00 5.11  ? 134 TRP A N   1 
ATOM   1029 C  CA  . TRP A 1 134 ? -5.818  -4.740  -5.247  1.00 1.84  ? 134 TRP A CA  1 
ATOM   1030 C  C   . TRP A 1 134 ? -5.803  -5.494  -3.934  1.00 5.83  ? 134 TRP A C   1 
ATOM   1031 O  O   . TRP A 1 134 ? -4.813  -5.506  -3.187  1.00 4.51  ? 134 TRP A O   1 
ATOM   1032 C  CB  . TRP A 1 134 ? -6.308  -3.298  -5.095  1.00 2.78  ? 134 TRP A CB  1 
ATOM   1033 C  CG  . TRP A 1 134 ? -5.872  -2.329  -6.151  1.00 3.03  ? 134 TRP A CG  1 
ATOM   1034 C  CD1 . TRP A 1 134 ? -6.534  -1.943  -7.259  1.00 3.97  ? 134 TRP A CD1 1 
ATOM   1035 C  CD2 . TRP A 1 134 ? -4.599  -1.638  -6.184  1.00 4.48  ? 134 TRP A CD2 1 
ATOM   1036 N  NE1 . TRP A 1 134 ? -5.777  -0.992  -7.934  1.00 6.34  ? 134 TRP A NE1 1 
ATOM   1037 C  CE2 . TRP A 1 134 ? -4.599  -0.811  -7.292  1.00 3.46  ? 134 TRP A CE2 1 
ATOM   1038 C  CE3 . TRP A 1 134 ? -3.504  -1.614  -5.315  1.00 7.32  ? 134 TRP A CE3 1 
ATOM   1039 C  CZ2 . TRP A 1 134 ? -3.514  0.039   -7.575  1.00 6.55  ? 134 TRP A CZ2 1 
ATOM   1040 C  CZ3 . TRP A 1 134 ? -2.404  -0.793  -5.565  1.00 10.00 ? 134 TRP A CZ3 1 
ATOM   1041 C  CH2 . TRP A 1 134 ? -2.416  0.000   -6.750  1.00 5.58  ? 134 TRP A CH2 1 
ATOM   1042 N  N   . THR A 1 135 ? -6.974  -6.126  -3.564  1.00 5.62  ? 135 THR A N   1 
ATOM   1043 C  CA  . THR A 1 135 ? -7.035  -6.906  -2.329  1.00 6.67  ? 135 THR A CA  1 
ATOM   1044 C  C   . THR A 1 135 ? -6.077  -8.107  -2.414  1.00 6.55  ? 135 THR A C   1 
ATOM   1045 O  O   . THR A 1 135 ? -5.346  -8.323  -1.463  1.00 7.68  ? 135 THR A O   1 
ATOM   1046 C  CB  . THR A 1 135 ? -8.485  -7.456  -1.970  1.00 6.35  ? 135 THR A CB  1 
ATOM   1047 O  OG1 . THR A 1 135 ? -9.215  -6.239  -1.848  1.00 8.43  ? 135 THR A OG1 1 
ATOM   1048 C  CG2 . THR A 1 135 ? -8.553  -8.387  -0.749  1.00 5.23  ? 135 THR A CG2 1 
ATOM   1049 N  N   . ILE A 1 136 ? -6.072  -8.873  -3.451  1.00 5.58  ? 136 ILE A N   1 
ATOM   1050 C  CA  . ILE A 1 136 ? -5.213  -10.045 -3.561  1.00 7.51  ? 136 ILE A CA  1 
ATOM   1051 C  C   . ILE A 1 136 ? -3.747  -9.628  -3.533  1.00 5.26  ? 136 ILE A C   1 
ATOM   1052 O  O   . ILE A 1 136 ? -2.921  -10.296 -2.896  1.00 5.70  ? 136 ILE A O   1 
ATOM   1053 C  CB  . ILE A 1 136 ? -5.561  -10.851 -4.846  1.00 9.44  ? 136 ILE A CB  1 
ATOM   1054 C  CG1 . ILE A 1 136 ? -6.947  -11.549 -4.737  1.00 8.78  ? 136 ILE A CG1 1 
ATOM   1055 C  CG2 . ILE A 1 136 ? -4.465  -11.927 -5.132  1.00 10.60 ? 136 ILE A CG2 1 
ATOM   1056 C  CD1 . ILE A 1 136 ? -7.556  -11.872 -6.113  1.00 9.49  ? 136 ILE A CD1 1 
ATOM   1057 N  N   . ALA A 1 137 ? -3.414  -8.650  -4.354  1.00 6.07  ? 137 ALA A N   1 
ATOM   1058 C  CA  . ALA A 1 137 ? -2.052  -8.130  -4.477  1.00 3.16  ? 137 ALA A CA  1 
ATOM   1059 C  C   . ALA A 1 137 ? -1.518  -7.724  -3.114  1.00 5.31  ? 137 ALA A C   1 
ATOM   1060 O  O   . ALA A 1 137 ? -0.385  -8.061  -2.703  1.00 6.50  ? 137 ALA A O   1 
ATOM   1061 C  CB  . ALA A 1 137 ? -2.122  -6.982  -5.470  1.00 1.72  ? 137 ALA A CB  1 
ATOM   1062 N  N   . TYR A 1 138 ? -2.313  -6.914  -2.421  1.00 4.54  ? 138 TYR A N   1 
ATOM   1063 C  CA  . TYR A 1 138 ? -1.926  -6.474  -1.067  1.00 5.73  ? 138 TYR A CA  1 
ATOM   1064 C  C   . TYR A 1 138 ? -1.745  -7.691  -0.187  1.00 7.64  ? 138 TYR A C   1 
ATOM   1065 O  O   . TYR A 1 138 ? -0.777  -7.731  0.573   1.00 5.71  ? 138 TYR A O   1 
ATOM   1066 C  CB  . TYR A 1 138 ? -2.956  -5.532  -0.446  1.00 6.20  ? 138 TYR A CB  1 
ATOM   1067 C  CG  . TYR A 1 138 ? -2.449  -4.963  0.866   1.00 6.75  ? 138 TYR A CG  1 
ATOM   1068 C  CD1 . TYR A 1 138 ? -2.696  -5.679  2.042   1.00 7.13  ? 138 TYR A CD1 1 
ATOM   1069 C  CD2 . TYR A 1 138 ? -1.758  -3.747  0.954   1.00 4.76  ? 138 TYR A CD2 1 
ATOM   1070 C  CE1 . TYR A 1 138 ? -2.226  -5.176  3.264   1.00 6.94  ? 138 TYR A CE1 1 
ATOM   1071 C  CE2 . TYR A 1 138 ? -1.315  -3.200  2.209   1.00 9.87  ? 138 TYR A CE2 1 
ATOM   1072 C  CZ  . TYR A 1 138 ? -1.634  -3.891  3.341   1.00 1.72  ? 138 TYR A CZ  1 
ATOM   1073 O  OH  . TYR A 1 138 ? -1.191  -3.528  4.572   1.00 4.73  ? 138 TYR A OH  1 
ATOM   1074 N  N   . ASP A 1 139 ? -2.705  -8.572  -0.078  1.00 3.71  ? 139 ASP A N   1 
ATOM   1075 C  CA  . ASP A 1 139 ? -2.614  -9.731  0.825   1.00 3.27  ? 139 ASP A CA  1 
ATOM   1076 C  C   . ASP A 1 139 ? -1.386  -10.618 0.585   1.00 1.72  ? 139 ASP A C   1 
ATOM   1077 O  O   . ASP A 1 139 ? -0.797  -11.089 1.562   1.00 4.48  ? 139 ASP A O   1 
ATOM   1078 C  CB  . ASP A 1 139 ? -3.890  -10.581 0.633   1.00 7.58  ? 139 ASP A CB  1 
ATOM   1079 C  CG  . ASP A 1 139 ? -5.058  -10.002 1.387   1.00 10.89 ? 139 ASP A CG  1 
ATOM   1080 O  OD1 . ASP A 1 139 ? -4.951  -9.061  2.123   1.00 12.46 ? 139 ASP A OD1 1 
ATOM   1081 O  OD2 . ASP A 1 139 ? -6.144  -10.518 1.095   1.00 15.24 ? 139 ASP A OD2 1 
ATOM   1082 N  N   . GLU A 1 140 ? -1.095  -10.857 -0.663  1.00 3.82  ? 140 GLU A N   1 
ATOM   1083 C  CA  . GLU A 1 140 ? 0.048   -11.728 -0.992  1.00 6.83  ? 140 GLU A CA  1 
ATOM   1084 C  C   . GLU A 1 140 ? 1.362   -11.041 -0.649  1.00 9.19  ? 140 GLU A C   1 
ATOM   1085 O  O   . GLU A 1 140 ? 2.294   -11.708 -0.118  1.00 4.62  ? 140 GLU A O   1 
ATOM   1086 C  CB  . GLU A 1 140 ? -0.066  -12.114 -2.442  1.00 4.22  ? 140 GLU A CB  1 
ATOM   1087 C  CG  . GLU A 1 140 ? -1.278  -13.091 -2.704  1.00 4.65  ? 140 GLU A CG  1 
ATOM   1088 C  CD  . GLU A 1 140 ? -1.207  -14.408 -1.984  1.00 7.86  ? 140 GLU A CD  1 
ATOM   1089 O  OE1 . GLU A 1 140 ? -0.259  -14.964 -1.452  1.00 7.58  ? 140 GLU A OE1 1 
ATOM   1090 O  OE2 . GLU A 1 140 ? -2.354  -14.963 -2.042  1.00 9.51  ? 140 GLU A OE2 1 
ATOM   1091 N  N   . LEU A 1 141 ? 1.459   -9.748  -0.927  1.00 6.49  ? 141 LEU A N   1 
ATOM   1092 C  CA  . LEU A 1 141 ? 2.638   -8.961  -0.552  1.00 4.69  ? 141 LEU A CA  1 
ATOM   1093 C  C   . LEU A 1 141 ? 2.798   -8.944  0.968   1.00 7.34  ? 141 LEU A C   1 
ATOM   1094 O  O   . LEU A 1 141 ? 3.911   -9.138  1.509   1.00 6.40  ? 141 LEU A O   1 
ATOM   1095 C  CB  . LEU A 1 141 ? 2.564   -7.536  -1.169  1.00 5.47  ? 141 LEU A CB  1 
ATOM   1096 C  CG  . LEU A 1 141 ? 3.825   -6.645  -0.872  1.00 5.00  ? 141 LEU A CG  1 
ATOM   1097 C  CD1 . LEU A 1 141 ? 5.116   -7.265  -1.343  1.00 7.48  ? 141 LEU A CD1 1 
ATOM   1098 C  CD2 . LEU A 1 141 ? 3.585   -5.370  -1.603  1.00 4.00  ? 141 LEU A CD2 1 
ATOM   1099 N  N   . ALA A 1 142 ? 1.696   -8.695  1.681   1.00 8.64  ? 142 ALA A N   1 
ATOM   1100 C  CA  . ALA A 1 142 ? 1.713   -8.639  3.146   1.00 8.73  ? 142 ALA A CA  1 
ATOM   1101 C  C   . ALA A 1 142 ? 2.199   -9.983  3.695   1.00 5.92  ? 142 ALA A C   1 
ATOM   1102 O  O   . ALA A 1 142 ? 3.016   -9.974  4.639   1.00 5.27  ? 142 ALA A O   1 
ATOM   1103 C  CB  . ALA A 1 142 ? 0.346   -8.292  3.768   1.00 9.58  ? 142 ALA A CB  1 
ATOM   1104 N  N   . ILE A 1 143 ? 1.765   -11.065 3.058   1.00 8.65  ? 143 ILE A N   1 
ATOM   1105 C  CA  . ILE A 1 143 ? 2.211   -12.388 3.631   1.00 7.36  ? 143 ILE A CA  1 
ATOM   1106 C  C   . ILE A 1 143 ? 3.711   -12.477 3.687   1.00 6.04  ? 143 ILE A C   1 
ATOM   1107 O  O   . ILE A 1 143 ? 4.314   -13.000 4.654   1.00 8.34  ? 143 ILE A O   1 
ATOM   1108 C  CB  . ILE A 1 143 ? 1.505   -13.597 2.868   1.00 5.42  ? 143 ILE A CB  1 
ATOM   1109 C  CG1 . ILE A 1 143 ? 0.051   -13.662 3.282   1.00 5.62  ? 143 ILE A CG1 1 
ATOM   1110 C  CG2 . ILE A 1 143 ? 2.206   -14.963 3.127   1.00 9.31  ? 143 ILE A CG2 1 
ATOM   1111 C  CD1 . ILE A 1 143 ? -0.843  -14.598 2.344   1.00 5.51  ? 143 ILE A CD1 1 
ATOM   1112 N  N   . VAL A 1 144 ? 4.335   -12.084 2.579   1.00 8.82  ? 144 VAL A N   1 
ATOM   1113 C  CA  . VAL A 1 144 ? 5.802   -12.121 2.434   1.00 9.18  ? 144 VAL A CA  1 
ATOM   1114 C  C   . VAL A 1 144 ? 6.442   -11.119 3.376   1.00 10.87 ? 144 VAL A C   1 
ATOM   1115 O  O   . VAL A 1 144 ? 7.359   -11.508 4.134   1.00 12.57 ? 144 VAL A O   1 
ATOM   1116 C  CB  . VAL A 1 144 ? 6.137   -11.898 0.941   1.00 12.00 ? 144 VAL A CB  1 
ATOM   1117 C  CG1 . VAL A 1 144 ? 7.607   -11.676 0.777   1.00 16.28 ? 144 VAL A CG1 1 
ATOM   1118 C  CG2 . VAL A 1 144 ? 5.558   -13.054 0.034   1.00 9.07  ? 144 VAL A CG2 1 
ATOM   1119 N  N   . ILE A 1 145 ? 5.923   -9.888  3.497   1.00 7.56  ? 145 ILE A N   1 
ATOM   1120 C  CA  . ILE A 1 145 ? 6.550   -8.944  4.419   1.00 7.45  ? 145 ILE A CA  1 
ATOM   1121 C  C   . ILE A 1 145 ? 6.423   -9.436  5.840   1.00 9.03  ? 145 ILE A C   1 
ATOM   1122 O  O   . ILE A 1 145 ? 7.403   -9.352  6.614   1.00 10.01 ? 145 ILE A O   1 
ATOM   1123 C  CB  . ILE A 1 145 ? 5.973   -7.498  4.210   1.00 7.74  ? 145 ILE A CB  1 
ATOM   1124 C  CG1 . ILE A 1 145 ? 6.393   -7.002  2.804   1.00 8.58  ? 145 ILE A CG1 1 
ATOM   1125 C  CG2 . ILE A 1 145 ? 6.425   -6.488  5.316   1.00 7.77  ? 145 ILE A CG2 1 
ATOM   1126 C  CD1 . ILE A 1 145 ? 5.666   -5.663  2.514   1.00 7.53  ? 145 ILE A CD1 1 
ATOM   1127 N  N   . LYS A 1 146 ? 5.284   -10.001 6.257   1.00 9.36  ? 146 LYS A N   1 
ATOM   1128 C  CA  . LYS A 1 146 ? 5.062   -10.470 7.611   1.00 8.04  ? 146 LYS A CA  1 
ATOM   1129 C  C   . LYS A 1 146 ? 5.985   -11.633 7.945   1.00 10.25 ? 146 LYS A C   1 
ATOM   1130 O  O   . LYS A 1 146 ? 6.480   -11.732 9.078   1.00 11.36 ? 146 LYS A O   1 
ATOM   1131 C  CB  . LYS A 1 146 ? 3.616   -10.944 7.844   1.00 6.94  ? 146 LYS A CB  1 
ATOM   1132 C  CG  . LYS A 1 146 ? 2.731   -9.702  8.215   1.00 7.35  ? 146 LYS A CG  1 
ATOM   1133 C  CD  . LYS A 1 146 ? 1.370   -9.790  7.635   1.00 16.20 ? 146 LYS A CD  1 
ATOM   1134 C  CE  . LYS A 1 146 ? 0.290   -10.410 8.454   1.00 19.19 ? 146 LYS A CE  1 
ATOM   1135 N  NZ  . LYS A 1 146 ? -0.926  -10.689 7.607   1.00 20.25 ? 146 LYS A NZ  1 
ATOM   1136 N  N   . LYS A 1 147 ? 6.255   -12.429 6.941   1.00 11.00 ? 147 LYS A N   1 
ATOM   1137 C  CA  . LYS A 1 147 ? 7.177   -13.592 7.118   1.00 14.65 ? 147 LYS A CA  1 
ATOM   1138 C  C   . LYS A 1 147 ? 8.563   -13.088 7.405   1.00 15.03 ? 147 LYS A C   1 
ATOM   1139 O  O   . LYS A 1 147 ? 9.351   -13.605 8.252   1.00 16.08 ? 147 LYS A O   1 
ATOM   1140 C  CB  . LYS A 1 147 ? 7.155   -14.489 5.922   1.00 16.39 ? 147 LYS A CB  1 
ATOM   1141 C  CG  . LYS A 1 147 ? 7.993   -15.741 5.866   1.00 26.64 ? 147 LYS A CG  1 
ATOM   1142 C  CD  . LYS A 1 147 ? 9.262   -15.585 5.033   1.00 31.99 ? 147 LYS A CD  1 
ATOM   1143 C  CE  . LYS A 1 147 ? 10.092  -16.871 4.932   1.00 37.06 ? 147 LYS A CE  1 
ATOM   1144 N  NZ  . LYS A 1 147 ? 10.794  -17.241 6.197   1.00 32.15 ? 147 LYS A NZ  1 
ATOM   1145 N  N   . GLU A 1 148 ? 8.948   -12.056 6.717   1.00 14.80 ? 148 GLU A N   1 
ATOM   1146 C  CA  . GLU A 1 148 ? 10.283  -11.479 6.934   1.00 14.15 ? 148 GLU A CA  1 
ATOM   1147 C  C   . GLU A 1 148 ? 10.370  -10.654 8.221   1.00 19.29 ? 148 GLU A C   1 
ATOM   1148 O  O   . GLU A 1 148 ? 11.436  -10.389 8.825   1.00 19.86 ? 148 GLU A O   1 
ATOM   1149 C  CB  . GLU A 1 148 ? 10.621  -10.666 5.697   1.00 13.30 ? 148 GLU A CB  1 
ATOM   1150 C  CG  . GLU A 1 148 ? 10.860  -11.354 4.383   1.00 18.77 ? 148 GLU A CG  1 
ATOM   1151 C  CD  . GLU A 1 148 ? 11.682  -12.615 4.477   1.00 22.60 ? 148 GLU A CD  1 
ATOM   1152 O  OE1 . GLU A 1 148 ? 12.586  -12.724 5.284   1.00 28.82 ? 148 GLU A OE1 1 
ATOM   1153 O  OE2 . GLU A 1 148 ? 11.283  -13.600 3.839   1.00 28.63 ? 148 GLU A OE2 1 
ATOM   1154 N  N   . MET A 1 149 ? 9.247   -10.238 8.781   1.00 19.18 ? 149 MET A N   1 
ATOM   1155 C  CA  . MET A 1 149 ? 9.145   -9.501  10.038  1.00 19.32 ? 149 MET A CA  1 
ATOM   1156 C  C   . MET A 1 149 ? 9.357   -10.526 11.162  1.00 19.93 ? 149 MET A C   1 
ATOM   1157 O  O   . MET A 1 149 ? 10.109  -10.352 12.150  1.00 19.50 ? 149 MET A O   1 
ATOM   1158 C  CB  . MET A 1 149 ? 7.813   -8.769  10.153  1.00 11.29 ? 149 MET A CB  1 
ATOM   1159 C  CG  . MET A 1 149 ? 7.865   -7.460  9.360   1.00 14.88 ? 149 MET A CG  1 
ATOM   1160 S  SD  . MET A 1 149 ? 6.118   -6.848  9.324   1.00 14.54 ? 149 MET A SD  1 
ATOM   1161 C  CE  . MET A 1 149 ? 5.801   -6.631  11.091  1.00 9.95  ? 149 MET A CE  1 
ATOM   1162 N  N   . ASP A 1 150 ? 8.612   -11.571 10.947  1.00 24.85 ? 150 ASP A N   1 
ATOM   1163 C  CA  . ASP A 1 150 ? 8.641   -12.724 11.876  1.00 37.78 ? 150 ASP A CA  1 
ATOM   1164 C  C   . ASP A 1 150 ? 10.075  -13.266 11.862  1.00 41.81 ? 150 ASP A C   1 
ATOM   1165 O  O   . ASP A 1 150 ? 10.611  -13.559 12.937  1.00 43.52 ? 150 ASP A O   1 
ATOM   1166 C  CB  . ASP A 1 150 ? 7.528   -13.694 11.511  1.00 43.05 ? 150 ASP A CB  1 
ATOM   1167 C  CG  . ASP A 1 150 ? 7.441   -14.782 12.561  1.00 51.42 ? 150 ASP A CG  1 
ATOM   1168 O  OD1 . ASP A 1 150 ? 7.236   -14.467 13.744  1.00 55.28 ? 150 ASP A OD1 1 
ATOM   1169 O  OD2 . ASP A 1 150 ? 7.738   -15.947 12.196  1.00 57.13 ? 150 ASP A OD2 1 
ATOM   1170 N  N   . ASP A 1 151 ? 10.680  -13.332 10.697  1.00 49.14 ? 151 ASP A N   1 
ATOM   1171 C  CA  . ASP A 1 151 ? 12.043  -13.790 10.425  1.00 51.72 ? 151 ASP A CA  1 
ATOM   1172 C  C   . ASP A 1 151 ? 13.094  -12.763 10.856  1.00 56.00 ? 151 ASP A C   1 
ATOM   1173 O  O   . ASP A 1 151 ? 14.141  -13.202 11.385  1.00 57.24 ? 151 ASP A O   1 
ATOM   1174 C  CB  . ASP A 1 151 ? 12.220  -14.143 8.942   1.00 50.90 ? 151 ASP A CB  1 
ATOM   1175 C  CG  . ASP A 1 151 ? 11.635  -15.465 8.493   1.00 50.44 ? 151 ASP A CG  1 
ATOM   1176 O  OD1 . ASP A 1 151 ? 10.653  -16.028 9.013   1.00 48.02 ? 151 ASP A OD1 1 
ATOM   1177 O  OD2 . ASP A 1 151 ? 12.215  -15.959 7.487   1.00 47.33 ? 151 ASP A OD2 1 
ATOM   1178 N  N   . ALA A 1 152 ? 12.849  -11.475 10.683  1.00 58.52 ? 152 ALA A N   1 
ATOM   1179 C  CA  . ALA A 1 152 ? 13.771  -10.391 11.030  1.00 61.00 ? 152 ALA A CA  1 
ATOM   1180 C  C   . ALA A 1 152 ? 13.681  -9.947  12.494  1.00 64.03 ? 152 ALA A C   1 
ATOM   1181 O  O   . ALA A 1 152 ? 13.757  -8.720  12.762  1.00 63.64 ? 152 ALA A O   1 
ATOM   1182 C  CB  . ALA A 1 152 ? 13.554  -9.133  10.175  1.00 59.10 ? 152 ALA A CB  1 
ATOM   1183 N  N   . ALA A 1 153 ? 13.552  -10.921 13.365  1.00 66.45 ? 153 ALA A N   1 
ATOM   1184 C  CA  . ALA A 1 153 ? 13.446  -10.709 14.809  1.00 70.79 ? 153 ALA A CA  1 
ATOM   1185 C  C   . ALA A 1 153 ? 13.728  -9.246  15.140  1.00 71.97 ? 153 ALA A C   1 
ATOM   1186 O  O   . ALA A 1 153 ? 14.028  -8.944  16.310  1.00 75.10 ? 153 ALA A O   1 
ATOM   1187 C  CB  . ALA A 1 153 ? 14.377  -11.673 15.546  1.00 70.55 ? 153 ALA A CB  1 
HETATM 1188 C  CHA . HEM B 2 .   ? 8.286   2.089   5.922   1.00 11.72 ? 154 HEM A CHA 1 
HETATM 1189 C  CHB . HEM B 2 .   ? 6.118   -0.311  2.247   1.00 8.91  ? 154 HEM A CHB 1 
HETATM 1190 C  CHC . HEM B 2 .   ? 2.820   -1.829  5.506   1.00 11.75 ? 154 HEM A CHC 1 
HETATM 1191 C  CHD . HEM B 2 .   ? 4.332   1.553   8.678   1.00 7.52  ? 154 HEM A CHD 1 
HETATM 1192 C  C1A . HEM B 2 .   ? 8.035   1.499   4.689   1.00 14.52 ? 154 HEM A C1A 1 
HETATM 1193 C  C2A . HEM B 2 .   ? 8.810   1.623   3.492   1.00 17.94 ? 154 HEM A C2A 1 
HETATM 1194 C  C3A . HEM B 2 .   ? 8.210   0.982   2.506   1.00 14.04 ? 154 HEM A C3A 1 
HETATM 1195 C  C4A . HEM B 2 .   ? 7.006   0.371   3.077   1.00 14.32 ? 154 HEM A C4A 1 
HETATM 1196 C  CMA . HEM B 2 .   ? 8.557   0.831   1.014   1.00 18.19 ? 154 HEM A CMA 1 
HETATM 1197 C  CAA . HEM B 2 .   ? 10.131  2.425   3.324   1.00 21.30 ? 154 HEM A CAA 1 
HETATM 1198 C  CBA . HEM B 2 .   ? 11.393  1.566   3.365   1.00 27.58 ? 154 HEM A CBA 1 
HETATM 1199 C  CGA . HEM B 2 .   ? 12.607  2.485   3.231   1.00 35.22 ? 154 HEM A CGA 1 
HETATM 1200 O  O1A . HEM B 2 .   ? 13.414  2.406   4.212   1.00 39.47 ? 154 HEM A O1A 1 
HETATM 1201 O  O2A . HEM B 2 .   ? 12.525  3.267   2.223   1.00 35.91 ? 154 HEM A O2A 1 
HETATM 1202 C  C1B . HEM B 2 .   ? 5.062   -0.977  2.871   1.00 12.22 ? 154 HEM A C1B 1 
HETATM 1203 C  C2B . HEM B 2 .   ? 4.205   -1.941  2.183   1.00 8.11  ? 154 HEM A C2B 1 
HETATM 1204 C  C3B . HEM B 2 .   ? 3.335   -2.429  3.083   1.00 7.59  ? 154 HEM A C3B 1 
HETATM 1205 C  C4B . HEM B 2 .   ? 3.560   -1.683  4.318   1.00 7.19  ? 154 HEM A C4B 1 
HETATM 1206 C  CMB . HEM B 2 .   ? 4.425   -2.276  0.691   1.00 3.56  ? 154 HEM A CMB 1 
HETATM 1207 C  CAB . HEM B 2 .   ? 2.166   -3.406  2.853   1.00 9.69  ? 154 HEM A CAB 1 
HETATM 1208 C  CBB . HEM B 2 .   ? 2.106   -4.291  1.790   1.00 6.60  ? 154 HEM A CBB 1 
HETATM 1209 C  C1C . HEM B 2 .   ? 2.869   -1.017  6.638   1.00 9.83  ? 154 HEM A C1C 1 
HETATM 1210 C  C2C . HEM B 2 .   ? 1.935   -1.011  7.736   1.00 5.71  ? 154 HEM A C2C 1 
HETATM 1211 C  C3C . HEM B 2 .   ? 2.361   -0.051  8.602   1.00 8.75  ? 154 HEM A C3C 1 
HETATM 1212 C  C4C . HEM B 2 .   ? 3.580   0.552   8.054   1.00 11.10 ? 154 HEM A C4C 1 
HETATM 1213 C  CMC . HEM B 2 .   ? 0.823   -2.002  7.941   1.00 5.23  ? 154 HEM A CMC 1 
HETATM 1214 C  CAC . HEM B 2 .   ? 1.796   0.413   9.975   1.00 5.62  ? 154 HEM A CAC 1 
HETATM 1215 C  CBC . HEM B 2 .   ? 0.607   0.997   10.041  1.00 5.17  ? 154 HEM A CBC 1 
HETATM 1216 C  C1D . HEM B 2 .   ? 5.611   1.964   8.288   1.00 12.45 ? 154 HEM A C1D 1 
HETATM 1217 C  C2D . HEM B 2 .   ? 6.508   2.898   8.963   1.00 10.61 ? 154 HEM A C2D 1 
HETATM 1218 C  C3D . HEM B 2 .   ? 7.578   3.050   8.173   1.00 14.37 ? 154 HEM A C3D 1 
HETATM 1219 C  C4D . HEM B 2 .   ? 7.418   2.210   6.998   1.00 15.05 ? 154 HEM A C4D 1 
HETATM 1220 C  CMD . HEM B 2 .   ? 6.227   3.510   10.353  1.00 6.97  ? 154 HEM A CMD 1 
HETATM 1221 C  CAD . HEM B 2 .   ? 8.891   3.885   8.430   1.00 15.17 ? 154 HEM A CAD 1 
HETATM 1222 C  CBD . HEM B 2 .   ? 8.835   5.275   7.811   1.00 24.27 ? 154 HEM A CBD 1 
HETATM 1223 C  CGD . HEM B 2 .   ? 9.458   6.356   8.676   1.00 33.90 ? 154 HEM A CGD 1 
HETATM 1224 O  O1D . HEM B 2 .   ? 10.526  6.001   9.252   1.00 36.23 ? 154 HEM A O1D 1 
HETATM 1225 O  O2D . HEM B 2 .   ? 8.832   7.456   8.746   1.00 37.14 ? 154 HEM A O2D 1 
HETATM 1226 N  NA  . HEM B 2 .   ? 6.896   0.753   4.394   1.00 9.99  ? 154 HEM A NA  1 
HETATM 1227 N  NB  . HEM B 2 .   ? 4.557   -0.783  4.145   1.00 8.87  ? 154 HEM A NB  1 
HETATM 1228 N  NC  . HEM B 2 .   ? 3.842   -0.050  6.800   1.00 8.34  ? 154 HEM A NC  1 
HETATM 1229 N  ND  . HEM B 2 .   ? 6.159   1.620   7.050   1.00 10.23 ? 154 HEM A ND  1 
HETATM 1230 FE FE  . HEM B 2 .   ? 5.465   0.383   5.518   1.00 10.50 ? 154 HEM A FE  1 
HETATM 1231 O  O1  . OXY C 3 .   ? 4.623   1.748   4.772   0.70 9.17  ? 155 OXY A O1  1 
HETATM 1232 O  O2  . OXY C 3 .   ? 3.663   2.515   4.689   0.70 19.33 ? 155 OXY A O2  1 
HETATM 1233 O  O   . HOH D 4 .   ? 2.349   15.853  1.575   1.00 8.90  ? 156 HOH A O   1 
HETATM 1234 O  O   . HOH D 4 .   ? 0.979   14.938  -0.519  1.00 13.69 ? 157 HOH A O   1 
HETATM 1235 O  O   . HOH D 4 .   ? 2.384   -14.473 -1.026  1.00 9.50  ? 158 HOH A O   1 
HETATM 1236 O  O   . HOH D 4 .   ? -18.717 1.950   -10.643 1.00 14.21 ? 159 HOH A O   1 
HETATM 1237 O  O   . HOH D 4 .   ? 6.446   -5.820  -5.023  1.00 16.66 ? 160 HOH A O   1 
HETATM 1238 O  O   . HOH D 4 .   ? -7.793  11.760  9.212   1.00 11.92 ? 161 HOH A O   1 
HETATM 1239 O  O   . HOH D 4 .   ? 5.480   -17.944 -15.375 1.00 16.87 ? 162 HOH A O   1 
HETATM 1240 O  O   . HOH D 4 .   ? 6.444   -6.927  -10.861 1.00 21.53 ? 163 HOH A O   1 
HETATM 1241 O  O   . HOH D 4 .   ? 4.534   -20.243 -9.769  1.00 11.75 ? 164 HOH A O   1 
HETATM 1242 O  O   . HOH D 4 .   ? 10.499  -16.382 -3.260  1.00 13.65 ? 165 HOH A O   1 
HETATM 1243 O  O   . HOH D 4 .   ? 8.291   -18.094 -4.026  1.00 10.48 ? 166 HOH A O   1 
HETATM 1244 O  O   . HOH D 4 .   ? 5.855   -16.849 -2.634  1.00 21.18 ? 167 HOH A O   1 
HETATM 1245 O  O   . HOH D 4 .   ? 3.464   -16.104 -3.275  1.00 15.73 ? 168 HOH A O   1 
HETATM 1246 O  O   . HOH D 4 .   ? 1.583   -18.313 1.174   1.00 13.87 ? 169 HOH A O   1 
HETATM 1247 O  O   . HOH D 4 .   ? -0.438  -17.535 -0.609  1.00 15.25 ? 170 HOH A O   1 
HETATM 1248 O  O   . HOH D 4 .   ? -3.296  -16.551 0.501   1.00 14.83 ? 171 HOH A O   1 
HETATM 1249 O  O   . HOH D 4 .   ? 14.163  -2.746  1.165   1.00 37.67 ? 172 HOH A O   1 
HETATM 1250 O  O   . HOH D 4 .   ? 2.004   13.076  -9.116  1.00 30.36 ? 173 HOH A O   1 
HETATM 1251 O  O   . HOH D 4 .   ? 10.134  9.309   2.270   1.00 22.44 ? 174 HOH A O   1 
HETATM 1252 O  O   . HOH D 4 .   ? -11.119 -5.932  3.124   1.00 23.42 ? 175 HOH A O   1 
HETATM 1253 O  O   . HOH D 4 .   ? -11.187 -6.421  -0.040  1.00 18.08 ? 176 HOH A O   1 
HETATM 1254 O  O   . HOH D 4 .   ? -13.863 9.886   -6.870  1.00 38.45 ? 177 HOH A O   1 
HETATM 1255 O  O   . HOH D 4 .   ? -0.348  -19.013 -7.694  1.00 10.08 ? 178 HOH A O   1 
HETATM 1256 O  O   . HOH D 4 .   ? 10.298  -9.310  -7.017  1.00 14.38 ? 179 HOH A O   1 
HETATM 1257 O  O   . HOH D 4 .   ? -14.422 -9.859  -8.026  1.00 23.97 ? 180 HOH A O   1 
HETATM 1258 O  O   . HOH D 4 .   ? -0.107  -8.302  15.711  1.00 9.70  ? 181 HOH A O   1 
HETATM 1259 O  O   . HOH D 4 .   ? -2.019  -11.019 4.154   1.00 15.49 ? 182 HOH A O   1 
HETATM 1260 O  O   . HOH D 4 .   ? 3.597   -14.476 6.495   1.00 19.10 ? 183 HOH A O   1 
HETATM 1261 O  O   . HOH D 4 .   ? 3.633   -16.766 0.395   1.00 22.74 ? 184 HOH A O   1 
HETATM 1262 O  O   . HOH D 4 .   ? -6.620  -12.124 -0.563  1.00 26.23 ? 185 HOH A O   1 
HETATM 1263 O  O   . HOH D 4 .   ? -15.180 9.385   -12.388 1.00 26.18 ? 186 HOH A O   1 
HETATM 1264 O  O   . HOH D 4 .   ? -3.017  -14.787 -15.835 1.00 38.73 ? 187 HOH A O   1 
HETATM 1265 O  O   . HOH D 4 .   ? 6.870   -8.439  -6.381  1.00 23.11 ? 188 HOH A O   1 
HETATM 1266 O  O   . HOH D 4 .   ? 8.256   7.191   -4.689  1.00 50.12 ? 189 HOH A O   1 
HETATM 1267 O  O   . HOH D 4 .   ? 6.287   16.700  8.819   1.00 31.10 ? 190 HOH A O   1 
HETATM 1268 O  O   . HOH D 4 .   ? -1.635  18.163  -7.310  1.00 26.32 ? 191 HOH A O   1 
HETATM 1269 O  O   . HOH D 4 .   ? -2.193  0.795   -18.534 1.00 27.22 ? 192 HOH A O   1 
HETATM 1270 O  O   . HOH D 4 .   ? -4.537  5.232   -16.528 1.00 24.78 ? 193 HOH A O   1 
HETATM 1271 O  O   . HOH D 4 .   ? -4.124  -7.444  6.019   1.00 38.02 ? 194 HOH A O   1 
HETATM 1272 O  O   . HOH D 4 .   ? -2.680  -8.915  8.832   1.00 26.08 ? 195 HOH A O   1 
HETATM 1273 O  O   . HOH D 4 .   ? 3.910   -8.969  14.306  1.00 20.23 ? 196 HOH A O   1 
HETATM 1274 O  O   . HOH D 4 .   ? -3.469  -8.695  4.210   1.00 19.17 ? 197 HOH A O   1 
HETATM 1275 O  O   . HOH D 4 .   ? 3.088   4.914   -6.842  1.00 20.36 ? 198 HOH A O   1 
HETATM 1276 O  O   . HOH D 4 .   ? -0.954  14.449  11.307  1.00 37.85 ? 200 HOH A O   1 
HETATM 1277 O  O   . HOH D 4 .   ? -4.972  11.001  -14.408 1.00 43.57 ? 202 HOH A O   1 
HETATM 1278 O  O   . HOH D 4 .   ? -3.859  22.880  -13.950 1.00 36.44 ? 203 HOH A O   1 
HETATM 1279 O  O   . HOH D 4 .   ? -10.426 3.013   -18.676 1.00 24.55 ? 206 HOH A O   1 
HETATM 1280 O  O   . HOH D 4 .   ? 9.262   7.042   5.203   1.00 29.31 ? 208 HOH A O   1 
HETATM 1281 O  O   . HOH D 4 .   ? -6.490  25.258  -13.087 1.00 40.04 ? 209 HOH A O   1 
HETATM 1282 O  O   . HOH D 4 .   ? -10.676 0.941   -16.007 1.00 36.30 ? 210 HOH A O   1 
HETATM 1283 O  O   . HOH D 4 .   ? -6.116  10.995  -10.801 1.00 30.73 ? 211 HOH A O   1 
HETATM 1284 O  O   . HOH D 4 .   ? -2.755  17.982  -0.642  1.00 31.06 ? 213 HOH A O   1 
HETATM 1285 O  O   . HOH D 4 .   ? -8.967  11.239  -4.228  1.00 43.89 ? 215 HOH A O   1 
HETATM 1286 O  O   . HOH D 4 .   ? -14.417 11.236  -9.311  1.00 29.44 ? 216 HOH A O   1 
HETATM 1287 O  O   . HOH D 4 .   ? 1.310   19.915  8.877   1.00 37.05 ? 217 HOH A O   1 
HETATM 1288 O  O   . HOH D 4 .   ? -8.425  13.572  -2.372  1.00 47.57 ? 218 HOH A O   1 
HETATM 1289 O  O   . HOH D 4 .   ? -17.346 4.028   -6.569  1.00 34.04 ? 221 HOH A O   1 
HETATM 1290 O  O   . HOH D 4 .   ? -8.964  -10.323 2.069   1.00 30.18 ? 222 HOH A O   1 
HETATM 1291 O  O   . HOH D 4 .   ? -14.237 -6.917  -4.622  1.00 20.20 ? 225 HOH A O   1 
HETATM 1292 O  O   . HOH D 4 .   ? -15.522 6.905   -2.776  1.00 53.77 ? 226 HOH A O   1 
HETATM 1293 O  O   . HOH D 4 .   ? 0.506   4.012   17.799  1.00 27.62 ? 228 HOH A O   1 
HETATM 1294 O  O   . HOH D 4 .   ? -16.622 -4.542  -2.920  1.00 36.80 ? 230 HOH A O   1 
HETATM 1295 O  O   . HOH D 4 .   ? -4.943  -8.957  12.249  1.00 33.33 ? 232 HOH A O   1 
HETATM 1296 O  O   . HOH D 4 .   ? -3.758  14.695  13.708  1.00 48.10 ? 234 HOH A O   1 
HETATM 1297 O  O   . HOH D 4 .   ? -16.826 -10.628 1.787   1.00 52.90 ? 238 HOH A O   1 
HETATM 1298 O  O   . HOH D 4 .   ? -12.980 0.883   7.576   1.00 30.40 ? 239 HOH A O   1 
HETATM 1299 O  O   . HOH D 4 .   ? -8.848  10.655  12.835  1.00 29.61 ? 242 HOH A O   1 
HETATM 1300 O  O   . HOH D 4 .   ? -1.122  15.214  18.699  1.00 35.21 ? 244 HOH A O   1 
HETATM 1301 O  O   . HOH D 4 .   ? 1.114   7.765   -14.073 1.00 41.11 ? 245 HOH A O   1 
HETATM 1302 O  O   . HOH D 4 .   ? -2.401  10.847  21.625  1.00 51.84 ? 246 HOH A O   1 
HETATM 1303 O  O   . HOH D 4 .   ? -2.668  1.749   20.082  1.00 30.70 ? 249 HOH A O   1 
HETATM 1304 O  O   . HOH D 4 .   ? -2.902  8.333   20.613  1.00 27.28 ? 251 HOH A O   1 
HETATM 1305 O  O   . HOH D 4 .   ? -4.964  9.781   18.620  1.00 34.98 ? 253 HOH A O   1 
HETATM 1306 O  O   . HOH D 4 .   ? 0.781   -14.846 25.694  1.00 25.13 ? 254 HOH A O   1 
HETATM 1307 O  O   . HOH D 4 .   ? -4.858  3.805   20.892  1.00 32.87 ? 255 HOH A O   1 
HETATM 1308 O  O   . HOH D 4 .   ? -19.800 -8.679  2.072   1.00 43.66 ? 256 HOH A O   1 
HETATM 1309 O  O   . HOH D 4 .   ? -7.233  11.886  19.006  1.00 36.03 ? 257 HOH A O   1 
HETATM 1310 O  O   . HOH D 4 .   ? -12.955 4.769   11.076  1.00 38.39 ? 258 HOH A O   1 
HETATM 1311 O  O   . HOH D 4 .   ? 14.909  -4.803  13.024  1.00 35.08 ? 260 HOH A O   1 
HETATM 1312 O  O   . HOH D 4 .   ? 34.910  -4.401  -2.125  1.00 34.90 ? 262 HOH A O   1 
HETATM 1313 O  O   . HOH D 4 .   ? 13.694  0.965   17.350  1.00 48.79 ? 265 HOH A O   1 
HETATM 1314 O  O   . HOH D 4 .   ? -1.123  24.012  2.166   1.00 26.73 ? 266 HOH A O   1 
HETATM 1315 O  O   . HOH D 4 .   ? 7.940   4.278   14.298  1.00 20.43 ? 267 HOH A O   1 
HETATM 1316 O  O   . HOH D 4 .   ? 8.058   -4.179  15.875  1.00 35.74 ? 268 HOH A O   1 
HETATM 1317 O  O   . HOH D 4 .   ? -5.732  15.265  -0.950  1.00 36.30 ? 269 HOH A O   1 
HETATM 1318 O  O   . HOH D 4 .   ? -15.397 7.438   -5.639  1.00 34.37 ? 271 HOH A O   1 
HETATM 1319 O  O   . HOH D 4 .   ? 5.900   18.308  -19.262 1.00 50.68 ? 272 HOH A O   1 
HETATM 1320 O  O   . HOH D 4 .   ? 11.603  -4.064  -14.042 1.00 32.44 ? 273 HOH A O   1 
HETATM 1321 O  O   . HOH D 4 .   ? -9.283  16.076  6.659   1.00 38.82 ? 276 HOH A O   1 
HETATM 1322 O  O   . HOH D 4 .   ? -13.357 -3.192  2.515   1.00 39.09 ? 277 HOH A O   1 
HETATM 1323 O  O   . HOH D 4 .   ? 3.645   -3.738  -15.397 1.00 29.06 ? 280 HOH A O   1 
HETATM 1324 O  O   . HOH D 4 .   ? -12.106 6.572   6.434   1.00 33.13 ? 281 HOH A O   1 
HETATM 1325 O  O   . HOH D 4 .   ? 15.752  -1.290  -2.672  1.00 44.74 ? 282 HOH A O   1 
HETATM 1326 O  O   . HOH D 4 .   ? 10.559  1.682   -3.229  1.00 49.76 ? 287 HOH A O   1 
HETATM 1327 O  O   . HOH D 4 .   ? 18.745  -13.785 9.639   1.00 49.58 ? 288 HOH A O   1 
HETATM 1328 O  O   . HOH D 4 .   ? 13.223  -15.137 5.238   1.00 42.04 ? 290 HOH A O   1 
HETATM 1329 O  O   . HOH D 4 .   ? 1.265   16.047  -9.962  1.00 43.91 ? 292 HOH A O   1 
HETATM 1330 O  O   . HOH D 4 .   ? 11.534  5.626   2.323   1.00 49.28 ? 293 HOH A O   1 
HETATM 1331 O  O   . HOH D 4 .   ? -11.384 -0.385  -4.319  1.00 23.11 ? 295 HOH A O   1 
HETATM 1332 O  O   . HOH D 4 .   ? 1.832   22.300  -4.813  1.00 26.17 ? 296 HOH A O   1 
HETATM 1333 O  O   . HOH D 4 .   ? 5.021   19.465  8.024   1.00 20.69 ? 297 HOH A O   1 
HETATM 1334 O  O   . HOH D 4 .   ? -18.884 4.177   -9.210  1.00 26.25 ? 300 HOH A O   1 
HETATM 1335 O  O   . HOH D 4 .   ? -8.438  -4.791  5.870   1.00 27.75 ? 305 HOH A O   1 
HETATM 1336 O  O   . HOH D 4 .   ? 8.023   -15.710 -1.624  1.00 27.42 ? 307 HOH A O   1 
HETATM 1337 O  O   . HOH D 4 .   ? 3.166   19.458  -6.445  1.00 33.70 ? 308 HOH A O   1 
HETATM 1338 O  O   . HOH D 4 .   ? 5.156   -11.654 11.295  1.00 34.92 ? 310 HOH A O   1 
HETATM 1339 O  O   . HOH D 4 .   ? -8.256  -12.129 -18.112 1.00 26.62 ? 311 HOH A O   1 
HETATM 1340 O  O   . HOH D 4 .   ? 2.216   11.434  16.589  1.00 28.48 ? 312 HOH A O   1 
HETATM 1341 O  O   . HOH D 4 .   ? -14.642 0.744   -15.398 1.00 31.97 ? 313 HOH A O   1 
HETATM 1342 O  O   . HOH D 4 .   ? -6.818  14.199  -9.641  1.00 31.62 ? 315 HOH A O   1 
HETATM 1343 O  O   . HOH D 4 .   ? 9.184   15.771  6.503   1.00 29.67 ? 316 HOH A O   1 
HETATM 1344 O  O   . HOH D 4 .   ? 6.560   -6.921  14.749  1.00 39.13 ? 317 HOH A O   1 
HETATM 1345 O  O   . HOH D 4 .   ? 8.593   -4.586  -6.658  1.00 22.45 ? 318 HOH A O   1 
HETATM 1346 O  O   . HOH D 4 .   ? 8.324   1.215   -4.506  1.00 37.61 ? 319 HOH A O   1 
HETATM 1347 O  O   . HOH D 4 .   ? 2.759   -5.041  -17.301 1.00 30.81 ? 321 HOH A O   1 
HETATM 1348 O  O   . HOH D 4 .   ? 8.850   -0.629  -6.356  1.00 25.75 ? 323 HOH A O   1 
HETATM 1349 O  O   . HOH D 4 .   ? -1.351  -16.186 -11.352 1.00 31.86 ? 324 HOH A O   1 
HETATM 1350 O  O   . HOH D 4 .   ? -15.243 5.026   -7.093  1.00 34.32 ? 327 HOH A O   1 
HETATM 1351 O  O   . HOH D 4 .   ? 4.063   -17.320 4.847   1.00 28.35 ? 328 HOH A O   1 
HETATM 1352 O  O   . HOH D 4 .   ? -4.229  10.834  15.018  1.00 47.57 ? 329 HOH A O   1 
HETATM 1353 O  O   . HOH D 4 .   ? 11.466  12.800  -0.329  1.00 46.37 ? 330 HOH A O   1 
HETATM 1354 O  O   . HOH D 4 .   ? -4.659  -12.950 4.002   1.00 38.71 ? 332 HOH A O   1 
HETATM 1355 O  O   . HOH D 4 .   ? 10.610  2.843   16.906  1.00 46.02 ? 334 HOH A O   1 
HETATM 1356 O  O   . HOH D 4 .   ? 2.510   5.894   -13.297 1.00 46.77 ? 336 HOH A O   1 
HETATM 1357 O  O   . HOH D 4 .   ? -12.944 -1.324  -12.772 1.00 20.99 ? 337 HOH A O   1 
HETATM 1358 O  O   . HOH D 4 .   ? -10.441 -8.329  3.351   1.00 49.23 ? 339 HOH A O   1 
HETATM 1359 O  O   . HOH D 4 .   ? -5.627  -14.834 -17.587 1.00 40.52 ? 342 HOH A O   1 
HETATM 1360 O  O   . HOH D 4 .   ? -0.440  -16.811 -15.196 1.00 44.11 ? 345 HOH A O   1 
HETATM 1361 O  O   . HOH D 4 .   ? 10.640  6.933   -3.851  1.00 29.82 ? 346 HOH A O   1 
HETATM 1362 O  O   . HOH D 4 .   ? -2.269  -8.126  -17.824 1.00 26.54 ? 347 HOH A O   1 
HETATM 1363 O  O   . HOH D 4 .   ? 8.683   -7.171  -8.180  1.00 28.47 ? 348 HOH A O   1 
HETATM 1364 O  O   . HOH D 4 .   ? -6.078  7.585   19.944  1.00 36.54 ? 350 HOH A O   1 
HETATM 1365 O  O   . HOH D 4 .   ? -6.806  4.991   -22.854 1.00 34.45 ? 354 HOH A O   1 
HETATM 1366 O  O   . HOH D 4 .   ? 6.335   -5.927  -14.016 1.00 36.93 ? 360 HOH A O   1 
HETATM 1367 O  O   . HOH D 4 .   ? 0.998   -14.022 6.960   1.00 47.25 ? 362 HOH A O   1 
HETATM 1368 O  O   . HOH D 4 .   ? -10.712 -10.882 0.269   1.00 32.20 ? 363 HOH A O   1 
HETATM 1369 O  O   . HOH D 4 .   ? -13.183 -1.953  -1.000  1.00 27.33 ? 365 HOH A O   1 
HETATM 1370 O  O   . HOH D 4 .   ? -15.986 -1.997  -1.908  1.00 38.07 ? 366 HOH A O   1 
HETATM 1371 O  O   . HOH D 4 .   ? -20.120 0.654   -9.469  1.00 37.30 ? 367 HOH A O   1 
HETATM 1372 O  O   . HOH D 4 .   ? 11.966  9.425   4.976   1.00 39.63 ? 376 HOH A O   1 
HETATM 1373 O  O   . HOH D 4 .   ? 5.322   -16.812 2.611   1.00 37.12 ? 378 HOH A O   1 
HETATM 1374 O  O   . HOH D 4 .   ? 9.361   -9.173  -4.856  1.00 22.32 ? 379 HOH A O   1 
HETATM 1375 O  O   . HOH D 4 .   ? 9.799   2.384   -7.314  1.00 57.07 ? 380 HOH A O   1 
HETATM 1376 O  O   . HOH D 4 .   ? 6.244   17.329  -4.952  1.00 38.05 ? 382 HOH A O   1 
HETATM 1377 O  O   . HOH D 4 .   ? -4.293  18.414  5.429   1.00 24.03 ? 384 HOH A O   1 
HETATM 1378 O  O   . HOH D 4 .   ? 13.057  -6.778  17.215  1.00 44.94 ? 390 HOH A O   1 
HETATM 1379 O  O   . HOH D 4 .   ? 14.043  -4.762  16.065  1.00 40.66 ? 391 HOH A O   1 
HETATM 1380 O  O   . HOH D 4 .   ? 8.855   -6.064  19.295  1.00 44.22 ? 393 HOH A O   1 
HETATM 1381 O  O   . HOH D 4 .   ? 13.629  -9.537  7.373   1.00 43.68 ? 395 HOH A O   1 
HETATM 1382 O  O   . HOH D 4 .   ? -9.283  -12.101 -1.341  1.00 22.97 ? 397 HOH A O   1 
HETATM 1383 O  O   . HOH D 4 .   ? -10.915 -10.482 -2.970  1.00 34.12 ? 398 HOH A O   1 
HETATM 1384 O  O   . HOH D 4 .   ? -13.272 -9.629  -3.154  1.00 50.88 ? 399 HOH A O   1 
HETATM 1385 O  O   . HOH D 4 .   ? -16.958 -9.410  -7.821  1.00 53.06 ? 403 HOH A O   1 
HETATM 1386 O  O   . HOH D 4 .   ? 1.311   -8.216  17.912  1.00 36.92 ? 410 HOH A O   1 
HETATM 1387 O  O   . HOH D 4 .   ? 4.226   1.989   4.658   0.30 10.61 ? 411 HOH A O   1 
HETATM 1388 O  O   . HOH D 4 .   ? 2.328   3.030   5.043   0.30 17.33 ? 412 HOH A O   1 
# 
